data_4DKS
# 
_entry.id   4DKS 
# 
_audit_conform.dict_name       mmcif_pdbx.dic 
_audit_conform.dict_version    5.398 
_audit_conform.dict_location   http://mmcif.pdb.org/dictionaries/ascii/mmcif_pdbx.dic 
# 
loop_
_database_2.database_id 
_database_2.database_code 
_database_2.pdbx_database_accession 
_database_2.pdbx_DOI 
PDB   4DKS         pdb_00004dks 10.2210/pdb4dks/pdb 
RCSB  RCSB070453   ?            ?                   
WWPDB D_1000070453 ?            ?                   
# 
loop_
_pdbx_audit_revision_history.ordinal 
_pdbx_audit_revision_history.data_content_type 
_pdbx_audit_revision_history.major_revision 
_pdbx_audit_revision_history.minor_revision 
_pdbx_audit_revision_history.revision_date 
1 'Structure model' 1 0 2012-05-30 
2 'Structure model' 1 1 2020-01-01 
3 'Structure model' 1 2 2024-10-30 
# 
_pdbx_audit_revision_details.ordinal             1 
_pdbx_audit_revision_details.revision_ordinal    1 
_pdbx_audit_revision_details.data_content_type   'Structure model' 
_pdbx_audit_revision_details.provider            repository 
_pdbx_audit_revision_details.type                'Initial release' 
_pdbx_audit_revision_details.description         ? 
_pdbx_audit_revision_details.details             ? 
# 
loop_
_pdbx_audit_revision_group.ordinal 
_pdbx_audit_revision_group.revision_ordinal 
_pdbx_audit_revision_group.data_content_type 
_pdbx_audit_revision_group.group 
1 2 'Structure model' 'Database references'  
2 2 'Structure model' 'Derived calculations' 
3 3 'Structure model' 'Data collection'      
4 3 'Structure model' 'Database references'  
5 3 'Structure model' 'Structure summary'    
# 
loop_
_pdbx_audit_revision_category.ordinal 
_pdbx_audit_revision_category.revision_ordinal 
_pdbx_audit_revision_category.data_content_type 
_pdbx_audit_revision_category.category 
1 2 'Structure model' citation                     
2 2 'Structure model' citation_author              
3 2 'Structure model' pdbx_struct_special_symmetry 
4 3 'Structure model' chem_comp_atom               
5 3 'Structure model' chem_comp_bond               
6 3 'Structure model' database_2                   
7 3 'Structure model' pdbx_entry_details           
8 3 'Structure model' pdbx_modification_feature    
# 
loop_
_pdbx_audit_revision_item.ordinal 
_pdbx_audit_revision_item.revision_ordinal 
_pdbx_audit_revision_item.data_content_type 
_pdbx_audit_revision_item.item 
1 2 'Structure model' '_citation.country'                            
2 2 'Structure model' '_citation.journal_id_CSD'                     
3 2 'Structure model' '_citation.journal_id_ISSN'                    
4 2 'Structure model' '_citation.pdbx_database_id_PubMed'            
5 2 'Structure model' '_citation.title'                              
6 2 'Structure model' '_citation_author.name'                        
7 3 'Structure model' '_database_2.pdbx_DOI'                         
8 3 'Structure model' '_database_2.pdbx_database_accession'          
9 3 'Structure model' '_pdbx_entry_details.has_protein_modification' 
# 
_pdbx_database_status.status_code                     REL 
_pdbx_database_status.entry_id                        4DKS 
_pdbx_database_status.recvd_initial_deposition_date   2012-02-04 
_pdbx_database_status.deposit_site                    RCSB 
_pdbx_database_status.process_site                    PDBJ 
_pdbx_database_status.methods_development_category    ? 
_pdbx_database_status.status_code_sf                  REL 
_pdbx_database_status.status_code_mr                  ? 
_pdbx_database_status.SG_entry                        ? 
_pdbx_database_status.status_code_cs                  ? 
_pdbx_database_status.pdb_format_compatible           Y 
_pdbx_database_status.status_code_nmr_data            ? 
# 
_pdbx_database_related.db_name        PDB 
_pdbx_database_related.db_id          3VCF 
_pdbx_database_related.details        re-cloned 
_pdbx_database_related.content_type   unspecified 
# 
loop_
_audit_author.name 
_audit_author.pdbx_ordinal 
'Ouyang, S.' 1 
'Liang, W.'  2 
'Huang, L.'  3 
'Liu, Z.-J.' 4 
# 
_citation.id                        primary 
_citation.title                     
'Structural and functional characterization of the C-terminal catalytic domain of SSV1 integrase.' 
_citation.journal_abbrev            'Acta Crystallogr.,Sect.D' 
_citation.journal_volume            68 
_citation.page_first                659 
_citation.page_last                 670 
_citation.year                      2012 
_citation.journal_id_ASTM           ABCRE6 
_citation.country                   US 
_citation.journal_id_ISSN           1399-0047 
_citation.journal_id_CSD            ? 
_citation.book_publisher            ? 
_citation.pdbx_database_id_PubMed   22683788 
_citation.pdbx_database_id_DOI      10.1107/S0907444912007202 
# 
loop_
_citation_author.citation_id 
_citation_author.name 
_citation_author.ordinal 
_citation_author.identifier_ORCID 
primary 'Zhan, Z.'   1 ? 
primary 'Ouyang, S.' 2 ? 
primary 'Liang, W.'  3 ? 
primary 'Zhang, Z.'  4 ? 
primary 'Liu, Z.J.'  5 ? 
primary 'Huang, L.'  6 ? 
# 
loop_
_entity.id 
_entity.type 
_entity.src_method 
_entity.pdbx_description 
_entity.formula_weight 
_entity.pdbx_number_of_molecules 
_entity.pdbx_ec 
_entity.pdbx_mutation 
_entity.pdbx_fragment 
_entity.details 
1 polymer man 'Probable integrase' 19122.312 1  ? ? ? ? 
2 water   nat water                18.015    67 ? ? ? ? 
# 
_entity_poly.entity_id                      1 
_entity_poly.type                           'polypeptide(L)' 
_entity_poly.nstd_linkage                   no 
_entity_poly.nstd_monomer                   no 
_entity_poly.pdbx_seq_one_letter_code       
;ADIYIPTLEEIKRTLQLAKDYSENVYFIYRIALESGVRLSEILKVLKEPERDICGNDVCYYPLSWTRGYKGVFYVFHITP
LKRVEVTKWAIADFERRHKDAIAIKYFRKFVASKMAELSVPLDIIDFIQGRKPTRVLTQHYVSLFGIAKEQYKKYAEWLK
GV
;
_entity_poly.pdbx_seq_one_letter_code_can   
;ADIYIPTLEEIKRTLQLAKDYSENVYFIYRIALESGVRLSEILKVLKEPERDICGNDVCYYPLSWTRGYKGVFYVFHITP
LKRVEVTKWAIADFERRHKDAIAIKYFRKFVASKMAELSVPLDIIDFIQGRKPTRVLTQHYVSLFGIAKEQYKKYAEWLK
GV
;
_entity_poly.pdbx_strand_id                 A 
_entity_poly.pdbx_target_identifier         ? 
# 
_pdbx_entity_nonpoly.entity_id   2 
_pdbx_entity_nonpoly.name        water 
_pdbx_entity_nonpoly.comp_id     HOH 
# 
loop_
_entity_poly_seq.entity_id 
_entity_poly_seq.num 
_entity_poly_seq.mon_id 
_entity_poly_seq.hetero 
1 1   ALA n 
1 2   ASP n 
1 3   ILE n 
1 4   TYR n 
1 5   ILE n 
1 6   PRO n 
1 7   THR n 
1 8   LEU n 
1 9   GLU n 
1 10  GLU n 
1 11  ILE n 
1 12  LYS n 
1 13  ARG n 
1 14  THR n 
1 15  LEU n 
1 16  GLN n 
1 17  LEU n 
1 18  ALA n 
1 19  LYS n 
1 20  ASP n 
1 21  TYR n 
1 22  SER n 
1 23  GLU n 
1 24  ASN n 
1 25  VAL n 
1 26  TYR n 
1 27  PHE n 
1 28  ILE n 
1 29  TYR n 
1 30  ARG n 
1 31  ILE n 
1 32  ALA n 
1 33  LEU n 
1 34  GLU n 
1 35  SER n 
1 36  GLY n 
1 37  VAL n 
1 38  ARG n 
1 39  LEU n 
1 40  SER n 
1 41  GLU n 
1 42  ILE n 
1 43  LEU n 
1 44  LYS n 
1 45  VAL n 
1 46  LEU n 
1 47  LYS n 
1 48  GLU n 
1 49  PRO n 
1 50  GLU n 
1 51  ARG n 
1 52  ASP n 
1 53  ILE n 
1 54  CYS n 
1 55  GLY n 
1 56  ASN n 
1 57  ASP n 
1 58  VAL n 
1 59  CYS n 
1 60  TYR n 
1 61  TYR n 
1 62  PRO n 
1 63  LEU n 
1 64  SER n 
1 65  TRP n 
1 66  THR n 
1 67  ARG n 
1 68  GLY n 
1 69  TYR n 
1 70  LYS n 
1 71  GLY n 
1 72  VAL n 
1 73  PHE n 
1 74  TYR n 
1 75  VAL n 
1 76  PHE n 
1 77  HIS n 
1 78  ILE n 
1 79  THR n 
1 80  PRO n 
1 81  LEU n 
1 82  LYS n 
1 83  ARG n 
1 84  VAL n 
1 85  GLU n 
1 86  VAL n 
1 87  THR n 
1 88  LYS n 
1 89  TRP n 
1 90  ALA n 
1 91  ILE n 
1 92  ALA n 
1 93  ASP n 
1 94  PHE n 
1 95  GLU n 
1 96  ARG n 
1 97  ARG n 
1 98  HIS n 
1 99  LYS n 
1 100 ASP n 
1 101 ALA n 
1 102 ILE n 
1 103 ALA n 
1 104 ILE n 
1 105 LYS n 
1 106 TYR n 
1 107 PHE n 
1 108 ARG n 
1 109 LYS n 
1 110 PHE n 
1 111 VAL n 
1 112 ALA n 
1 113 SER n 
1 114 LYS n 
1 115 MET n 
1 116 ALA n 
1 117 GLU n 
1 118 LEU n 
1 119 SER n 
1 120 VAL n 
1 121 PRO n 
1 122 LEU n 
1 123 ASP n 
1 124 ILE n 
1 125 ILE n 
1 126 ASP n 
1 127 PHE n 
1 128 ILE n 
1 129 GLN n 
1 130 GLY n 
1 131 ARG n 
1 132 LYS n 
1 133 PRO n 
1 134 THR n 
1 135 ARG n 
1 136 VAL n 
1 137 LEU n 
1 138 THR n 
1 139 GLN n 
1 140 HIS n 
1 141 TYR n 
1 142 VAL n 
1 143 SER n 
1 144 LEU n 
1 145 PHE n 
1 146 GLY n 
1 147 ILE n 
1 148 ALA n 
1 149 LYS n 
1 150 GLU n 
1 151 GLN n 
1 152 TYR n 
1 153 LYS n 
1 154 LYS n 
1 155 TYR n 
1 156 ALA n 
1 157 GLU n 
1 158 TRP n 
1 159 LEU n 
1 160 LYS n 
1 161 GLY n 
1 162 VAL n 
# 
_entity_src_gen.entity_id                          1 
_entity_src_gen.pdbx_src_id                        1 
_entity_src_gen.pdbx_alt_source_flag               sample 
_entity_src_gen.pdbx_seq_type                      ? 
_entity_src_gen.pdbx_beg_seq_num                   ? 
_entity_src_gen.pdbx_end_seq_num                   ? 
_entity_src_gen.gene_src_common_name               ? 
_entity_src_gen.gene_src_genus                     ? 
_entity_src_gen.pdbx_gene_src_gene                 d335 
_entity_src_gen.gene_src_species                   ? 
_entity_src_gen.gene_src_strain                    ? 
_entity_src_gen.gene_src_tissue                    ? 
_entity_src_gen.gene_src_tissue_fraction           ? 
_entity_src_gen.gene_src_details                   ? 
_entity_src_gen.pdbx_gene_src_fragment             ? 
_entity_src_gen.pdbx_gene_src_scientific_name      'Sulfolobus virus 1' 
_entity_src_gen.pdbx_gene_src_ncbi_taxonomy_id     244589 
_entity_src_gen.pdbx_gene_src_variant              ? 
_entity_src_gen.pdbx_gene_src_cell_line            ? 
_entity_src_gen.pdbx_gene_src_atcc                 ? 
_entity_src_gen.pdbx_gene_src_organ                ? 
_entity_src_gen.pdbx_gene_src_organelle            ? 
_entity_src_gen.pdbx_gene_src_cell                 ? 
_entity_src_gen.pdbx_gene_src_cellular_location    ? 
_entity_src_gen.host_org_common_name               ? 
_entity_src_gen.pdbx_host_org_scientific_name      'Escherichia coli' 
_entity_src_gen.pdbx_host_org_ncbi_taxonomy_id     562 
_entity_src_gen.host_org_genus                     ? 
_entity_src_gen.pdbx_host_org_gene                 ? 
_entity_src_gen.pdbx_host_org_organ                ? 
_entity_src_gen.host_org_species                   ? 
_entity_src_gen.pdbx_host_org_tissue               ? 
_entity_src_gen.pdbx_host_org_tissue_fraction      ? 
_entity_src_gen.pdbx_host_org_strain               'BL21(DE3)' 
_entity_src_gen.pdbx_host_org_variant              ? 
_entity_src_gen.pdbx_host_org_cell_line            ? 
_entity_src_gen.pdbx_host_org_atcc                 ? 
_entity_src_gen.pdbx_host_org_culture_collection   ? 
_entity_src_gen.pdbx_host_org_cell                 ? 
_entity_src_gen.pdbx_host_org_organelle            ? 
_entity_src_gen.pdbx_host_org_cellular_location    ? 
_entity_src_gen.pdbx_host_org_vector_type          plasmid 
_entity_src_gen.pdbx_host_org_vector               ? 
_entity_src_gen.host_org_details                   ? 
_entity_src_gen.expression_system_id               ? 
_entity_src_gen.plasmid_name                       'pET30a(+)' 
_entity_src_gen.plasmid_details                    ? 
_entity_src_gen.pdbx_description                   ? 
# 
loop_
_chem_comp.id 
_chem_comp.type 
_chem_comp.mon_nstd_flag 
_chem_comp.name 
_chem_comp.pdbx_synonyms 
_chem_comp.formula 
_chem_comp.formula_weight 
ALA 'L-peptide linking' y ALANINE         ? 'C3 H7 N O2'     89.093  
ARG 'L-peptide linking' y ARGININE        ? 'C6 H15 N4 O2 1' 175.209 
ASN 'L-peptide linking' y ASPARAGINE      ? 'C4 H8 N2 O3'    132.118 
ASP 'L-peptide linking' y 'ASPARTIC ACID' ? 'C4 H7 N O4'     133.103 
CYS 'L-peptide linking' y CYSTEINE        ? 'C3 H7 N O2 S'   121.158 
GLN 'L-peptide linking' y GLUTAMINE       ? 'C5 H10 N2 O3'   146.144 
GLU 'L-peptide linking' y 'GLUTAMIC ACID' ? 'C5 H9 N O4'     147.129 
GLY 'peptide linking'   y GLYCINE         ? 'C2 H5 N O2'     75.067  
HIS 'L-peptide linking' y HISTIDINE       ? 'C6 H10 N3 O2 1' 156.162 
HOH non-polymer         . WATER           ? 'H2 O'           18.015  
ILE 'L-peptide linking' y ISOLEUCINE      ? 'C6 H13 N O2'    131.173 
LEU 'L-peptide linking' y LEUCINE         ? 'C6 H13 N O2'    131.173 
LYS 'L-peptide linking' y LYSINE          ? 'C6 H15 N2 O2 1' 147.195 
MET 'L-peptide linking' y METHIONINE      ? 'C5 H11 N O2 S'  149.211 
PHE 'L-peptide linking' y PHENYLALANINE   ? 'C9 H11 N O2'    165.189 
PRO 'L-peptide linking' y PROLINE         ? 'C5 H9 N O2'     115.130 
SER 'L-peptide linking' y SERINE          ? 'C3 H7 N O3'     105.093 
THR 'L-peptide linking' y THREONINE       ? 'C4 H9 N O3'     119.119 
TRP 'L-peptide linking' y TRYPTOPHAN      ? 'C11 H12 N2 O2'  204.225 
TYR 'L-peptide linking' y TYROSINE        ? 'C9 H11 N O3'    181.189 
VAL 'L-peptide linking' y VALINE          ? 'C5 H11 N O2'    117.146 
# 
loop_
_pdbx_poly_seq_scheme.asym_id 
_pdbx_poly_seq_scheme.entity_id 
_pdbx_poly_seq_scheme.seq_id 
_pdbx_poly_seq_scheme.mon_id 
_pdbx_poly_seq_scheme.ndb_seq_num 
_pdbx_poly_seq_scheme.pdb_seq_num 
_pdbx_poly_seq_scheme.auth_seq_num 
_pdbx_poly_seq_scheme.pdb_mon_id 
_pdbx_poly_seq_scheme.auth_mon_id 
_pdbx_poly_seq_scheme.pdb_strand_id 
_pdbx_poly_seq_scheme.pdb_ins_code 
_pdbx_poly_seq_scheme.hetero 
A 1 1   ALA 1   174 174 ALA ALA A . n 
A 1 2   ASP 2   175 175 ASP ASP A . n 
A 1 3   ILE 3   176 176 ILE ILE A . n 
A 1 4   TYR 4   177 177 TYR TYR A . n 
A 1 5   ILE 5   178 178 ILE ILE A . n 
A 1 6   PRO 6   179 179 PRO PRO A . n 
A 1 7   THR 7   180 180 THR THR A . n 
A 1 8   LEU 8   181 181 LEU LEU A . n 
A 1 9   GLU 9   182 182 GLU GLU A . n 
A 1 10  GLU 10  183 183 GLU GLU A . n 
A 1 11  ILE 11  184 184 ILE ILE A . n 
A 1 12  LYS 12  185 185 LYS LYS A . n 
A 1 13  ARG 13  186 186 ARG ARG A . n 
A 1 14  THR 14  187 187 THR THR A . n 
A 1 15  LEU 15  188 188 LEU LEU A . n 
A 1 16  GLN 16  189 189 GLN GLN A . n 
A 1 17  LEU 17  190 190 LEU LEU A . n 
A 1 18  ALA 18  191 191 ALA ALA A . n 
A 1 19  LYS 19  192 192 LYS LYS A . n 
A 1 20  ASP 20  193 193 ASP ASP A . n 
A 1 21  TYR 21  194 194 TYR TYR A . n 
A 1 22  SER 22  195 195 SER SER A . n 
A 1 23  GLU 23  196 196 GLU GLU A . n 
A 1 24  ASN 24  197 197 ASN ASN A . n 
A 1 25  VAL 25  198 198 VAL VAL A . n 
A 1 26  TYR 26  199 199 TYR TYR A . n 
A 1 27  PHE 27  200 200 PHE PHE A . n 
A 1 28  ILE 28  201 201 ILE ILE A . n 
A 1 29  TYR 29  202 202 TYR TYR A . n 
A 1 30  ARG 30  203 203 ARG ARG A . n 
A 1 31  ILE 31  204 204 ILE ILE A . n 
A 1 32  ALA 32  205 205 ALA ALA A . n 
A 1 33  LEU 33  206 206 LEU LEU A . n 
A 1 34  GLU 34  207 207 GLU GLU A . n 
A 1 35  SER 35  208 208 SER SER A . n 
A 1 36  GLY 36  209 209 GLY GLY A . n 
A 1 37  VAL 37  210 210 VAL VAL A . n 
A 1 38  ARG 38  211 211 ARG ARG A . n 
A 1 39  LEU 39  212 212 LEU LEU A . n 
A 1 40  SER 40  213 213 SER SER A . n 
A 1 41  GLU 41  214 214 GLU GLU A . n 
A 1 42  ILE 42  215 215 ILE ILE A . n 
A 1 43  LEU 43  216 216 LEU LEU A . n 
A 1 44  LYS 44  217 217 LYS LYS A . n 
A 1 45  VAL 45  218 218 VAL VAL A . n 
A 1 46  LEU 46  219 219 LEU LEU A . n 
A 1 47  LYS 47  220 220 LYS LYS A . n 
A 1 48  GLU 48  221 221 GLU GLU A . n 
A 1 49  PRO 49  222 222 PRO PRO A . n 
A 1 50  GLU 50  223 223 GLU GLU A . n 
A 1 51  ARG 51  224 224 ARG ARG A . n 
A 1 52  ASP 52  225 225 ASP ASP A . n 
A 1 53  ILE 53  226 226 ILE ILE A . n 
A 1 54  CYS 54  227 227 CYS CYS A . n 
A 1 55  GLY 55  228 228 GLY GLY A . n 
A 1 56  ASN 56  229 229 ASN ASN A . n 
A 1 57  ASP 57  230 230 ASP ASP A . n 
A 1 58  VAL 58  231 231 VAL VAL A . n 
A 1 59  CYS 59  232 232 CYS CYS A . n 
A 1 60  TYR 60  233 233 TYR TYR A . n 
A 1 61  TYR 61  234 234 TYR TYR A . n 
A 1 62  PRO 62  235 235 PRO PRO A . n 
A 1 63  LEU 63  236 236 LEU LEU A . n 
A 1 64  SER 64  237 237 SER SER A . n 
A 1 65  TRP 65  238 ?   ?   ?   A . n 
A 1 66  THR 66  239 ?   ?   ?   A . n 
A 1 67  ARG 67  240 ?   ?   ?   A . n 
A 1 68  GLY 68  241 ?   ?   ?   A . n 
A 1 69  TYR 69  242 ?   ?   ?   A . n 
A 1 70  LYS 70  243 ?   ?   ?   A . n 
A 1 71  GLY 71  244 244 GLY GLY A . n 
A 1 72  VAL 72  245 245 VAL VAL A . n 
A 1 73  PHE 73  246 246 PHE PHE A . n 
A 1 74  TYR 74  247 247 TYR TYR A . n 
A 1 75  VAL 75  248 248 VAL VAL A . n 
A 1 76  PHE 76  249 249 PHE PHE A . n 
A 1 77  HIS 77  250 250 HIS HIS A . n 
A 1 78  ILE 78  251 251 ILE ILE A . n 
A 1 79  THR 79  252 252 THR THR A . n 
A 1 80  PRO 80  253 253 PRO PRO A . n 
A 1 81  LEU 81  254 254 LEU LEU A . n 
A 1 82  LYS 82  255 255 LYS LYS A . n 
A 1 83  ARG 83  256 256 ARG ARG A . n 
A 1 84  VAL 84  257 257 VAL VAL A . n 
A 1 85  GLU 85  258 258 GLU GLU A . n 
A 1 86  VAL 86  259 259 VAL VAL A . n 
A 1 87  THR 87  260 260 THR THR A . n 
A 1 88  LYS 88  261 261 LYS LYS A . n 
A 1 89  TRP 89  262 262 TRP TRP A . n 
A 1 90  ALA 90  263 263 ALA ALA A . n 
A 1 91  ILE 91  264 264 ILE ILE A . n 
A 1 92  ALA 92  265 265 ALA ALA A . n 
A 1 93  ASP 93  266 266 ASP ASP A . n 
A 1 94  PHE 94  267 267 PHE PHE A . n 
A 1 95  GLU 95  268 268 GLU GLU A . n 
A 1 96  ARG 96  269 269 ARG ARG A . n 
A 1 97  ARG 97  270 270 ARG ARG A . n 
A 1 98  HIS 98  271 271 HIS HIS A . n 
A 1 99  LYS 99  272 ?   ?   ?   A . n 
A 1 100 ASP 100 273 ?   ?   ?   A . n 
A 1 101 ALA 101 274 274 ALA ALA A . n 
A 1 102 ILE 102 275 275 ILE ILE A . n 
A 1 103 ALA 103 276 276 ALA ALA A . n 
A 1 104 ILE 104 277 277 ILE ILE A . n 
A 1 105 LYS 105 278 278 LYS LYS A . n 
A 1 106 TYR 106 279 279 TYR TYR A . n 
A 1 107 PHE 107 280 280 PHE PHE A . n 
A 1 108 ARG 108 281 281 ARG ARG A . n 
A 1 109 LYS 109 282 282 LYS LYS A . n 
A 1 110 PHE 110 283 283 PHE PHE A . n 
A 1 111 VAL 111 284 284 VAL VAL A . n 
A 1 112 ALA 112 285 285 ALA ALA A . n 
A 1 113 SER 113 286 286 SER SER A . n 
A 1 114 LYS 114 287 287 LYS LYS A . n 
A 1 115 MET 115 288 288 MET MET A . n 
A 1 116 ALA 116 289 289 ALA ALA A . n 
A 1 117 GLU 117 290 290 GLU GLU A . n 
A 1 118 LEU 118 291 291 LEU LEU A . n 
A 1 119 SER 119 292 292 SER SER A . n 
A 1 120 VAL 120 293 293 VAL VAL A . n 
A 1 121 PRO 121 294 294 PRO PRO A . n 
A 1 122 LEU 122 295 295 LEU LEU A . n 
A 1 123 ASP 123 296 296 ASP ASP A . n 
A 1 124 ILE 124 297 297 ILE ILE A . n 
A 1 125 ILE 125 298 298 ILE ILE A . n 
A 1 126 ASP 126 299 299 ASP ASP A . n 
A 1 127 PHE 127 300 300 PHE PHE A . n 
A 1 128 ILE 128 301 301 ILE ILE A . n 
A 1 129 GLN 129 302 302 GLN GLN A . n 
A 1 130 GLY 130 303 303 GLY GLY A . n 
A 1 131 ARG 131 304 304 ARG ARG A . n 
A 1 132 LYS 132 305 305 LYS LYS A . n 
A 1 133 PRO 133 306 306 PRO PRO A . n 
A 1 134 THR 134 307 ?   ?   ?   A . n 
A 1 135 ARG 135 308 ?   ?   ?   A . n 
A 1 136 VAL 136 309 ?   ?   ?   A . n 
A 1 137 LEU 137 310 ?   ?   ?   A . n 
A 1 138 THR 138 311 ?   ?   ?   A . n 
A 1 139 GLN 139 312 ?   ?   ?   A . n 
A 1 140 HIS 140 313 ?   ?   ?   A . n 
A 1 141 TYR 141 314 ?   ?   ?   A . n 
A 1 142 VAL 142 315 315 VAL VAL A . n 
A 1 143 SER 143 316 316 SER SER A . n 
A 1 144 LEU 144 317 317 LEU LEU A . n 
A 1 145 PHE 145 318 318 PHE PHE A . n 
A 1 146 GLY 146 319 319 GLY GLY A . n 
A 1 147 ILE 147 320 320 ILE ILE A . n 
A 1 148 ALA 148 321 321 ALA ALA A . n 
A 1 149 LYS 149 322 322 LYS LYS A . n 
A 1 150 GLU 150 323 323 GLU GLU A . n 
A 1 151 GLN 151 324 324 GLN GLN A . n 
A 1 152 TYR 152 325 325 TYR TYR A . n 
A 1 153 LYS 153 326 326 LYS LYS A . n 
A 1 154 LYS 154 327 327 LYS LYS A . n 
A 1 155 TYR 155 328 328 TYR TYR A . n 
A 1 156 ALA 156 329 329 ALA ALA A . n 
A 1 157 GLU 157 330 330 GLU GLU A . n 
A 1 158 TRP 158 331 331 TRP TRP A . n 
A 1 159 LEU 159 332 332 LEU LEU A . n 
A 1 160 LYS 160 333 333 LYS LYS A . n 
A 1 161 GLY 161 334 334 GLY GLY A . n 
A 1 162 VAL 162 335 ?   ?   ?   A . n 
# 
loop_
_pdbx_nonpoly_scheme.asym_id 
_pdbx_nonpoly_scheme.entity_id 
_pdbx_nonpoly_scheme.mon_id 
_pdbx_nonpoly_scheme.ndb_seq_num 
_pdbx_nonpoly_scheme.pdb_seq_num 
_pdbx_nonpoly_scheme.auth_seq_num 
_pdbx_nonpoly_scheme.pdb_mon_id 
_pdbx_nonpoly_scheme.auth_mon_id 
_pdbx_nonpoly_scheme.pdb_strand_id 
_pdbx_nonpoly_scheme.pdb_ins_code 
B 2 HOH 1  401 1  HOH HOH A . 
B 2 HOH 2  402 2  HOH HOH A . 
B 2 HOH 3  403 3  HOH HOH A . 
B 2 HOH 4  404 4  HOH HOH A . 
B 2 HOH 5  405 5  HOH HOH A . 
B 2 HOH 6  406 7  HOH HOH A . 
B 2 HOH 7  407 8  HOH HOH A . 
B 2 HOH 8  408 9  HOH HOH A . 
B 2 HOH 9  409 10 HOH HOH A . 
B 2 HOH 10 410 11 HOH HOH A . 
B 2 HOH 11 411 12 HOH HOH A . 
B 2 HOH 12 412 13 HOH HOH A . 
B 2 HOH 13 413 14 HOH HOH A . 
B 2 HOH 14 414 15 HOH HOH A . 
B 2 HOH 15 415 16 HOH HOH A . 
B 2 HOH 16 416 18 HOH HOH A . 
B 2 HOH 17 417 19 HOH HOH A . 
B 2 HOH 18 418 22 HOH HOH A . 
B 2 HOH 19 419 23 HOH HOH A . 
B 2 HOH 20 420 24 HOH HOH A . 
B 2 HOH 21 421 25 HOH HOH A . 
B 2 HOH 22 422 26 HOH HOH A . 
B 2 HOH 23 423 27 HOH HOH A . 
B 2 HOH 24 424 28 HOH HOH A . 
B 2 HOH 25 425 29 HOH HOH A . 
B 2 HOH 26 426 31 HOH HOH A . 
B 2 HOH 27 427 32 HOH HOH A . 
B 2 HOH 28 428 33 HOH HOH A . 
B 2 HOH 29 429 34 HOH HOH A . 
B 2 HOH 30 430 35 HOH HOH A . 
B 2 HOH 31 431 36 HOH HOH A . 
B 2 HOH 32 432 38 HOH HOH A . 
B 2 HOH 33 433 39 HOH HOH A . 
B 2 HOH 34 434 40 HOH HOH A . 
B 2 HOH 35 435 41 HOH HOH A . 
B 2 HOH 36 436 42 HOH HOH A . 
B 2 HOH 37 437 43 HOH HOH A . 
B 2 HOH 38 438 45 HOH HOH A . 
B 2 HOH 39 439 46 HOH HOH A . 
B 2 HOH 40 440 47 HOH HOH A . 
B 2 HOH 41 441 48 HOH HOH A . 
B 2 HOH 42 442 49 HOH HOH A . 
B 2 HOH 43 443 51 HOH HOH A . 
B 2 HOH 44 444 52 HOH HOH A . 
B 2 HOH 45 445 53 HOH HOH A . 
B 2 HOH 46 446 54 HOH HOH A . 
B 2 HOH 47 447 56 HOH HOH A . 
B 2 HOH 48 448 57 HOH HOH A . 
B 2 HOH 49 449 58 HOH HOH A . 
B 2 HOH 50 450 59 HOH HOH A . 
B 2 HOH 51 451 60 HOH HOH A . 
B 2 HOH 52 452 61 HOH HOH A . 
B 2 HOH 53 453 62 HOH HOH A . 
B 2 HOH 54 454 63 HOH HOH A . 
B 2 HOH 55 455 64 HOH HOH A . 
B 2 HOH 56 456 65 HOH HOH A . 
B 2 HOH 57 457 66 HOH HOH A . 
B 2 HOH 58 458 69 HOH HOH A . 
B 2 HOH 59 459 70 HOH HOH A . 
B 2 HOH 60 460 71 HOH HOH A . 
B 2 HOH 61 461 72 HOH HOH A . 
B 2 HOH 62 462 73 HOH HOH A . 
B 2 HOH 63 463 74 HOH HOH A . 
B 2 HOH 64 464 75 HOH HOH A . 
B 2 HOH 65 465 76 HOH HOH A . 
B 2 HOH 66 466 77 HOH HOH A . 
B 2 HOH 67 467 78 HOH HOH A . 
# 
_pdbx_unobs_or_zero_occ_atoms.id               1 
_pdbx_unobs_or_zero_occ_atoms.PDB_model_num    1 
_pdbx_unobs_or_zero_occ_atoms.polymer_flag     Y 
_pdbx_unobs_or_zero_occ_atoms.occupancy_flag   1 
_pdbx_unobs_or_zero_occ_atoms.auth_asym_id     A 
_pdbx_unobs_or_zero_occ_atoms.auth_comp_id     THR 
_pdbx_unobs_or_zero_occ_atoms.auth_seq_id      187 
_pdbx_unobs_or_zero_occ_atoms.PDB_ins_code     ? 
_pdbx_unobs_or_zero_occ_atoms.auth_atom_id     CG2 
_pdbx_unobs_or_zero_occ_atoms.label_alt_id     ? 
_pdbx_unobs_or_zero_occ_atoms.label_asym_id    A 
_pdbx_unobs_or_zero_occ_atoms.label_comp_id    THR 
_pdbx_unobs_or_zero_occ_atoms.label_seq_id     14 
_pdbx_unobs_or_zero_occ_atoms.label_atom_id    CG2 
# 
loop_
_software.name 
_software.classification 
_software.version 
_software.citation_id 
_software.pdbx_ordinal 
HKL-2000 'data collection' .         ? 1 
PHASES   phasing           .         ? 2 
PHENIX   refinement        1.7.3_928 ? 3 
HKL-2000 'data reduction'  .         ? 4 
HKL-2000 'data scaling'    .         ? 5 
# 
_cell.entry_id           4DKS 
_cell.length_a           75.224 
_cell.length_b           75.224 
_cell.length_c           96.091 
_cell.angle_alpha        90.00 
_cell.angle_beta         90.00 
_cell.angle_gamma        90.00 
_cell.Z_PDB              8 
_cell.pdbx_unique_axis   ? 
_cell.length_a_esd       ? 
_cell.length_b_esd       ? 
_cell.length_c_esd       ? 
_cell.angle_alpha_esd    ? 
_cell.angle_beta_esd     ? 
_cell.angle_gamma_esd    ? 
# 
_symmetry.entry_id                         4DKS 
_symmetry.space_group_name_H-M             'P 41 21 2' 
_symmetry.pdbx_full_space_group_name_H-M   ? 
_symmetry.cell_setting                     ? 
_symmetry.Int_Tables_number                92 
_symmetry.space_group_name_Hall            ? 
# 
_exptl.entry_id          4DKS 
_exptl.method            'X-RAY DIFFRACTION' 
_exptl.crystals_number   1 
# 
_exptl_crystal.id                    1 
_exptl_crystal.density_meas          ? 
_exptl_crystal.density_Matthews      3.55 
_exptl_crystal.density_percent_sol   65.39 
_exptl_crystal.description           ? 
_exptl_crystal.F_000                 ? 
_exptl_crystal.preparation           ? 
# 
_exptl_crystal_grow.crystal_id      1 
_exptl_crystal_grow.method          'VAPOR DIFFUSION, HANGING DROP' 
_exptl_crystal_grow.temp            289 
_exptl_crystal_grow.temp_details    ? 
_exptl_crystal_grow.pH              7.5 
_exptl_crystal_grow.pdbx_details    
'0.2M NaCl or MgCl2, 0.1M HEPES, 25%(w/v) polyethylene glycol 3350, pH 7.5, VAPOR DIFFUSION, HANGING DROP, temperature 289K' 
_exptl_crystal_grow.pdbx_pH_range   . 
# 
_diffrn.id                     1 
_diffrn.ambient_temp           100 
_diffrn.ambient_temp_details   ? 
_diffrn.crystal_id             1 
# 
_diffrn_detector.diffrn_id              1 
_diffrn_detector.detector               CCD 
_diffrn_detector.type                   'ADSC QUANTUM 315' 
_diffrn_detector.pdbx_collection_date   2010-10-16 
_diffrn_detector.details                ? 
# 
_diffrn_radiation.diffrn_id                        1 
_diffrn_radiation.wavelength_id                    1 
_diffrn_radiation.pdbx_monochromatic_or_laue_m_l   M 
_diffrn_radiation.monochromator                    GRAPHITE 
_diffrn_radiation.pdbx_diffrn_protocol             'SINGLE WAVELENGTH' 
_diffrn_radiation.pdbx_scattering_type             x-ray 
# 
_diffrn_radiation_wavelength.id           1 
_diffrn_radiation_wavelength.wavelength   0.9794 
_diffrn_radiation_wavelength.wt           1.0 
# 
_diffrn_source.diffrn_id                   1 
_diffrn_source.source                      SYNCHROTRON 
_diffrn_source.type                        'APS BEAMLINE 19-ID' 
_diffrn_source.pdbx_synchrotron_site       APS 
_diffrn_source.pdbx_synchrotron_beamline   19-ID 
_diffrn_source.pdbx_wavelength             ? 
_diffrn_source.pdbx_wavelength_list        0.9794 
# 
_reflns.entry_id                     4DKS 
_reflns.observed_criterion_sigma_I   2.0 
_reflns.observed_criterion_sigma_F   2.0 
_reflns.d_resolution_low             50 
_reflns.d_resolution_high            2.7 
_reflns.number_obs                   8010 
_reflns.number_all                   ? 
_reflns.percent_possible_obs         99.9 
_reflns.pdbx_Rmerge_I_obs            ? 
_reflns.pdbx_Rsym_value              ? 
_reflns.pdbx_netI_over_sigmaI        ? 
_reflns.B_iso_Wilson_estimate        56.100 
_reflns.pdbx_redundancy              ? 
_reflns.R_free_details               ? 
_reflns.limit_h_max                  ? 
_reflns.limit_h_min                  ? 
_reflns.limit_k_max                  ? 
_reflns.limit_k_min                  ? 
_reflns.limit_l_max                  ? 
_reflns.limit_l_min                  ? 
_reflns.observed_criterion_F_max     ? 
_reflns.observed_criterion_F_min     ? 
_reflns.pdbx_chi_squared             ? 
_reflns.pdbx_scaling_rejects         ? 
_reflns.pdbx_ordinal                 1 
_reflns.pdbx_diffrn_id               1 
# 
_reflns_shell.d_res_high                  2.7 
_reflns_shell.d_res_low                   ? 
_reflns_shell.percent_possible_all        99.9 
_reflns_shell.Rmerge_I_obs                ? 
_reflns_shell.pdbx_Rsym_value             ? 
_reflns_shell.meanI_over_sigI_obs         ? 
_reflns_shell.pdbx_redundancy             ? 
_reflns_shell.percent_possible_obs        ? 
_reflns_shell.number_unique_all           ? 
_reflns_shell.number_measured_all         ? 
_reflns_shell.number_measured_obs         ? 
_reflns_shell.number_unique_obs           ? 
_reflns_shell.pdbx_chi_squared            ? 
_reflns_shell.pdbx_rejects                ? 
_reflns_shell.pdbx_netI_over_sigmaI_obs   ? 
_reflns_shell.number_possible             ? 
_reflns_shell.Rmerge_F_all                ? 
_reflns_shell.Rmerge_F_obs                ? 
_reflns_shell.Rmerge_I_all                ? 
_reflns_shell.meanI_over_sigI_all         ? 
_reflns_shell.pdbx_Rrim_I_all             ? 
_reflns_shell.pdbx_Rpim_I_all             ? 
_reflns_shell.pdbx_ordinal                1 
_reflns_shell.pdbx_diffrn_id              1 
# 
_refine.entry_id                                 4DKS 
_refine.pdbx_refine_id                           'X-RAY DIFFRACTION' 
_refine.ls_d_res_high                            2.7000 
_refine.ls_d_res_low                             40.4910 
_refine.pdbx_ls_sigma_F                          1.340 
_refine.pdbx_data_cutoff_high_absF               ? 
_refine.pdbx_data_cutoff_low_absF                ? 
_refine.ls_percent_reflns_obs                    99.7500 
_refine.ls_number_reflns_obs                     8010 
_refine.ls_number_reflns_all                     ? 
_refine.pdbx_ls_cross_valid_method               ? 
_refine.ls_matrix_type                           ? 
_refine.pdbx_R_Free_selection_details            RANDOM 
_refine.details                                  ? 
_refine.ls_R_factor_all                          ? 
_refine.ls_R_factor_obs                          0.2051 
_refine.ls_R_factor_R_work                       0.2026 
_refine.ls_wR_factor_R_work                      ? 
_refine.ls_R_factor_R_free                       0.2609 
_refine.ls_wR_factor_R_free                      ? 
_refine.ls_percent_reflns_R_free                 4.7200 
_refine.ls_number_reflns_R_free                  378 
_refine.ls_number_reflns_R_work                  7632 
_refine.ls_R_factor_R_free_error                 ? 
_refine.B_iso_mean                               54.3656 
_refine.solvent_model_param_bsol                 38.0160 
_refine.solvent_model_param_ksol                 0.3190 
_refine.pdbx_isotropic_thermal_model             ? 
_refine.aniso_B[1][1]                            -1.0839 
_refine.aniso_B[2][2]                            -1.0839 
_refine.aniso_B[3][3]                            2.1678 
_refine.aniso_B[1][2]                            -0.0000 
_refine.aniso_B[1][3]                            0.0000 
_refine.aniso_B[2][3]                            -0.0000 
_refine.correlation_coeff_Fo_to_Fc               ? 
_refine.correlation_coeff_Fo_to_Fc_free          ? 
_refine.overall_SU_R_Cruickshank_DPI             ? 
_refine.pdbx_overall_SU_R_free_Cruickshank_DPI   ? 
_refine.pdbx_overall_SU_R_Blow_DPI               ? 
_refine.pdbx_overall_SU_R_free_Blow_DPI          ? 
_refine.overall_SU_R_free                        ? 
_refine.pdbx_overall_ESU_R                       ? 
_refine.pdbx_overall_ESU_R_Free                  ? 
_refine.overall_SU_ML                            0.2800 
_refine.overall_SU_B                             ? 
_refine.solvent_model_details                    'FLAT BULK SOLVENT MODEL' 
_refine.pdbx_solvent_vdw_probe_radii             1.3000 
_refine.pdbx_solvent_ion_probe_radii             ? 
_refine.pdbx_solvent_shrinkage_radii             1.1100 
_refine.ls_number_parameters                     ? 
_refine.ls_number_restraints                     ? 
_refine.pdbx_starting_model                      ? 
_refine.pdbx_method_to_determine_struct          'MOLECULAR REPLACEMENT' 
_refine.pdbx_stereochemistry_target_values       ML 
_refine.pdbx_stereochem_target_val_spec_case     ? 
_refine.overall_FOM_work_R_set                   0.8452 
_refine.B_iso_max                                108.290 
_refine.B_iso_min                                29.430 
_refine.pdbx_overall_phase_error                 21.2300 
_refine.occupancy_max                            1.000 
_refine.occupancy_min                            0.500 
_refine.pdbx_diffrn_id                           1 
_refine.pdbx_ls_sigma_I                          ? 
_refine.ls_redundancy_reflns_obs                 ? 
_refine.ls_R_factor_R_free_error_details         ? 
_refine.pdbx_data_cutoff_high_rms_absF           ? 
_refine.overall_FOM_free_R_set                   ? 
_refine.pdbx_TLS_residual_ADP_flag               ? 
# 
_refine_hist.pdbx_refine_id                   'X-RAY DIFFRACTION' 
_refine_hist.cycle_id                         LAST 
_refine_hist.pdbx_number_atoms_protein        1199 
_refine_hist.pdbx_number_atoms_nucleic_acid   0 
_refine_hist.pdbx_number_atoms_ligand         0 
_refine_hist.number_atoms_solvent             67 
_refine_hist.number_atoms_total               1266 
_refine_hist.d_res_high                       2.7000 
_refine_hist.d_res_low                        40.4910 
# 
loop_
_refine_ls_restr.pdbx_refine_id 
_refine_ls_restr.type 
_refine_ls_restr.number 
_refine_ls_restr.dev_ideal 
_refine_ls_restr.dev_ideal_target 
_refine_ls_restr.weight 
_refine_ls_restr.pdbx_restraint_function 
'X-RAY DIFFRACTION' f_bond_d           1226 0.009  ? ? ? 
'X-RAY DIFFRACTION' f_angle_d          1648 1.072  ? ? ? 
'X-RAY DIFFRACTION' f_chiral_restr     181  0.073  ? ? ? 
'X-RAY DIFFRACTION' f_plane_restr      202  0.006  ? ? ? 
'X-RAY DIFFRACTION' f_dihedral_angle_d 459  15.769 ? ? ? 
# 
loop_
_refine_ls_shell.d_res_high 
_refine_ls_shell.d_res_low 
_refine_ls_shell.pdbx_total_number_of_bins_used 
_refine_ls_shell.percent_reflns_obs 
_refine_ls_shell.number_reflns_R_work 
_refine_ls_shell.R_factor_all 
_refine_ls_shell.R_factor_R_work 
_refine_ls_shell.R_factor_R_free 
_refine_ls_shell.percent_reflns_R_free 
_refine_ls_shell.number_reflns_R_free 
_refine_ls_shell.R_factor_R_free_error 
_refine_ls_shell.number_reflns_all 
_refine_ls_shell.number_reflns_obs 
_refine_ls_shell.pdbx_refine_id 
_refine_ls_shell.redundancy_reflns_obs 
2.7000 3.0906  3 100.0000 2459 . 0.2289 0.2763 . 129 . 2588 . 'X-RAY DIFFRACTION' . 
3.0906 3.8934  3 100.0000 2502 . 0.1836 0.2739 . 132 . 2634 . 'X-RAY DIFFRACTION' . 
3.8934 40.4958 3 100.0000 2671 . 0.2059 0.2486 . 117 . 2788 . 'X-RAY DIFFRACTION' . 
# 
_struct.entry_id                  4DKS 
_struct.title                     'A spindle-shaped virus protein (chymotrypsin treated)' 
_struct.pdbx_model_details        ? 
_struct.pdbx_CASP_flag            ? 
_struct.pdbx_model_type_details   ? 
# 
_struct_keywords.entry_id        4DKS 
_struct_keywords.pdbx_keywords   RECOMBINATION 
_struct_keywords.text            
;Catalytic domain, Integrase, The C174 domain of SSV1 Int, seven-helices, three-stranded antiparallel-sheet', RECOMBINATION
;
# 
loop_
_struct_asym.id 
_struct_asym.pdbx_blank_PDB_chainid_flag 
_struct_asym.pdbx_modified 
_struct_asym.entity_id 
_struct_asym.details 
A N N 1 ? 
B N N 2 ? 
# 
_struct_ref.id                         1 
_struct_ref.db_name                    UNP 
_struct_ref.db_code                    INTG_SSV1 
_struct_ref.pdbx_db_accession          P20214 
_struct_ref.entity_id                  1 
_struct_ref.pdbx_seq_one_letter_code   
;ADIYIPTLEEIKRTLQLAKDYSENVYFIYRIALESGVRLSEILKVLKEPERDICGNDVCYYPLSWTRGYKGVFYVFHITP
LKRVEVTKWAIADFERRHKDAIAIKYFRKFVASKMAELSVPLDIIDFIQGRKPTRVLTQHYVSLFGIAKEQYKKYAEWLK
GV
;
_struct_ref.pdbx_align_begin           174 
_struct_ref.pdbx_db_isoform            ? 
# 
_struct_ref_seq.align_id                      1 
_struct_ref_seq.ref_id                        1 
_struct_ref_seq.pdbx_PDB_id_code              4DKS 
_struct_ref_seq.pdbx_strand_id                A 
_struct_ref_seq.seq_align_beg                 1 
_struct_ref_seq.pdbx_seq_align_beg_ins_code   ? 
_struct_ref_seq.seq_align_end                 162 
_struct_ref_seq.pdbx_seq_align_end_ins_code   ? 
_struct_ref_seq.pdbx_db_accession             P20214 
_struct_ref_seq.db_align_beg                  174 
_struct_ref_seq.pdbx_db_align_beg_ins_code    ? 
_struct_ref_seq.db_align_end                  335 
_struct_ref_seq.pdbx_db_align_end_ins_code    ? 
_struct_ref_seq.pdbx_auth_seq_align_beg       174 
_struct_ref_seq.pdbx_auth_seq_align_end       335 
# 
_pdbx_struct_assembly.id                   1 
_pdbx_struct_assembly.details              author_and_software_defined_assembly 
_pdbx_struct_assembly.method_details       PISA 
_pdbx_struct_assembly.oligomeric_details   monomeric 
_pdbx_struct_assembly.oligomeric_count     1 
# 
_pdbx_struct_assembly_gen.assembly_id       1 
_pdbx_struct_assembly_gen.oper_expression   1 
_pdbx_struct_assembly_gen.asym_id_list      A,B 
# 
_pdbx_struct_oper_list.id                   1 
_pdbx_struct_oper_list.type                 'identity operation' 
_pdbx_struct_oper_list.name                 1_555 
_pdbx_struct_oper_list.symmetry_operation   x,y,z 
_pdbx_struct_oper_list.matrix[1][1]         1.0000000000 
_pdbx_struct_oper_list.matrix[1][2]         0.0000000000 
_pdbx_struct_oper_list.matrix[1][3]         0.0000000000 
_pdbx_struct_oper_list.vector[1]            0.0000000000 
_pdbx_struct_oper_list.matrix[2][1]         0.0000000000 
_pdbx_struct_oper_list.matrix[2][2]         1.0000000000 
_pdbx_struct_oper_list.matrix[2][3]         0.0000000000 
_pdbx_struct_oper_list.vector[2]            0.0000000000 
_pdbx_struct_oper_list.matrix[3][1]         0.0000000000 
_pdbx_struct_oper_list.matrix[3][2]         0.0000000000 
_pdbx_struct_oper_list.matrix[3][3]         1.0000000000 
_pdbx_struct_oper_list.vector[3]            0.0000000000 
# 
_struct_biol.id        1 
_struct_biol.details   ? 
# 
loop_
_struct_conf.conf_type_id 
_struct_conf.id 
_struct_conf.pdbx_PDB_helix_id 
_struct_conf.beg_label_comp_id 
_struct_conf.beg_label_asym_id 
_struct_conf.beg_label_seq_id 
_struct_conf.pdbx_beg_PDB_ins_code 
_struct_conf.end_label_comp_id 
_struct_conf.end_label_asym_id 
_struct_conf.end_label_seq_id 
_struct_conf.pdbx_end_PDB_ins_code 
_struct_conf.beg_auth_comp_id 
_struct_conf.beg_auth_asym_id 
_struct_conf.beg_auth_seq_id 
_struct_conf.end_auth_comp_id 
_struct_conf.end_auth_asym_id 
_struct_conf.end_auth_seq_id 
_struct_conf.pdbx_PDB_helix_class 
_struct_conf.details 
_struct_conf.pdbx_PDB_helix_length 
HELX_P HELX_P1 1 THR A 7   ? SER A 22  ? THR A 180 SER A 195 1 ? 16 
HELX_P HELX_P2 2 SER A 22  ? GLY A 36  ? SER A 195 GLY A 209 1 ? 15 
HELX_P HELX_P3 3 ARG A 38  ? LEU A 46  ? ARG A 211 LEU A 219 1 ? 9  
HELX_P HELX_P4 4 GLU A 48  ? ASP A 52  ? GLU A 221 ASP A 225 5 ? 5  
HELX_P HELX_P5 5 THR A 87  ? ARG A 97  ? THR A 260 ARG A 270 1 ? 11 
HELX_P HELX_P6 6 ALA A 103 ? LYS A 105 ? ALA A 276 LYS A 278 5 ? 3  
HELX_P HELX_P7 7 TYR A 106 ? LEU A 118 ? TYR A 279 LEU A 291 1 ? 13 
HELX_P HELX_P8 8 PRO A 121 ? GLN A 129 ? PRO A 294 GLN A 302 1 ? 9  
HELX_P HELX_P9 9 SER A 143 ? GLY A 161 ? SER A 316 GLY A 334 1 ? 19 
# 
_struct_conf_type.id          HELX_P 
_struct_conf_type.criteria    ? 
_struct_conf_type.reference   ? 
# 
_struct_conn.id                            disulf1 
_struct_conn.conn_type_id                  disulf 
_struct_conn.pdbx_leaving_atom_flag        ? 
_struct_conn.pdbx_PDB_id                   ? 
_struct_conn.ptnr1_label_asym_id           A 
_struct_conn.ptnr1_label_comp_id           CYS 
_struct_conn.ptnr1_label_seq_id            54 
_struct_conn.ptnr1_label_atom_id           SG 
_struct_conn.pdbx_ptnr1_label_alt_id       ? 
_struct_conn.pdbx_ptnr1_PDB_ins_code       ? 
_struct_conn.pdbx_ptnr1_standard_comp_id   ? 
_struct_conn.ptnr1_symmetry                1_555 
_struct_conn.ptnr2_label_asym_id           A 
_struct_conn.ptnr2_label_comp_id           CYS 
_struct_conn.ptnr2_label_seq_id            59 
_struct_conn.ptnr2_label_atom_id           SG 
_struct_conn.pdbx_ptnr2_label_alt_id       ? 
_struct_conn.pdbx_ptnr2_PDB_ins_code       ? 
_struct_conn.ptnr1_auth_asym_id            A 
_struct_conn.ptnr1_auth_comp_id            CYS 
_struct_conn.ptnr1_auth_seq_id             227 
_struct_conn.ptnr2_auth_asym_id            A 
_struct_conn.ptnr2_auth_comp_id            CYS 
_struct_conn.ptnr2_auth_seq_id             232 
_struct_conn.ptnr2_symmetry                1_555 
_struct_conn.pdbx_ptnr3_label_atom_id      ? 
_struct_conn.pdbx_ptnr3_label_seq_id       ? 
_struct_conn.pdbx_ptnr3_label_comp_id      ? 
_struct_conn.pdbx_ptnr3_label_asym_id      ? 
_struct_conn.pdbx_ptnr3_label_alt_id       ? 
_struct_conn.pdbx_ptnr3_PDB_ins_code       ? 
_struct_conn.details                       ? 
_struct_conn.pdbx_dist_value               2.067 
_struct_conn.pdbx_value_order              ? 
_struct_conn.pdbx_role                     ? 
# 
_struct_conn_type.id          disulf 
_struct_conn_type.criteria    ? 
_struct_conn_type.reference   ? 
# 
_pdbx_modification_feature.ordinal                            1 
_pdbx_modification_feature.label_comp_id                      CYS 
_pdbx_modification_feature.label_asym_id                      A 
_pdbx_modification_feature.label_seq_id                       54 
_pdbx_modification_feature.label_alt_id                       ? 
_pdbx_modification_feature.modified_residue_label_comp_id     CYS 
_pdbx_modification_feature.modified_residue_label_asym_id     A 
_pdbx_modification_feature.modified_residue_label_seq_id      59 
_pdbx_modification_feature.modified_residue_label_alt_id      ? 
_pdbx_modification_feature.auth_comp_id                       CYS 
_pdbx_modification_feature.auth_asym_id                       A 
_pdbx_modification_feature.auth_seq_id                        227 
_pdbx_modification_feature.PDB_ins_code                       ? 
_pdbx_modification_feature.symmetry                           1_555 
_pdbx_modification_feature.modified_residue_auth_comp_id      CYS 
_pdbx_modification_feature.modified_residue_auth_asym_id      A 
_pdbx_modification_feature.modified_residue_auth_seq_id       232 
_pdbx_modification_feature.modified_residue_PDB_ins_code      ? 
_pdbx_modification_feature.modified_residue_symmetry          1_555 
_pdbx_modification_feature.comp_id_linking_atom               SG 
_pdbx_modification_feature.modified_residue_id_linking_atom   SG 
_pdbx_modification_feature.modified_residue_id                . 
_pdbx_modification_feature.ref_pcm_id                         . 
_pdbx_modification_feature.ref_comp_id                        . 
_pdbx_modification_feature.type                               None 
_pdbx_modification_feature.category                           'Disulfide bridge' 
# 
_struct_sheet.id               A 
_struct_sheet.type             ? 
_struct_sheet.number_strands   3 
_struct_sheet.details          ? 
# 
loop_
_struct_sheet_order.sheet_id 
_struct_sheet_order.range_id_1 
_struct_sheet_order.range_id_2 
_struct_sheet_order.offset 
_struct_sheet_order.sense 
A 1 2 ? anti-parallel 
A 2 3 ? anti-parallel 
# 
loop_
_struct_sheet_range.sheet_id 
_struct_sheet_range.id 
_struct_sheet_range.beg_label_comp_id 
_struct_sheet_range.beg_label_asym_id 
_struct_sheet_range.beg_label_seq_id 
_struct_sheet_range.pdbx_beg_PDB_ins_code 
_struct_sheet_range.end_label_comp_id 
_struct_sheet_range.end_label_asym_id 
_struct_sheet_range.end_label_seq_id 
_struct_sheet_range.pdbx_end_PDB_ins_code 
_struct_sheet_range.beg_auth_comp_id 
_struct_sheet_range.beg_auth_asym_id 
_struct_sheet_range.beg_auth_seq_id 
_struct_sheet_range.end_auth_comp_id 
_struct_sheet_range.end_auth_asym_id 
_struct_sheet_range.end_auth_seq_id 
A 1 ILE A 53 ? CYS A 54 ? ILE A 226 CYS A 227 
A 2 CYS A 59 ? PRO A 62 ? CYS A 232 PRO A 235 
A 3 TYR A 74 ? HIS A 77 ? TYR A 247 HIS A 250 
# 
loop_
_pdbx_struct_sheet_hbond.sheet_id 
_pdbx_struct_sheet_hbond.range_id_1 
_pdbx_struct_sheet_hbond.range_id_2 
_pdbx_struct_sheet_hbond.range_1_label_atom_id 
_pdbx_struct_sheet_hbond.range_1_label_comp_id 
_pdbx_struct_sheet_hbond.range_1_label_asym_id 
_pdbx_struct_sheet_hbond.range_1_label_seq_id 
_pdbx_struct_sheet_hbond.range_1_PDB_ins_code 
_pdbx_struct_sheet_hbond.range_1_auth_atom_id 
_pdbx_struct_sheet_hbond.range_1_auth_comp_id 
_pdbx_struct_sheet_hbond.range_1_auth_asym_id 
_pdbx_struct_sheet_hbond.range_1_auth_seq_id 
_pdbx_struct_sheet_hbond.range_2_label_atom_id 
_pdbx_struct_sheet_hbond.range_2_label_comp_id 
_pdbx_struct_sheet_hbond.range_2_label_asym_id 
_pdbx_struct_sheet_hbond.range_2_label_seq_id 
_pdbx_struct_sheet_hbond.range_2_PDB_ins_code 
_pdbx_struct_sheet_hbond.range_2_auth_atom_id 
_pdbx_struct_sheet_hbond.range_2_auth_comp_id 
_pdbx_struct_sheet_hbond.range_2_auth_asym_id 
_pdbx_struct_sheet_hbond.range_2_auth_seq_id 
A 1 2 N ILE A 53 ? N ILE A 226 O TYR A 60 ? O TYR A 233 
A 2 3 N CYS A 59 ? N CYS A 232 O HIS A 77 ? O HIS A 250 
# 
_pdbx_entry_details.entry_id                   4DKS 
_pdbx_entry_details.nonpolymer_details         ? 
_pdbx_entry_details.sequence_details           
;THE FULL SEQUENCE WHICH WAS PREPARED 
FOR THE CRYSTLLIZATION IS AS FOLLOWS.

MHHHHHHSSGLVPRGSGMKETAAAKFERQHMDSPDLGTDDDDKAMADIGS
MTKDKTRYKYGDYILRERKGRYYVYKLEYENGEVKERYVGPLADVVESYL
KMKLGVVGDTPLQADPPGFEPGTSGSGGGKEGTERRKIALVANLRQYATD
GNIKAFYDYLMNERGISEKTAKDYINAISKPYKETRDAQKAYRLFARFLA
SRNIIHDEFADKILKAVKVKKANADIYIPTLEEIKRTLQLAKDYSENVYF
IYRIALESGVRLSEILKVLKEPERDICGNDVCYYPLSWTRGYKGVFYVFH
ITPLKRVEVTKWAIADFERRHKDAIAIKYFRKFVASKMAELSVPLDIIDF
IQGRKPTRVLTQHYVSLFGIAKEQYKKYAEWLKGV

HOWEVER, THE PROTEIN WAS CRYSTALLIZED BY IN 
SITU PROTEOLYSIS METHODS (CHYMOTRYPSIN TREATED). 
THE N-TERMINAL AND SOME LOOPS MISSED IN THE STRUCTURE.
;
_pdbx_entry_details.compound_details           ? 
_pdbx_entry_details.source_details             ? 
_pdbx_entry_details.has_ligand_of_interest     ? 
_pdbx_entry_details.has_protein_modification   Y 
# 
_pdbx_validate_close_contact.id               1 
_pdbx_validate_close_contact.PDB_model_num    1 
_pdbx_validate_close_contact.auth_atom_id_1   N 
_pdbx_validate_close_contact.auth_asym_id_1   A 
_pdbx_validate_close_contact.auth_comp_id_1   ALA 
_pdbx_validate_close_contact.auth_seq_id_1    274 
_pdbx_validate_close_contact.PDB_ins_code_1   ? 
_pdbx_validate_close_contact.label_alt_id_1   ? 
_pdbx_validate_close_contact.auth_atom_id_2   O 
_pdbx_validate_close_contact.auth_asym_id_2   A 
_pdbx_validate_close_contact.auth_comp_id_2   HOH 
_pdbx_validate_close_contact.auth_seq_id_2    433 
_pdbx_validate_close_contact.PDB_ins_code_2   ? 
_pdbx_validate_close_contact.label_alt_id_2   ? 
_pdbx_validate_close_contact.dist             2.17 
# 
loop_
_pdbx_validate_torsion.id 
_pdbx_validate_torsion.PDB_model_num 
_pdbx_validate_torsion.auth_comp_id 
_pdbx_validate_torsion.auth_asym_id 
_pdbx_validate_torsion.auth_seq_id 
_pdbx_validate_torsion.PDB_ins_code 
_pdbx_validate_torsion.label_alt_id 
_pdbx_validate_torsion.phi 
_pdbx_validate_torsion.psi 
1 1 ASP A 175 ? ? -167.84 116.46 
2 1 GLU A 221 ? ? -141.35 51.69  
# 
_pdbx_struct_special_symmetry.id              1 
_pdbx_struct_special_symmetry.PDB_model_num   1 
_pdbx_struct_special_symmetry.auth_asym_id    A 
_pdbx_struct_special_symmetry.auth_comp_id    HOH 
_pdbx_struct_special_symmetry.auth_seq_id     443 
_pdbx_struct_special_symmetry.PDB_ins_code    ? 
_pdbx_struct_special_symmetry.label_asym_id   B 
_pdbx_struct_special_symmetry.label_comp_id   HOH 
_pdbx_struct_special_symmetry.label_seq_id    . 
# 
loop_
_pdbx_unobs_or_zero_occ_residues.id 
_pdbx_unobs_or_zero_occ_residues.PDB_model_num 
_pdbx_unobs_or_zero_occ_residues.polymer_flag 
_pdbx_unobs_or_zero_occ_residues.occupancy_flag 
_pdbx_unobs_or_zero_occ_residues.auth_asym_id 
_pdbx_unobs_or_zero_occ_residues.auth_comp_id 
_pdbx_unobs_or_zero_occ_residues.auth_seq_id 
_pdbx_unobs_or_zero_occ_residues.PDB_ins_code 
_pdbx_unobs_or_zero_occ_residues.label_asym_id 
_pdbx_unobs_or_zero_occ_residues.label_comp_id 
_pdbx_unobs_or_zero_occ_residues.label_seq_id 
1  1 Y 1 A TRP 238 ? A TRP 65  
2  1 Y 1 A THR 239 ? A THR 66  
3  1 Y 1 A ARG 240 ? A ARG 67  
4  1 Y 1 A GLY 241 ? A GLY 68  
5  1 Y 1 A TYR 242 ? A TYR 69  
6  1 Y 1 A LYS 243 ? A LYS 70  
7  1 Y 1 A LYS 272 ? A LYS 99  
8  1 Y 1 A ASP 273 ? A ASP 100 
9  1 Y 1 A THR 307 ? A THR 134 
10 1 Y 1 A ARG 308 ? A ARG 135 
11 1 Y 1 A VAL 309 ? A VAL 136 
12 1 Y 1 A LEU 310 ? A LEU 137 
13 1 Y 1 A THR 311 ? A THR 138 
14 1 Y 1 A GLN 312 ? A GLN 139 
15 1 Y 1 A HIS 313 ? A HIS 140 
16 1 Y 1 A TYR 314 ? A TYR 141 
17 1 Y 1 A VAL 335 ? A VAL 162 
# 
loop_
_chem_comp_atom.comp_id 
_chem_comp_atom.atom_id 
_chem_comp_atom.type_symbol 
_chem_comp_atom.pdbx_aromatic_flag 
_chem_comp_atom.pdbx_stereo_config 
_chem_comp_atom.pdbx_ordinal 
ALA N    N N N 1   
ALA CA   C N S 2   
ALA C    C N N 3   
ALA O    O N N 4   
ALA CB   C N N 5   
ALA OXT  O N N 6   
ALA H    H N N 7   
ALA H2   H N N 8   
ALA HA   H N N 9   
ALA HB1  H N N 10  
ALA HB2  H N N 11  
ALA HB3  H N N 12  
ALA HXT  H N N 13  
ARG N    N N N 14  
ARG CA   C N S 15  
ARG C    C N N 16  
ARG O    O N N 17  
ARG CB   C N N 18  
ARG CG   C N N 19  
ARG CD   C N N 20  
ARG NE   N N N 21  
ARG CZ   C N N 22  
ARG NH1  N N N 23  
ARG NH2  N N N 24  
ARG OXT  O N N 25  
ARG H    H N N 26  
ARG H2   H N N 27  
ARG HA   H N N 28  
ARG HB2  H N N 29  
ARG HB3  H N N 30  
ARG HG2  H N N 31  
ARG HG3  H N N 32  
ARG HD2  H N N 33  
ARG HD3  H N N 34  
ARG HE   H N N 35  
ARG HH11 H N N 36  
ARG HH12 H N N 37  
ARG HH21 H N N 38  
ARG HH22 H N N 39  
ARG HXT  H N N 40  
ASN N    N N N 41  
ASN CA   C N S 42  
ASN C    C N N 43  
ASN O    O N N 44  
ASN CB   C N N 45  
ASN CG   C N N 46  
ASN OD1  O N N 47  
ASN ND2  N N N 48  
ASN OXT  O N N 49  
ASN H    H N N 50  
ASN H2   H N N 51  
ASN HA   H N N 52  
ASN HB2  H N N 53  
ASN HB3  H N N 54  
ASN HD21 H N N 55  
ASN HD22 H N N 56  
ASN HXT  H N N 57  
ASP N    N N N 58  
ASP CA   C N S 59  
ASP C    C N N 60  
ASP O    O N N 61  
ASP CB   C N N 62  
ASP CG   C N N 63  
ASP OD1  O N N 64  
ASP OD2  O N N 65  
ASP OXT  O N N 66  
ASP H    H N N 67  
ASP H2   H N N 68  
ASP HA   H N N 69  
ASP HB2  H N N 70  
ASP HB3  H N N 71  
ASP HD2  H N N 72  
ASP HXT  H N N 73  
CYS N    N N N 74  
CYS CA   C N R 75  
CYS C    C N N 76  
CYS O    O N N 77  
CYS CB   C N N 78  
CYS SG   S N N 79  
CYS OXT  O N N 80  
CYS H    H N N 81  
CYS H2   H N N 82  
CYS HA   H N N 83  
CYS HB2  H N N 84  
CYS HB3  H N N 85  
CYS HG   H N N 86  
CYS HXT  H N N 87  
GLN N    N N N 88  
GLN CA   C N S 89  
GLN C    C N N 90  
GLN O    O N N 91  
GLN CB   C N N 92  
GLN CG   C N N 93  
GLN CD   C N N 94  
GLN OE1  O N N 95  
GLN NE2  N N N 96  
GLN OXT  O N N 97  
GLN H    H N N 98  
GLN H2   H N N 99  
GLN HA   H N N 100 
GLN HB2  H N N 101 
GLN HB3  H N N 102 
GLN HG2  H N N 103 
GLN HG3  H N N 104 
GLN HE21 H N N 105 
GLN HE22 H N N 106 
GLN HXT  H N N 107 
GLU N    N N N 108 
GLU CA   C N S 109 
GLU C    C N N 110 
GLU O    O N N 111 
GLU CB   C N N 112 
GLU CG   C N N 113 
GLU CD   C N N 114 
GLU OE1  O N N 115 
GLU OE2  O N N 116 
GLU OXT  O N N 117 
GLU H    H N N 118 
GLU H2   H N N 119 
GLU HA   H N N 120 
GLU HB2  H N N 121 
GLU HB3  H N N 122 
GLU HG2  H N N 123 
GLU HG3  H N N 124 
GLU HE2  H N N 125 
GLU HXT  H N N 126 
GLY N    N N N 127 
GLY CA   C N N 128 
GLY C    C N N 129 
GLY O    O N N 130 
GLY OXT  O N N 131 
GLY H    H N N 132 
GLY H2   H N N 133 
GLY HA2  H N N 134 
GLY HA3  H N N 135 
GLY HXT  H N N 136 
HIS N    N N N 137 
HIS CA   C N S 138 
HIS C    C N N 139 
HIS O    O N N 140 
HIS CB   C N N 141 
HIS CG   C Y N 142 
HIS ND1  N Y N 143 
HIS CD2  C Y N 144 
HIS CE1  C Y N 145 
HIS NE2  N Y N 146 
HIS OXT  O N N 147 
HIS H    H N N 148 
HIS H2   H N N 149 
HIS HA   H N N 150 
HIS HB2  H N N 151 
HIS HB3  H N N 152 
HIS HD1  H N N 153 
HIS HD2  H N N 154 
HIS HE1  H N N 155 
HIS HE2  H N N 156 
HIS HXT  H N N 157 
HOH O    O N N 158 
HOH H1   H N N 159 
HOH H2   H N N 160 
ILE N    N N N 161 
ILE CA   C N S 162 
ILE C    C N N 163 
ILE O    O N N 164 
ILE CB   C N S 165 
ILE CG1  C N N 166 
ILE CG2  C N N 167 
ILE CD1  C N N 168 
ILE OXT  O N N 169 
ILE H    H N N 170 
ILE H2   H N N 171 
ILE HA   H N N 172 
ILE HB   H N N 173 
ILE HG12 H N N 174 
ILE HG13 H N N 175 
ILE HG21 H N N 176 
ILE HG22 H N N 177 
ILE HG23 H N N 178 
ILE HD11 H N N 179 
ILE HD12 H N N 180 
ILE HD13 H N N 181 
ILE HXT  H N N 182 
LEU N    N N N 183 
LEU CA   C N S 184 
LEU C    C N N 185 
LEU O    O N N 186 
LEU CB   C N N 187 
LEU CG   C N N 188 
LEU CD1  C N N 189 
LEU CD2  C N N 190 
LEU OXT  O N N 191 
LEU H    H N N 192 
LEU H2   H N N 193 
LEU HA   H N N 194 
LEU HB2  H N N 195 
LEU HB3  H N N 196 
LEU HG   H N N 197 
LEU HD11 H N N 198 
LEU HD12 H N N 199 
LEU HD13 H N N 200 
LEU HD21 H N N 201 
LEU HD22 H N N 202 
LEU HD23 H N N 203 
LEU HXT  H N N 204 
LYS N    N N N 205 
LYS CA   C N S 206 
LYS C    C N N 207 
LYS O    O N N 208 
LYS CB   C N N 209 
LYS CG   C N N 210 
LYS CD   C N N 211 
LYS CE   C N N 212 
LYS NZ   N N N 213 
LYS OXT  O N N 214 
LYS H    H N N 215 
LYS H2   H N N 216 
LYS HA   H N N 217 
LYS HB2  H N N 218 
LYS HB3  H N N 219 
LYS HG2  H N N 220 
LYS HG3  H N N 221 
LYS HD2  H N N 222 
LYS HD3  H N N 223 
LYS HE2  H N N 224 
LYS HE3  H N N 225 
LYS HZ1  H N N 226 
LYS HZ2  H N N 227 
LYS HZ3  H N N 228 
LYS HXT  H N N 229 
MET N    N N N 230 
MET CA   C N S 231 
MET C    C N N 232 
MET O    O N N 233 
MET CB   C N N 234 
MET CG   C N N 235 
MET SD   S N N 236 
MET CE   C N N 237 
MET OXT  O N N 238 
MET H    H N N 239 
MET H2   H N N 240 
MET HA   H N N 241 
MET HB2  H N N 242 
MET HB3  H N N 243 
MET HG2  H N N 244 
MET HG3  H N N 245 
MET HE1  H N N 246 
MET HE2  H N N 247 
MET HE3  H N N 248 
MET HXT  H N N 249 
PHE N    N N N 250 
PHE CA   C N S 251 
PHE C    C N N 252 
PHE O    O N N 253 
PHE CB   C N N 254 
PHE CG   C Y N 255 
PHE CD1  C Y N 256 
PHE CD2  C Y N 257 
PHE CE1  C Y N 258 
PHE CE2  C Y N 259 
PHE CZ   C Y N 260 
PHE OXT  O N N 261 
PHE H    H N N 262 
PHE H2   H N N 263 
PHE HA   H N N 264 
PHE HB2  H N N 265 
PHE HB3  H N N 266 
PHE HD1  H N N 267 
PHE HD2  H N N 268 
PHE HE1  H N N 269 
PHE HE2  H N N 270 
PHE HZ   H N N 271 
PHE HXT  H N N 272 
PRO N    N N N 273 
PRO CA   C N S 274 
PRO C    C N N 275 
PRO O    O N N 276 
PRO CB   C N N 277 
PRO CG   C N N 278 
PRO CD   C N N 279 
PRO OXT  O N N 280 
PRO H    H N N 281 
PRO HA   H N N 282 
PRO HB2  H N N 283 
PRO HB3  H N N 284 
PRO HG2  H N N 285 
PRO HG3  H N N 286 
PRO HD2  H N N 287 
PRO HD3  H N N 288 
PRO HXT  H N N 289 
SER N    N N N 290 
SER CA   C N S 291 
SER C    C N N 292 
SER O    O N N 293 
SER CB   C N N 294 
SER OG   O N N 295 
SER OXT  O N N 296 
SER H    H N N 297 
SER H2   H N N 298 
SER HA   H N N 299 
SER HB2  H N N 300 
SER HB3  H N N 301 
SER HG   H N N 302 
SER HXT  H N N 303 
THR N    N N N 304 
THR CA   C N S 305 
THR C    C N N 306 
THR O    O N N 307 
THR CB   C N R 308 
THR OG1  O N N 309 
THR CG2  C N N 310 
THR OXT  O N N 311 
THR H    H N N 312 
THR H2   H N N 313 
THR HA   H N N 314 
THR HB   H N N 315 
THR HG1  H N N 316 
THR HG21 H N N 317 
THR HG22 H N N 318 
THR HG23 H N N 319 
THR HXT  H N N 320 
TRP N    N N N 321 
TRP CA   C N S 322 
TRP C    C N N 323 
TRP O    O N N 324 
TRP CB   C N N 325 
TRP CG   C Y N 326 
TRP CD1  C Y N 327 
TRP CD2  C Y N 328 
TRP NE1  N Y N 329 
TRP CE2  C Y N 330 
TRP CE3  C Y N 331 
TRP CZ2  C Y N 332 
TRP CZ3  C Y N 333 
TRP CH2  C Y N 334 
TRP OXT  O N N 335 
TRP H    H N N 336 
TRP H2   H N N 337 
TRP HA   H N N 338 
TRP HB2  H N N 339 
TRP HB3  H N N 340 
TRP HD1  H N N 341 
TRP HE1  H N N 342 
TRP HE3  H N N 343 
TRP HZ2  H N N 344 
TRP HZ3  H N N 345 
TRP HH2  H N N 346 
TRP HXT  H N N 347 
TYR N    N N N 348 
TYR CA   C N S 349 
TYR C    C N N 350 
TYR O    O N N 351 
TYR CB   C N N 352 
TYR CG   C Y N 353 
TYR CD1  C Y N 354 
TYR CD2  C Y N 355 
TYR CE1  C Y N 356 
TYR CE2  C Y N 357 
TYR CZ   C Y N 358 
TYR OH   O N N 359 
TYR OXT  O N N 360 
TYR H    H N N 361 
TYR H2   H N N 362 
TYR HA   H N N 363 
TYR HB2  H N N 364 
TYR HB3  H N N 365 
TYR HD1  H N N 366 
TYR HD2  H N N 367 
TYR HE1  H N N 368 
TYR HE2  H N N 369 
TYR HH   H N N 370 
TYR HXT  H N N 371 
VAL N    N N N 372 
VAL CA   C N S 373 
VAL C    C N N 374 
VAL O    O N N 375 
VAL CB   C N N 376 
VAL CG1  C N N 377 
VAL CG2  C N N 378 
VAL OXT  O N N 379 
VAL H    H N N 380 
VAL H2   H N N 381 
VAL HA   H N N 382 
VAL HB   H N N 383 
VAL HG11 H N N 384 
VAL HG12 H N N 385 
VAL HG13 H N N 386 
VAL HG21 H N N 387 
VAL HG22 H N N 388 
VAL HG23 H N N 389 
VAL HXT  H N N 390 
# 
loop_
_chem_comp_bond.comp_id 
_chem_comp_bond.atom_id_1 
_chem_comp_bond.atom_id_2 
_chem_comp_bond.value_order 
_chem_comp_bond.pdbx_aromatic_flag 
_chem_comp_bond.pdbx_stereo_config 
_chem_comp_bond.pdbx_ordinal 
ALA N   CA   sing N N 1   
ALA N   H    sing N N 2   
ALA N   H2   sing N N 3   
ALA CA  C    sing N N 4   
ALA CA  CB   sing N N 5   
ALA CA  HA   sing N N 6   
ALA C   O    doub N N 7   
ALA C   OXT  sing N N 8   
ALA CB  HB1  sing N N 9   
ALA CB  HB2  sing N N 10  
ALA CB  HB3  sing N N 11  
ALA OXT HXT  sing N N 12  
ARG N   CA   sing N N 13  
ARG N   H    sing N N 14  
ARG N   H2   sing N N 15  
ARG CA  C    sing N N 16  
ARG CA  CB   sing N N 17  
ARG CA  HA   sing N N 18  
ARG C   O    doub N N 19  
ARG C   OXT  sing N N 20  
ARG CB  CG   sing N N 21  
ARG CB  HB2  sing N N 22  
ARG CB  HB3  sing N N 23  
ARG CG  CD   sing N N 24  
ARG CG  HG2  sing N N 25  
ARG CG  HG3  sing N N 26  
ARG CD  NE   sing N N 27  
ARG CD  HD2  sing N N 28  
ARG CD  HD3  sing N N 29  
ARG NE  CZ   sing N N 30  
ARG NE  HE   sing N N 31  
ARG CZ  NH1  sing N N 32  
ARG CZ  NH2  doub N N 33  
ARG NH1 HH11 sing N N 34  
ARG NH1 HH12 sing N N 35  
ARG NH2 HH21 sing N N 36  
ARG NH2 HH22 sing N N 37  
ARG OXT HXT  sing N N 38  
ASN N   CA   sing N N 39  
ASN N   H    sing N N 40  
ASN N   H2   sing N N 41  
ASN CA  C    sing N N 42  
ASN CA  CB   sing N N 43  
ASN CA  HA   sing N N 44  
ASN C   O    doub N N 45  
ASN C   OXT  sing N N 46  
ASN CB  CG   sing N N 47  
ASN CB  HB2  sing N N 48  
ASN CB  HB3  sing N N 49  
ASN CG  OD1  doub N N 50  
ASN CG  ND2  sing N N 51  
ASN ND2 HD21 sing N N 52  
ASN ND2 HD22 sing N N 53  
ASN OXT HXT  sing N N 54  
ASP N   CA   sing N N 55  
ASP N   H    sing N N 56  
ASP N   H2   sing N N 57  
ASP CA  C    sing N N 58  
ASP CA  CB   sing N N 59  
ASP CA  HA   sing N N 60  
ASP C   O    doub N N 61  
ASP C   OXT  sing N N 62  
ASP CB  CG   sing N N 63  
ASP CB  HB2  sing N N 64  
ASP CB  HB3  sing N N 65  
ASP CG  OD1  doub N N 66  
ASP CG  OD2  sing N N 67  
ASP OD2 HD2  sing N N 68  
ASP OXT HXT  sing N N 69  
CYS N   CA   sing N N 70  
CYS N   H    sing N N 71  
CYS N   H2   sing N N 72  
CYS CA  C    sing N N 73  
CYS CA  CB   sing N N 74  
CYS CA  HA   sing N N 75  
CYS C   O    doub N N 76  
CYS C   OXT  sing N N 77  
CYS CB  SG   sing N N 78  
CYS CB  HB2  sing N N 79  
CYS CB  HB3  sing N N 80  
CYS SG  HG   sing N N 81  
CYS OXT HXT  sing N N 82  
GLN N   CA   sing N N 83  
GLN N   H    sing N N 84  
GLN N   H2   sing N N 85  
GLN CA  C    sing N N 86  
GLN CA  CB   sing N N 87  
GLN CA  HA   sing N N 88  
GLN C   O    doub N N 89  
GLN C   OXT  sing N N 90  
GLN CB  CG   sing N N 91  
GLN CB  HB2  sing N N 92  
GLN CB  HB3  sing N N 93  
GLN CG  CD   sing N N 94  
GLN CG  HG2  sing N N 95  
GLN CG  HG3  sing N N 96  
GLN CD  OE1  doub N N 97  
GLN CD  NE2  sing N N 98  
GLN NE2 HE21 sing N N 99  
GLN NE2 HE22 sing N N 100 
GLN OXT HXT  sing N N 101 
GLU N   CA   sing N N 102 
GLU N   H    sing N N 103 
GLU N   H2   sing N N 104 
GLU CA  C    sing N N 105 
GLU CA  CB   sing N N 106 
GLU CA  HA   sing N N 107 
GLU C   O    doub N N 108 
GLU C   OXT  sing N N 109 
GLU CB  CG   sing N N 110 
GLU CB  HB2  sing N N 111 
GLU CB  HB3  sing N N 112 
GLU CG  CD   sing N N 113 
GLU CG  HG2  sing N N 114 
GLU CG  HG3  sing N N 115 
GLU CD  OE1  doub N N 116 
GLU CD  OE2  sing N N 117 
GLU OE2 HE2  sing N N 118 
GLU OXT HXT  sing N N 119 
GLY N   CA   sing N N 120 
GLY N   H    sing N N 121 
GLY N   H2   sing N N 122 
GLY CA  C    sing N N 123 
GLY CA  HA2  sing N N 124 
GLY CA  HA3  sing N N 125 
GLY C   O    doub N N 126 
GLY C   OXT  sing N N 127 
GLY OXT HXT  sing N N 128 
HIS N   CA   sing N N 129 
HIS N   H    sing N N 130 
HIS N   H2   sing N N 131 
HIS CA  C    sing N N 132 
HIS CA  CB   sing N N 133 
HIS CA  HA   sing N N 134 
HIS C   O    doub N N 135 
HIS C   OXT  sing N N 136 
HIS CB  CG   sing N N 137 
HIS CB  HB2  sing N N 138 
HIS CB  HB3  sing N N 139 
HIS CG  ND1  sing Y N 140 
HIS CG  CD2  doub Y N 141 
HIS ND1 CE1  doub Y N 142 
HIS ND1 HD1  sing N N 143 
HIS CD2 NE2  sing Y N 144 
HIS CD2 HD2  sing N N 145 
HIS CE1 NE2  sing Y N 146 
HIS CE1 HE1  sing N N 147 
HIS NE2 HE2  sing N N 148 
HIS OXT HXT  sing N N 149 
HOH O   H1   sing N N 150 
HOH O   H2   sing N N 151 
ILE N   CA   sing N N 152 
ILE N   H    sing N N 153 
ILE N   H2   sing N N 154 
ILE CA  C    sing N N 155 
ILE CA  CB   sing N N 156 
ILE CA  HA   sing N N 157 
ILE C   O    doub N N 158 
ILE C   OXT  sing N N 159 
ILE CB  CG1  sing N N 160 
ILE CB  CG2  sing N N 161 
ILE CB  HB   sing N N 162 
ILE CG1 CD1  sing N N 163 
ILE CG1 HG12 sing N N 164 
ILE CG1 HG13 sing N N 165 
ILE CG2 HG21 sing N N 166 
ILE CG2 HG22 sing N N 167 
ILE CG2 HG23 sing N N 168 
ILE CD1 HD11 sing N N 169 
ILE CD1 HD12 sing N N 170 
ILE CD1 HD13 sing N N 171 
ILE OXT HXT  sing N N 172 
LEU N   CA   sing N N 173 
LEU N   H    sing N N 174 
LEU N   H2   sing N N 175 
LEU CA  C    sing N N 176 
LEU CA  CB   sing N N 177 
LEU CA  HA   sing N N 178 
LEU C   O    doub N N 179 
LEU C   OXT  sing N N 180 
LEU CB  CG   sing N N 181 
LEU CB  HB2  sing N N 182 
LEU CB  HB3  sing N N 183 
LEU CG  CD1  sing N N 184 
LEU CG  CD2  sing N N 185 
LEU CG  HG   sing N N 186 
LEU CD1 HD11 sing N N 187 
LEU CD1 HD12 sing N N 188 
LEU CD1 HD13 sing N N 189 
LEU CD2 HD21 sing N N 190 
LEU CD2 HD22 sing N N 191 
LEU CD2 HD23 sing N N 192 
LEU OXT HXT  sing N N 193 
LYS N   CA   sing N N 194 
LYS N   H    sing N N 195 
LYS N   H2   sing N N 196 
LYS CA  C    sing N N 197 
LYS CA  CB   sing N N 198 
LYS CA  HA   sing N N 199 
LYS C   O    doub N N 200 
LYS C   OXT  sing N N 201 
LYS CB  CG   sing N N 202 
LYS CB  HB2  sing N N 203 
LYS CB  HB3  sing N N 204 
LYS CG  CD   sing N N 205 
LYS CG  HG2  sing N N 206 
LYS CG  HG3  sing N N 207 
LYS CD  CE   sing N N 208 
LYS CD  HD2  sing N N 209 
LYS CD  HD3  sing N N 210 
LYS CE  NZ   sing N N 211 
LYS CE  HE2  sing N N 212 
LYS CE  HE3  sing N N 213 
LYS NZ  HZ1  sing N N 214 
LYS NZ  HZ2  sing N N 215 
LYS NZ  HZ3  sing N N 216 
LYS OXT HXT  sing N N 217 
MET N   CA   sing N N 218 
MET N   H    sing N N 219 
MET N   H2   sing N N 220 
MET CA  C    sing N N 221 
MET CA  CB   sing N N 222 
MET CA  HA   sing N N 223 
MET C   O    doub N N 224 
MET C   OXT  sing N N 225 
MET CB  CG   sing N N 226 
MET CB  HB2  sing N N 227 
MET CB  HB3  sing N N 228 
MET CG  SD   sing N N 229 
MET CG  HG2  sing N N 230 
MET CG  HG3  sing N N 231 
MET SD  CE   sing N N 232 
MET CE  HE1  sing N N 233 
MET CE  HE2  sing N N 234 
MET CE  HE3  sing N N 235 
MET OXT HXT  sing N N 236 
PHE N   CA   sing N N 237 
PHE N   H    sing N N 238 
PHE N   H2   sing N N 239 
PHE CA  C    sing N N 240 
PHE CA  CB   sing N N 241 
PHE CA  HA   sing N N 242 
PHE C   O    doub N N 243 
PHE C   OXT  sing N N 244 
PHE CB  CG   sing N N 245 
PHE CB  HB2  sing N N 246 
PHE CB  HB3  sing N N 247 
PHE CG  CD1  doub Y N 248 
PHE CG  CD2  sing Y N 249 
PHE CD1 CE1  sing Y N 250 
PHE CD1 HD1  sing N N 251 
PHE CD2 CE2  doub Y N 252 
PHE CD2 HD2  sing N N 253 
PHE CE1 CZ   doub Y N 254 
PHE CE1 HE1  sing N N 255 
PHE CE2 CZ   sing Y N 256 
PHE CE2 HE2  sing N N 257 
PHE CZ  HZ   sing N N 258 
PHE OXT HXT  sing N N 259 
PRO N   CA   sing N N 260 
PRO N   CD   sing N N 261 
PRO N   H    sing N N 262 
PRO CA  C    sing N N 263 
PRO CA  CB   sing N N 264 
PRO CA  HA   sing N N 265 
PRO C   O    doub N N 266 
PRO C   OXT  sing N N 267 
PRO CB  CG   sing N N 268 
PRO CB  HB2  sing N N 269 
PRO CB  HB3  sing N N 270 
PRO CG  CD   sing N N 271 
PRO CG  HG2  sing N N 272 
PRO CG  HG3  sing N N 273 
PRO CD  HD2  sing N N 274 
PRO CD  HD3  sing N N 275 
PRO OXT HXT  sing N N 276 
SER N   CA   sing N N 277 
SER N   H    sing N N 278 
SER N   H2   sing N N 279 
SER CA  C    sing N N 280 
SER CA  CB   sing N N 281 
SER CA  HA   sing N N 282 
SER C   O    doub N N 283 
SER C   OXT  sing N N 284 
SER CB  OG   sing N N 285 
SER CB  HB2  sing N N 286 
SER CB  HB3  sing N N 287 
SER OG  HG   sing N N 288 
SER OXT HXT  sing N N 289 
THR N   CA   sing N N 290 
THR N   H    sing N N 291 
THR N   H2   sing N N 292 
THR CA  C    sing N N 293 
THR CA  CB   sing N N 294 
THR CA  HA   sing N N 295 
THR C   O    doub N N 296 
THR C   OXT  sing N N 297 
THR CB  OG1  sing N N 298 
THR CB  CG2  sing N N 299 
THR CB  HB   sing N N 300 
THR OG1 HG1  sing N N 301 
THR CG2 HG21 sing N N 302 
THR CG2 HG22 sing N N 303 
THR CG2 HG23 sing N N 304 
THR OXT HXT  sing N N 305 
TRP N   CA   sing N N 306 
TRP N   H    sing N N 307 
TRP N   H2   sing N N 308 
TRP CA  C    sing N N 309 
TRP CA  CB   sing N N 310 
TRP CA  HA   sing N N 311 
TRP C   O    doub N N 312 
TRP C   OXT  sing N N 313 
TRP CB  CG   sing N N 314 
TRP CB  HB2  sing N N 315 
TRP CB  HB3  sing N N 316 
TRP CG  CD1  doub Y N 317 
TRP CG  CD2  sing Y N 318 
TRP CD1 NE1  sing Y N 319 
TRP CD1 HD1  sing N N 320 
TRP CD2 CE2  doub Y N 321 
TRP CD2 CE3  sing Y N 322 
TRP NE1 CE2  sing Y N 323 
TRP NE1 HE1  sing N N 324 
TRP CE2 CZ2  sing Y N 325 
TRP CE3 CZ3  doub Y N 326 
TRP CE3 HE3  sing N N 327 
TRP CZ2 CH2  doub Y N 328 
TRP CZ2 HZ2  sing N N 329 
TRP CZ3 CH2  sing Y N 330 
TRP CZ3 HZ3  sing N N 331 
TRP CH2 HH2  sing N N 332 
TRP OXT HXT  sing N N 333 
TYR N   CA   sing N N 334 
TYR N   H    sing N N 335 
TYR N   H2   sing N N 336 
TYR CA  C    sing N N 337 
TYR CA  CB   sing N N 338 
TYR CA  HA   sing N N 339 
TYR C   O    doub N N 340 
TYR C   OXT  sing N N 341 
TYR CB  CG   sing N N 342 
TYR CB  HB2  sing N N 343 
TYR CB  HB3  sing N N 344 
TYR CG  CD1  doub Y N 345 
TYR CG  CD2  sing Y N 346 
TYR CD1 CE1  sing Y N 347 
TYR CD1 HD1  sing N N 348 
TYR CD2 CE2  doub Y N 349 
TYR CD2 HD2  sing N N 350 
TYR CE1 CZ   doub Y N 351 
TYR CE1 HE1  sing N N 352 
TYR CE2 CZ   sing Y N 353 
TYR CE2 HE2  sing N N 354 
TYR CZ  OH   sing N N 355 
TYR OH  HH   sing N N 356 
TYR OXT HXT  sing N N 357 
VAL N   CA   sing N N 358 
VAL N   H    sing N N 359 
VAL N   H2   sing N N 360 
VAL CA  C    sing N N 361 
VAL CA  CB   sing N N 362 
VAL CA  HA   sing N N 363 
VAL C   O    doub N N 364 
VAL C   OXT  sing N N 365 
VAL CB  CG1  sing N N 366 
VAL CB  CG2  sing N N 367 
VAL CB  HB   sing N N 368 
VAL CG1 HG11 sing N N 369 
VAL CG1 HG12 sing N N 370 
VAL CG1 HG13 sing N N 371 
VAL CG2 HG21 sing N N 372 
VAL CG2 HG22 sing N N 373 
VAL CG2 HG23 sing N N 374 
VAL OXT HXT  sing N N 375 
# 
_atom_sites.entry_id                    4DKS 
_atom_sites.fract_transf_matrix[1][1]   -0.00315808 
_atom_sites.fract_transf_matrix[1][2]   -0.00846372 
_atom_sites.fract_transf_matrix[1][3]   0.00975307 
_atom_sites.fract_transf_matrix[2][1]   0.00665789 
_atom_sites.fract_transf_matrix[2][2]   0.00753594 
_atom_sites.fract_transf_matrix[2][3]   0.00869555 
_atom_sites.fract_transf_matrix[3][1]   -0.00866189 
_atom_sites.fract_transf_matrix[3][2]   0.00544086 
_atom_sites.fract_transf_matrix[3][3]   0.00191683 
_atom_sites.fract_transf_vector[1]      0.461380 
_atom_sites.fract_transf_vector[2]      0.168160 
_atom_sites.fract_transf_vector[3]      0.420081 
# 
loop_
_atom_type.symbol 
C 
N 
O 
S 
# 
loop_
_atom_site.group_PDB 
_atom_site.id 
_atom_site.type_symbol 
_atom_site.label_atom_id 
_atom_site.label_alt_id 
_atom_site.label_comp_id 
_atom_site.label_asym_id 
_atom_site.label_entity_id 
_atom_site.label_seq_id 
_atom_site.pdbx_PDB_ins_code 
_atom_site.Cartn_x 
_atom_site.Cartn_y 
_atom_site.Cartn_z 
_atom_site.occupancy 
_atom_site.B_iso_or_equiv 
_atom_site.pdbx_formal_charge 
_atom_site.auth_seq_id 
_atom_site.auth_comp_id 
_atom_site.auth_asym_id 
_atom_site.auth_atom_id 
_atom_site.pdbx_PDB_model_num 
ATOM   1    N N   . ALA A 1 1   ? 8.338   -14.889 -13.645 1.00 106.48 ? 174 ALA A N   1 
ATOM   2    C CA  . ALA A 1 1   ? 9.691   -15.320 -13.295 1.00 104.62 ? 174 ALA A CA  1 
ATOM   3    C C   . ALA A 1 1   ? 10.125  -14.846 -11.897 1.00 104.11 ? 174 ALA A C   1 
ATOM   4    O O   . ALA A 1 1   ? 11.242  -14.342 -11.733 1.00 103.00 ? 174 ALA A O   1 
ATOM   5    C CB  . ALA A 1 1   ? 10.694  -14.855 -14.362 1.00 87.22  ? 174 ALA A CB  1 
ATOM   6    N N   . ASP A 1 2   ? 9.246   -15.020 -10.902 1.00 97.52  ? 175 ASP A N   1 
ATOM   7    C CA  . ASP A 1 2   ? 9.491   -14.578 -9.515  1.00 89.39  ? 175 ASP A CA  1 
ATOM   8    C C   . ASP A 1 2   ? 8.454   -15.174 -8.552  1.00 79.79  ? 175 ASP A C   1 
ATOM   9    O O   . ASP A 1 2   ? 7.261   -14.868 -8.639  1.00 69.46  ? 175 ASP A O   1 
ATOM   10   C CB  . ASP A 1 2   ? 9.474   -13.051 -9.422  1.00 88.50  ? 175 ASP A CB  1 
ATOM   11   C CG  . ASP A 1 2   ? 10.830  -12.471 -9.058  1.00 95.31  ? 175 ASP A CG  1 
ATOM   12   O OD1 . ASP A 1 2   ? 11.606  -12.142 -9.985  1.00 99.14  ? 175 ASP A OD1 1 
ATOM   13   O OD2 . ASP A 1 2   ? 11.116  -12.337 -7.847  1.00 94.42  ? 175 ASP A OD2 1 
ATOM   14   N N   . ILE A 1 3   ? 8.920   -15.998 -7.617  1.00 75.50  ? 176 ILE A N   1 
ATOM   15   C CA  . ILE A 1 3   ? 8.053   -16.983 -6.954  1.00 71.55  ? 176 ILE A CA  1 
ATOM   16   C C   . ILE A 1 3   ? 6.944   -16.422 -6.071  1.00 63.70  ? 176 ILE A C   1 
ATOM   17   O O   . ILE A 1 3   ? 5.772   -16.814 -6.199  1.00 57.87  ? 176 ILE A O   1 
ATOM   18   C CB  . ILE A 1 3   ? 8.866   -18.029 -6.122  1.00 76.02  ? 176 ILE A CB  1 
ATOM   19   C CG1 . ILE A 1 3   ? 10.005  -18.643 -6.948  1.00 74.81  ? 176 ILE A CG1 1 
ATOM   20   C CG2 . ILE A 1 3   ? 7.941   -19.115 -5.566  1.00 58.75  ? 176 ILE A CG2 1 
ATOM   21   C CD1 . ILE A 1 3   ? 11.325  -17.847 -6.892  1.00 86.48  ? 176 ILE A CD1 1 
ATOM   22   N N   . TYR A 1 4   ? 7.313   -15.514 -5.172  1.00 62.89  ? 177 TYR A N   1 
ATOM   23   C CA  . TYR A 1 4   ? 6.398   -15.104 -4.109  1.00 60.97  ? 177 TYR A CA  1 
ATOM   24   C C   . TYR A 1 4   ? 5.556   -13.888 -4.428  1.00 55.71  ? 177 TYR A C   1 
ATOM   25   O O   . TYR A 1 4   ? 4.899   -13.328 -3.548  1.00 59.03  ? 177 TYR A O   1 
ATOM   26   C CB  . TYR A 1 4   ? 7.140   -14.949 -2.782  1.00 61.07  ? 177 TYR A CB  1 
ATOM   27   C CG  . TYR A 1 4   ? 7.656   -16.281 -2.317  1.00 61.42  ? 177 TYR A CG  1 
ATOM   28   C CD1 . TYR A 1 4   ? 6.887   -17.092 -1.501  1.00 52.61  ? 177 TYR A CD1 1 
ATOM   29   C CD2 . TYR A 1 4   ? 8.887   -16.754 -2.744  1.00 64.45  ? 177 TYR A CD2 1 
ATOM   30   C CE1 . TYR A 1 4   ? 7.336   -18.316 -1.099  1.00 55.52  ? 177 TYR A CE1 1 
ATOM   31   C CE2 . TYR A 1 4   ? 9.347   -17.984 -2.350  1.00 61.67  ? 177 TYR A CE2 1 
ATOM   32   C CZ  . TYR A 1 4   ? 8.568   -18.761 -1.523  1.00 58.85  ? 177 TYR A CZ  1 
ATOM   33   O OH  . TYR A 1 4   ? 9.025   -19.996 -1.120  1.00 60.88  ? 177 TYR A OH  1 
ATOM   34   N N   . ILE A 1 5   ? 5.558   -13.500 -5.694  1.00 50.35  ? 178 ILE A N   1 
ATOM   35   C CA  . ILE A 1 5   ? 4.679   -12.444 -6.148  1.00 55.36  ? 178 ILE A CA  1 
ATOM   36   C C   . ILE A 1 5   ? 3.282   -13.009 -6.364  1.00 54.41  ? 178 ILE A C   1 
ATOM   37   O O   . ILE A 1 5   ? 3.099   -13.909 -7.174  1.00 58.72  ? 178 ILE A O   1 
ATOM   38   C CB  . ILE A 1 5   ? 5.187   -11.810 -7.452  1.00 55.10  ? 178 ILE A CB  1 
ATOM   39   C CG1 . ILE A 1 5   ? 6.594   -11.250 -7.250  1.00 55.09  ? 178 ILE A CG1 1 
ATOM   40   C CG2 . ILE A 1 5   ? 4.246   -10.713 -7.901  1.00 51.34  ? 178 ILE A CG2 1 
ATOM   41   C CD1 . ILE A 1 5   ? 7.158   -10.584 -8.469  1.00 56.43  ? 178 ILE A CD1 1 
ATOM   42   N N   . PRO A 1 6   ? 2.291   -12.485 -5.626  1.00 55.77  ? 179 PRO A N   1 
ATOM   43   C CA  . PRO A 1 6   ? 0.893   -12.889 -5.803  1.00 54.25  ? 179 PRO A CA  1 
ATOM   44   C C   . PRO A 1 6   ? 0.377   -12.531 -7.191  1.00 60.22  ? 179 PRO A C   1 
ATOM   45   O O   . PRO A 1 6   ? 1.008   -11.772 -7.930  1.00 56.20  ? 179 PRO A O   1 
ATOM   46   C CB  . PRO A 1 6   ? 0.145   -12.049 -4.761  1.00 50.22  ? 179 PRO A CB  1 
ATOM   47   C CG  . PRO A 1 6   ? 1.176   -11.658 -3.766  1.00 47.11  ? 179 PRO A CG  1 
ATOM   48   C CD  . PRO A 1 6   ? 2.448   -11.510 -4.532  1.00 51.22  ? 179 PRO A CD  1 
ATOM   49   N N   . THR A 1 7   ? -0.779  -13.082 -7.535  1.00 63.22  ? 180 THR A N   1 
ATOM   50   C CA  . THR A 1 7   ? -1.448  -12.719 -8.768  1.00 60.60  ? 180 THR A CA  1 
ATOM   51   C C   . THR A 1 7   ? -2.551  -11.751 -8.397  1.00 57.25  ? 180 THR A C   1 
ATOM   52   O O   . THR A 1 7   ? -2.922  -11.642 -7.227  1.00 57.31  ? 180 THR A O   1 
ATOM   53   C CB  . THR A 1 7   ? -2.052  -13.956 -9.455  1.00 60.31  ? 180 THR A CB  1 
ATOM   54   O OG1 . THR A 1 7   ? -3.107  -14.494 -8.643  1.00 56.86  ? 180 THR A OG1 1 
ATOM   55   C CG2 . THR A 1 7   ? -0.977  -15.008 -9.666  1.00 48.58  ? 180 THR A CG2 1 
ATOM   56   N N   . LEU A 1 8   ? -3.077  -11.047 -9.387  1.00 59.52  ? 181 LEU A N   1 
ATOM   57   C CA  . LEU A 1 8   ? -4.172  -10.126 -9.139  1.00 60.28  ? 181 LEU A CA  1 
ATOM   58   C C   . LEU A 1 8   ? -5.350  -10.880 -8.530  1.00 60.60  ? 181 LEU A C   1 
ATOM   59   O O   . LEU A 1 8   ? -6.060  -10.361 -7.670  1.00 61.98  ? 181 LEU A O   1 
ATOM   60   C CB  . LEU A 1 8   ? -4.601  -9.458  -10.441 1.00 59.74  ? 181 LEU A CB  1 
ATOM   61   C CG  . LEU A 1 8   ? -4.974  -7.970  -10.413 1.00 66.46  ? 181 LEU A CG  1 
ATOM   62   C CD1 . LEU A 1 8   ? -5.796  -7.620  -11.647 1.00 62.25  ? 181 LEU A CD1 1 
ATOM   63   C CD2 . LEU A 1 8   ? -5.689  -7.536  -9.127  1.00 58.02  ? 181 LEU A CD2 1 
ATOM   64   N N   . GLU A 1 9   ? -5.539  -12.117 -8.972  1.00 61.89  ? 182 GLU A N   1 
ATOM   65   C CA  . GLU A 1 9   ? -6.680  -12.924 -8.557  1.00 62.34  ? 182 GLU A CA  1 
ATOM   66   C C   . GLU A 1 9   ? -6.569  -13.308 -7.084  1.00 63.12  ? 182 GLU A C   1 
ATOM   67   O O   . GLU A 1 9   ? -7.536  -13.180 -6.325  1.00 57.29  ? 182 GLU A O   1 
ATOM   68   C CB  . GLU A 1 9   ? -6.790  -14.169 -9.436  1.00 62.61  ? 182 GLU A CB  1 
ATOM   69   C CG  . GLU A 1 9   ? -7.186  -13.882 -10.890 1.00 71.12  ? 182 GLU A CG  1 
ATOM   70   C CD  . GLU A 1 9   ? -6.149  -13.054 -11.656 1.00 80.30  ? 182 GLU A CD  1 
ATOM   71   O OE1 . GLU A 1 9   ? -4.946  -13.418 -11.640 1.00 80.02  ? 182 GLU A OE1 1 
ATOM   72   O OE2 . GLU A 1 9   ? -6.538  -12.025 -12.265 1.00 77.58  ? 182 GLU A OE2 1 
ATOM   73   N N   . GLU A 1 10  ? -5.382  -13.766 -6.689  1.00 58.80  ? 183 GLU A N   1 
ATOM   74   C CA  . GLU A 1 10  ? -5.117  -14.121 -5.295  1.00 59.66  ? 183 GLU A CA  1 
ATOM   75   C C   . GLU A 1 10  ? -5.267  -12.919 -4.371  1.00 57.58  ? 183 GLU A C   1 
ATOM   76   O O   . GLU A 1 10  ? -5.743  -13.039 -3.242  1.00 59.28  ? 183 GLU A O   1 
ATOM   77   C CB  . GLU A 1 10  ? -3.719  -14.712 -5.157  1.00 60.76  ? 183 GLU A CB  1 
ATOM   78   C CG  . GLU A 1 10  ? -3.548  -16.028 -5.890  1.00 65.27  ? 183 GLU A CG  1 
ATOM   79   C CD  . GLU A 1 10  ? -2.092  -16.447 -6.032  1.00 72.78  ? 183 GLU A CD  1 
ATOM   80   O OE1 . GLU A 1 10  ? -1.193  -15.683 -5.603  1.00 68.13  ? 183 GLU A OE1 1 
ATOM   81   O OE2 . GLU A 1 10  ? -1.850  -17.548 -6.579  1.00 78.67  ? 183 GLU A OE2 1 
ATOM   82   N N   . ILE A 1 11  ? -4.856  -11.756 -4.858  1.00 56.40  ? 184 ILE A N   1 
ATOM   83   C CA  . ILE A 1 11  ? -5.004  -10.524 -4.105  1.00 55.41  ? 184 ILE A CA  1 
ATOM   84   C C   . ILE A 1 11  ? -6.461  -10.106 -4.018  1.00 57.38  ? 184 ILE A C   1 
ATOM   85   O O   . ILE A 1 11  ? -6.950  -9.766  -2.941  1.00 60.39  ? 184 ILE A O   1 
ATOM   86   C CB  . ILE A 1 11  ? -4.144  -9.408  -4.706  1.00 51.42  ? 184 ILE A CB  1 
ATOM   87   C CG1 . ILE A 1 11  ? -2.790  -9.420  -4.015  1.00 51.67  ? 184 ILE A CG1 1 
ATOM   88   C CG2 . ILE A 1 11  ? -4.795  -8.048  -4.510  1.00 47.30  ? 184 ILE A CG2 1 
ATOM   89   C CD1 . ILE A 1 11  ? -1.804  -8.575  -4.657  1.00 55.48  ? 184 ILE A CD1 1 
ATOM   90   N N   . LYS A 1 12  ? -7.142  -10.147 -5.157  1.00 58.71  ? 185 LYS A N   1 
ATOM   91   C CA  . LYS A 1 12  ? -8.570  -9.875  -5.237  1.00 63.03  ? 185 LYS A CA  1 
ATOM   92   C C   . LYS A 1 12  ? -9.326  -10.711 -4.192  1.00 62.16  ? 185 LYS A C   1 
ATOM   93   O O   . LYS A 1 12  ? -10.170 -10.200 -3.455  1.00 58.04  ? 185 LYS A O   1 
ATOM   94   C CB  . LYS A 1 12  ? -9.050  -10.189 -6.658  1.00 68.10  ? 185 LYS A CB  1 
ATOM   95   C CG  . LYS A 1 12  ? -10.376 -9.572  -7.070  1.00 81.84  ? 185 LYS A CG  1 
ATOM   96   C CD  . LYS A 1 12  ? -10.699 -9.875  -8.547  1.00 97.13  ? 185 LYS A CD  1 
ATOM   97   C CE  . LYS A 1 12  ? -10.784 -11.394 -8.857  1.00 95.10  ? 185 LYS A CE  1 
ATOM   98   N NZ  . LYS A 1 12  ? -11.779 -12.156 -8.025  1.00 86.62  ? 185 LYS A NZ  1 
ATOM   99   N N   . ARG A 1 13  ? -8.970  -11.990 -4.111  1.00 61.39  ? 186 ARG A N   1 
ATOM   100  C CA  . ARG A 1 13  ? -9.594  -12.933 -3.189  1.00 59.73  ? 186 ARG A CA  1 
ATOM   101  C C   . ARG A 1 13  ? -9.309  -12.618 -1.716  1.00 60.35  ? 186 ARG A C   1 
ATOM   102  O O   . ARG A 1 13  ? -10.212 -12.695 -0.878  1.00 60.07  ? 186 ARG A O   1 
ATOM   103  C CB  . ARG A 1 13  ? -9.148  -14.355 -3.548  1.00 63.18  ? 186 ARG A CB  1 
ATOM   104  C CG  . ARG A 1 13  ? -9.538  -15.422 -2.550  1.00 71.89  ? 186 ARG A CG  1 
ATOM   105  C CD  . ARG A 1 13  ? -8.808  -16.742 -2.845  1.00 73.01  ? 186 ARG A CD  1 
ATOM   106  N NE  . ARG A 1 13  ? -8.998  -17.717 -1.770  1.00 82.45  ? 186 ARG A NE  1 
ATOM   107  C CZ  . ARG A 1 13  ? -8.060  -18.061 -0.886  1.00 89.03  ? 186 ARG A CZ  1 
ATOM   108  N NH1 . ARG A 1 13  ? -6.845  -17.515 -0.954  1.00 83.48  ? 186 ARG A NH1 1 
ATOM   109  N NH2 . ARG A 1 13  ? -8.331  -18.958 0.063   1.00 79.84  ? 186 ARG A NH2 1 
ATOM   110  N N   . THR A 1 14  ? -8.060  -12.273 -1.398  1.00 56.68  ? 187 THR A N   1 
ATOM   111  C CA  . THR A 1 14  ? -7.702  -11.911 -0.024  1.00 56.85  ? 187 THR A CA  1 
ATOM   112  C C   . THR A 1 14  ? -8.471  -10.681 0.414   1.00 56.68  ? 187 THR A C   1 
ATOM   113  O O   . THR A 1 14  ? -8.927  -10.603 1.557   1.00 58.87  ? 187 THR A O   1 
ATOM   114  C CB  . THR A 1 14  ? -6.177  -11.618 0.179   1.00 57.01  ? 187 THR A CB  1 
ATOM   115  O OG1 . THR A 1 14  ? -5.382  -12.677 -0.370  1.00 59.14  ? 187 THR A OG1 1 
ATOM   116  N N   . LEU A 1 15  ? -8.600  -9.709  -0.487  1.00 55.35  ? 188 LEU A N   1 
ATOM   117  C CA  . LEU A 1 15  ? -9.338  -8.485  -0.164  1.00 59.96  ? 188 LEU A CA  1 
ATOM   118  C C   . LEU A 1 15  ? -10.787 -8.782  0.225   1.00 62.03  ? 188 LEU A C   1 
ATOM   119  O O   . LEU A 1 15  ? -11.306 -8.230  1.208   1.00 58.82  ? 188 LEU A O   1 
ATOM   120  C CB  . LEU A 1 15  ? -9.299  -7.494  -1.327  1.00 55.01  ? 188 LEU A CB  1 
ATOM   121  C CG  . LEU A 1 15  ? -8.045  -6.629  -1.503  1.00 55.65  ? 188 LEU A CG  1 
ATOM   122  C CD1 . LEU A 1 15  ? -8.225  -5.716  -2.686  1.00 56.24  ? 188 LEU A CD1 1 
ATOM   123  C CD2 . LEU A 1 15  ? -7.727  -5.813  -0.258  1.00 51.60  ? 188 LEU A CD2 1 
ATOM   124  N N   . GLN A 1 16  ? -11.420 -9.664  -0.550  1.00 59.36  ? 189 GLN A N   1 
ATOM   125  C CA  . GLN A 1 16  ? -12.807 -10.045 -0.350  1.00 60.61  ? 189 GLN A CA  1 
ATOM   126  C C   . GLN A 1 16  ? -12.966 -10.804 0.962   1.00 61.82  ? 189 GLN A C   1 
ATOM   127  O O   . GLN A 1 16  ? -13.870 -10.522 1.756   1.00 59.63  ? 189 GLN A O   1 
ATOM   128  C CB  . GLN A 1 16  ? -13.268 -10.898 -1.520  1.00 66.03  ? 189 GLN A CB  1 
ATOM   129  C CG  . GLN A 1 16  ? -14.717 -11.329 -1.466  1.00 74.00  ? 189 GLN A CG  1 
ATOM   130  C CD  . GLN A 1 16  ? -15.006 -12.430 -2.478  1.00 94.59  ? 189 GLN A CD  1 
ATOM   131  O OE1 . GLN A 1 16  ? -14.093 -13.160 -2.891  1.00 89.77  ? 189 GLN A OE1 1 
ATOM   132  N NE2 . GLN A 1 16  ? -16.272 -12.553 -2.890  1.00 94.92  ? 189 GLN A NE2 1 
ATOM   133  N N   . LEU A 1 17  ? -12.068 -11.756 1.187   1.00 57.96  ? 190 LEU A N   1 
ATOM   134  C CA  . LEU A 1 17  ? -12.022 -12.488 2.444   1.00 58.74  ? 190 LEU A CA  1 
ATOM   135  C C   . LEU A 1 17  ? -11.863 -11.554 3.638   1.00 55.43  ? 190 LEU A C   1 
ATOM   136  O O   . LEU A 1 17  ? -12.394 -11.810 4.715   1.00 62.27  ? 190 LEU A O   1 
ATOM   137  C CB  . LEU A 1 17  ? -10.875 -13.500 2.422   1.00 60.54  ? 190 LEU A CB  1 
ATOM   138  C CG  . LEU A 1 17  ? -11.120 -14.778 1.624   1.00 62.55  ? 190 LEU A CG  1 
ATOM   139  C CD1 . LEU A 1 17  ? -9.811  -15.503 1.350   1.00 70.08  ? 190 LEU A CD1 1 
ATOM   140  C CD2 . LEU A 1 17  ? -12.084 -15.678 2.376   1.00 58.17  ? 190 LEU A CD2 1 
ATOM   141  N N   . ALA A 1 18  ? -11.125 -10.470 3.453   1.00 56.57  ? 191 ALA A N   1 
ATOM   142  C CA  . ALA A 1 18  ? -10.909 -9.538  4.553   1.00 59.07  ? 191 ALA A CA  1 
ATOM   143  C C   . ALA A 1 18  ? -12.128 -8.649  4.737   1.00 57.07  ? 191 ALA A C   1 
ATOM   144  O O   . ALA A 1 18  ? -12.447 -8.257  5.856   1.00 53.60  ? 191 ALA A O   1 
ATOM   145  C CB  . ALA A 1 18  ? -9.643  -8.702  4.323   1.00 54.46  ? 191 ALA A CB  1 
ATOM   146  N N   . LYS A 1 19  ? -12.799 -8.340  3.628   1.00 60.91  ? 192 LYS A N   1 
ATOM   147  C CA  . LYS A 1 19  ? -14.009 -7.525  3.647   1.00 61.45  ? 192 LYS A CA  1 
ATOM   148  C C   . LYS A 1 19  ? -15.140 -8.241  4.379   1.00 64.36  ? 192 LYS A C   1 
ATOM   149  O O   . LYS A 1 19  ? -15.887 -7.628  5.151   1.00 63.80  ? 192 LYS A O   1 
ATOM   150  C CB  . LYS A 1 19  ? -14.445 -7.185  2.221   1.00 61.58  ? 192 LYS A CB  1 
ATOM   151  C CG  . LYS A 1 19  ? -15.473 -6.053  2.145   1.00 56.51  ? 192 LYS A CG  1 
ATOM   152  C CD  . LYS A 1 19  ? -15.600 -5.518  0.727   1.00 54.17  ? 192 LYS A CD  1 
ATOM   153  C CE  . LYS A 1 19  ? -15.533 -3.991  0.702   1.00 64.41  ? 192 LYS A CE  1 
ATOM   154  N NZ  . LYS A 1 19  ? -16.411 -3.338  1.737   1.00 66.75  ? 192 LYS A NZ  1 
ATOM   155  N N   . ASP A 1 20  ? -15.257 -9.541  4.133   1.00 61.55  ? 193 ASP A N   1 
ATOM   156  C CA  . ASP A 1 20  ? -16.246 -10.373 4.813   1.00 63.38  ? 193 ASP A CA  1 
ATOM   157  C C   . ASP A 1 20  ? -15.950 -10.512 6.315   1.00 67.16  ? 193 ASP A C   1 
ATOM   158  O O   . ASP A 1 20  ? -16.870 -10.556 7.139   1.00 66.07  ? 193 ASP A O   1 
ATOM   159  C CB  . ASP A 1 20  ? -16.321 -11.755 4.151   1.00 66.93  ? 193 ASP A CB  1 
ATOM   160  C CG  . ASP A 1 20  ? -16.682 -11.677 2.663   1.00 75.65  ? 193 ASP A CG  1 
ATOM   161  O OD1 . ASP A 1 20  ? -17.210 -10.625 2.221   1.00 75.61  ? 193 ASP A OD1 1 
ATOM   162  O OD2 . ASP A 1 20  ? -16.436 -12.670 1.935   1.00 72.99  ? 193 ASP A OD2 1 
ATOM   163  N N   . TYR A 1 21  ? -14.663 -10.571 6.658   1.00 61.23  ? 194 TYR A N   1 
ATOM   164  C CA  . TYR A 1 21  ? -14.215 -10.678 8.046   1.00 57.65  ? 194 TYR A CA  1 
ATOM   165  C C   . TYR A 1 21  ? -14.364 -9.373  8.861   1.00 57.47  ? 194 TYR A C   1 
ATOM   166  O O   . TYR A 1 21  ? -14.859 -9.392  9.983   1.00 60.81  ? 194 TYR A O   1 
ATOM   167  C CB  . TYR A 1 21  ? -12.767 -11.193 8.071   1.00 61.82  ? 194 TYR A CB  1 
ATOM   168  C CG  . TYR A 1 21  ? -12.121 -11.373 9.443   1.00 67.94  ? 194 TYR A CG  1 
ATOM   169  C CD1 . TYR A 1 21  ? -12.025 -12.635 10.036  1.00 68.58  ? 194 TYR A CD1 1 
ATOM   170  C CD2 . TYR A 1 21  ? -11.564 -10.292 10.123  1.00 60.76  ? 194 TYR A CD2 1 
ATOM   171  C CE1 . TYR A 1 21  ? -11.417 -12.806 11.281  1.00 70.47  ? 194 TYR A CE1 1 
ATOM   172  C CE2 . TYR A 1 21  ? -10.959 -10.452 11.359  1.00 68.27  ? 194 TYR A CE2 1 
ATOM   173  C CZ  . TYR A 1 21  ? -10.887 -11.708 11.939  1.00 73.99  ? 194 TYR A CZ  1 
ATOM   174  O OH  . TYR A 1 21  ? -10.279 -11.857 13.173  1.00 72.72  ? 194 TYR A OH  1 
ATOM   175  N N   . SER A 1 22  ? -13.937 -8.245  8.308   1.00 58.34  ? 195 SER A N   1 
ATOM   176  C CA  . SER A 1 22  ? -13.884 -7.010  9.090   1.00 62.02  ? 195 SER A CA  1 
ATOM   177  C C   . SER A 1 22  ? -13.682 -5.814  8.184   1.00 62.92  ? 195 SER A C   1 
ATOM   178  O O   . SER A 1 22  ? -13.083 -5.927  7.124   1.00 71.60  ? 195 SER A O   1 
ATOM   179  C CB  . SER A 1 22  ? -12.735 -7.067  10.104  1.00 60.72  ? 195 SER A CB  1 
ATOM   180  O OG  . SER A 1 22  ? -12.773 -5.975  11.004  1.00 59.05  ? 195 SER A OG  1 
ATOM   181  N N   . GLU A 1 23  ? -14.164 -4.658  8.602   1.00 58.67  ? 196 GLU A N   1 
ATOM   182  C CA  . GLU A 1 23  ? -14.042 -3.471  7.774   1.00 65.30  ? 196 GLU A CA  1 
ATOM   183  C C   . GLU A 1 23  ? -12.704 -2.807  8.077   1.00 64.05  ? 196 GLU A C   1 
ATOM   184  O O   . GLU A 1 23  ? -12.100 -2.142  7.228   1.00 59.89  ? 196 GLU A O   1 
ATOM   185  C CB  . GLU A 1 23  ? -15.215 -2.520  8.034   1.00 65.29  ? 196 GLU A CB  1 
ATOM   186  C CG  . GLU A 1 23  ? -16.610 -3.143  7.755   1.00 85.60  ? 196 GLU A CG  1 
ATOM   187  C CD  . GLU A 1 23  ? -17.064 -4.189  8.806   1.00 90.91  ? 196 GLU A CD  1 
ATOM   188  O OE1 . GLU A 1 23  ? -17.168 -3.839  10.009  1.00 81.13  ? 196 GLU A OE1 1 
ATOM   189  O OE2 . GLU A 1 23  ? -17.317 -5.362  8.422   1.00 82.97  ? 196 GLU A OE2 1 
ATOM   190  N N   . ASN A 1 24  ? -12.244 -3.008  9.303   1.00 55.69  ? 197 ASN A N   1 
ATOM   191  C CA  . ASN A 1 24  ? -10.974 -2.470  9.734   1.00 56.31  ? 197 ASN A CA  1 
ATOM   192  C C   . ASN A 1 24  ? -9.813  -3.184  9.069   1.00 57.55  ? 197 ASN A C   1 
ATOM   193  O O   . ASN A 1 24  ? -8.844  -2.558  8.638   1.00 51.75  ? 197 ASN A O   1 
ATOM   194  C CB  . ASN A 1 24  ? -10.855 -2.594  11.248  1.00 59.34  ? 197 ASN A CB  1 
ATOM   195  C CG  . ASN A 1 24  ? -11.398 -1.384  11.964  1.00 61.40  ? 197 ASN A CG  1 
ATOM   196  O OD1 . ASN A 1 24  ? -12.040 -0.532  11.349  1.00 51.28  ? 197 ASN A OD1 1 
ATOM   197  N ND2 . ASN A 1 24  ? -11.137 -1.293  13.270  1.00 59.87  ? 197 ASN A ND2 1 
ATOM   198  N N   . VAL A 1 25  ? -9.914  -4.507  9.003   1.00 55.57  ? 198 VAL A N   1 
ATOM   199  C CA  . VAL A 1 25  ? -8.864  -5.328  8.431   1.00 51.58  ? 198 VAL A CA  1 
ATOM   200  C C   . VAL A 1 25  ? -8.830  -5.133  6.924   1.00 47.78  ? 198 VAL A C   1 
ATOM   201  O O   . VAL A 1 25  ? -7.757  -5.045  6.313   1.00 45.69  ? 198 VAL A O   1 
ATOM   202  C CB  . VAL A 1 25  ? -9.082  -6.817  8.775   1.00 54.42  ? 198 VAL A CB  1 
ATOM   203  C CG1 . VAL A 1 25  ? -8.062  -7.694  8.075   1.00 45.93  ? 198 VAL A CG1 1 
ATOM   204  C CG2 . VAL A 1 25  ? -9.023  -7.012  10.274  1.00 46.87  ? 198 VAL A CG2 1 
ATOM   205  N N   . TYR A 1 26  ? -10.014 -5.055  6.327   1.00 50.12  ? 199 TYR A N   1 
ATOM   206  C CA  . TYR A 1 26  ? -10.119 -4.841  4.891   1.00 51.02  ? 199 TYR A CA  1 
ATOM   207  C C   . TYR A 1 26  ? -9.447  -3.528  4.491   1.00 43.89  ? 199 TYR A C   1 
ATOM   208  O O   . TYR A 1 26  ? -8.821  -3.425  3.442   1.00 43.97  ? 199 TYR A O   1 
ATOM   209  C CB  . TYR A 1 26  ? -11.587 -4.836  4.445   1.00 50.71  ? 199 TYR A CB  1 
ATOM   210  C CG  . TYR A 1 26  ? -11.770 -4.213  3.079   1.00 52.39  ? 199 TYR A CG  1 
ATOM   211  C CD1 . TYR A 1 26  ? -11.484 -4.931  1.924   1.00 51.24  ? 199 TYR A CD1 1 
ATOM   212  C CD2 . TYR A 1 26  ? -12.196 -2.894  2.945   1.00 52.44  ? 199 TYR A CD2 1 
ATOM   213  C CE1 . TYR A 1 26  ? -11.632 -4.359  0.676   1.00 52.75  ? 199 TYR A CE1 1 
ATOM   214  C CE2 . TYR A 1 26  ? -12.337 -2.309  1.700   1.00 50.99  ? 199 TYR A CE2 1 
ATOM   215  C CZ  . TYR A 1 26  ? -12.060 -3.045  0.569   1.00 54.72  ? 199 TYR A CZ  1 
ATOM   216  O OH  . TYR A 1 26  ? -12.215 -2.465  -0.670  1.00 54.42  ? 199 TYR A OH  1 
ATOM   217  N N   . PHE A 1 27  ? -9.587  -2.527  5.346   1.00 41.75  ? 200 PHE A N   1 
ATOM   218  C CA  . PHE A 1 27  ? -9.071  -1.203  5.066   1.00 47.29  ? 200 PHE A CA  1 
ATOM   219  C C   . PHE A 1 27  ? -7.542  -1.200  5.074   1.00 45.54  ? 200 PHE A C   1 
ATOM   220  O O   . PHE A 1 27  ? -6.891  -0.469  4.327   1.00 44.86  ? 200 PHE A O   1 
ATOM   221  C CB  . PHE A 1 27  ? -9.615  -0.208  6.091   1.00 48.10  ? 200 PHE A CB  1 
ATOM   222  C CG  . PHE A 1 27  ? -9.201  1.192   5.829   1.00 50.16  ? 200 PHE A CG  1 
ATOM   223  C CD1 . PHE A 1 27  ? -9.724  1.889   4.745   1.00 51.43  ? 200 PHE A CD1 1 
ATOM   224  C CD2 . PHE A 1 27  ? -8.264  1.812   6.637   1.00 49.18  ? 200 PHE A CD2 1 
ATOM   225  C CE1 . PHE A 1 27  ? -9.330  3.193   4.475   1.00 48.64  ? 200 PHE A CE1 1 
ATOM   226  C CE2 . PHE A 1 27  ? -7.870  3.114   6.381   1.00 46.41  ? 200 PHE A CE2 1 
ATOM   227  C CZ  . PHE A 1 27  ? -8.402  3.803   5.295   1.00 50.75  ? 200 PHE A CZ  1 
ATOM   228  N N   . ILE A 1 28  ? -6.978  -2.039  5.920   1.00 43.25  ? 201 ILE A N   1 
ATOM   229  C CA  . ILE A 1 28  ? -5.541  -2.159  6.023   1.00 42.78  ? 201 ILE A CA  1 
ATOM   230  C C   . ILE A 1 28  ? -4.944  -2.855  4.805   1.00 40.13  ? 201 ILE A C   1 
ATOM   231  O O   . ILE A 1 28  ? -3.942  -2.394  4.256   1.00 39.13  ? 201 ILE A O   1 
ATOM   232  C CB  . ILE A 1 28  ? -5.188  -2.902  7.298   1.00 45.33  ? 201 ILE A CB  1 
ATOM   233  C CG1 . ILE A 1 28  ? -5.511  -2.003  8.482   1.00 47.38  ? 201 ILE A CG1 1 
ATOM   234  C CG2 . ILE A 1 28  ? -3.725  -3.311  7.304   1.00 46.15  ? 201 ILE A CG2 1 
ATOM   235  C CD1 . ILE A 1 28  ? -5.323  -2.670  9.775   1.00 54.22  ? 201 ILE A CD1 1 
ATOM   236  N N   . TYR A 1 29  ? -5.561  -3.953  4.380   1.00 39.37  ? 202 TYR A N   1 
ATOM   237  C CA  . TYR A 1 29  ? -5.136  -4.633  3.162   1.00 37.33  ? 202 TYR A CA  1 
ATOM   238  C C   . TYR A 1 29  ? -5.272  -3.713  1.961   1.00 39.87  ? 202 TYR A C   1 
ATOM   239  O O   . TYR A 1 29  ? -4.427  -3.709  1.061   1.00 38.42  ? 202 TYR A O   1 
ATOM   240  C CB  . TYR A 1 29  ? -5.946  -5.906  2.941   1.00 37.34  ? 202 TYR A CB  1 
ATOM   241  C CG  . TYR A 1 29  ? -5.395  -7.113  3.658   1.00 45.60  ? 202 TYR A CG  1 
ATOM   242  C CD1 . TYR A 1 29  ? -5.722  -7.376  4.985   1.00 45.88  ? 202 TYR A CD1 1 
ATOM   243  C CD2 . TYR A 1 29  ? -4.533  -7.988  3.016   1.00 51.86  ? 202 TYR A CD2 1 
ATOM   244  C CE1 . TYR A 1 29  ? -5.212  -8.481  5.642   1.00 42.11  ? 202 TYR A CE1 1 
ATOM   245  C CE2 . TYR A 1 29  ? -4.019  -9.096  3.663   1.00 50.63  ? 202 TYR A CE2 1 
ATOM   246  C CZ  . TYR A 1 29  ? -4.365  -9.340  4.974   1.00 52.35  ? 202 TYR A CZ  1 
ATOM   247  O OH  . TYR A 1 29  ? -3.845  -10.448 5.609   1.00 62.74  ? 202 TYR A OH  1 
ATOM   248  N N   . ARG A 1 30  ? -6.337  -2.921  1.963   1.00 41.05  ? 203 ARG A N   1 
ATOM   249  C CA  . ARG A 1 30  ? -6.591  -1.988  0.876   1.00 42.90  ? 203 ARG A CA  1 
ATOM   250  C C   . ARG A 1 30  ? -5.437  -0.998  0.754   1.00 37.91  ? 203 ARG A C   1 
ATOM   251  O O   . ARG A 1 30  ? -4.899  -0.796  -0.330  1.00 38.35  ? 203 ARG A O   1 
ATOM   252  C CB  . ARG A 1 30  ? -7.921  -1.269  1.098   1.00 47.39  ? 203 ARG A CB  1 
ATOM   253  C CG  . ARG A 1 30  ? -8.489  -0.523  -0.114  1.00 49.62  ? 203 ARG A CG  1 
ATOM   254  C CD  . ARG A 1 30  ? -9.737  0.241   0.333   1.00 58.40  ? 203 ARG A CD  1 
ATOM   255  N NE  . ARG A 1 30  ? -10.196 1.265   -0.601  1.00 57.67  ? 203 ARG A NE  1 
ATOM   256  C CZ  . ARG A 1 30  ? -11.344 1.215   -1.272  1.00 54.18  ? 203 ARG A CZ  1 
ATOM   257  N NH1 . ARG A 1 30  ? -12.156 0.185   -1.127  1.00 53.62  ? 203 ARG A NH1 1 
ATOM   258  N NH2 . ARG A 1 30  ? -11.683 2.206   -2.088  1.00 59.48  ? 203 ARG A NH2 1 
ATOM   259  N N   . ILE A 1 31  ? -5.028  -0.421  1.877   1.00 35.58  ? 204 ILE A N   1 
ATOM   260  C CA  . ILE A 1 31  ? -3.902  0.513   1.884   1.00 38.00  ? 204 ILE A CA  1 
ATOM   261  C C   . ILE A 1 31  ? -2.568  -0.148  1.540   1.00 41.44  ? 204 ILE A C   1 
ATOM   262  O O   . ILE A 1 31  ? -1.766  0.411   0.791   1.00 38.72  ? 204 ILE A O   1 
ATOM   263  C CB  . ILE A 1 31  ? -3.799  1.233   3.217   1.00 37.21  ? 204 ILE A CB  1 
ATOM   264  C CG1 . ILE A 1 31  ? -5.011  2.142   3.387   1.00 40.62  ? 204 ILE A CG1 1 
ATOM   265  C CG2 . ILE A 1 31  ? -2.500  2.050   3.295   1.00 36.29  ? 204 ILE A CG2 1 
ATOM   266  C CD1 . ILE A 1 31  ? -5.017  2.839   4.686   1.00 51.86  ? 204 ILE A CD1 1 
ATOM   267  N N   . ALA A 1 32  ? -2.346  -1.342  2.083   1.00 38.97  ? 205 ALA A N   1 
ATOM   268  C CA  . ALA A 1 32  ? -1.230  -2.179  1.671   1.00 37.54  ? 205 ALA A CA  1 
ATOM   269  C C   . ALA A 1 32  ? -1.165  -2.354  0.146   1.00 37.04  ? 205 ALA A C   1 
ATOM   270  O O   . ALA A 1 32  ? -0.094  -2.249  -0.456  1.00 37.50  ? 205 ALA A O   1 
ATOM   271  C CB  . ALA A 1 32  ? -1.312  -3.535  2.360   1.00 39.49  ? 205 ALA A CB  1 
ATOM   272  N N   . LEU A 1 33  ? -2.303  -2.623  -0.482  1.00 34.84  ? 206 LEU A N   1 
ATOM   273  C CA  . LEU A 1 33  ? -2.340  -2.722  -1.945  1.00 38.78  ? 206 LEU A CA  1 
ATOM   274  C C   . LEU A 1 33  ? -2.076  -1.382  -2.670  1.00 40.80  ? 206 LEU A C   1 
ATOM   275  O O   . LEU A 1 33  ? -1.374  -1.330  -3.684  1.00 36.72  ? 206 LEU A O   1 
ATOM   276  C CB  . LEU A 1 33  ? -3.668  -3.317  -2.393  1.00 41.65  ? 206 LEU A CB  1 
ATOM   277  C CG  . LEU A 1 33  ? -3.871  -3.485  -3.894  1.00 42.73  ? 206 LEU A CG  1 
ATOM   278  C CD1 . LEU A 1 33  ? -2.978  -4.588  -4.444  1.00 43.43  ? 206 LEU A CD1 1 
ATOM   279  C CD2 . LEU A 1 33  ? -5.334  -3.764  -4.168  1.00 40.12  ? 206 LEU A CD2 1 
ATOM   280  N N   . GLU A 1 34  ? -2.621  -0.295  -2.136  1.00 40.48  ? 207 GLU A N   1 
ATOM   281  C CA  . GLU A 1 34  ? -2.379  1.034   -2.695  1.00 38.55  ? 207 GLU A CA  1 
ATOM   282  C C   . GLU A 1 34  ? -0.944  1.585   -2.530  1.00 41.95  ? 207 GLU A C   1 
ATOM   283  O O   . GLU A 1 34  ? -0.451  2.338   -3.380  1.00 38.14  ? 207 GLU A O   1 
ATOM   284  C CB  . GLU A 1 34  ? -3.357  2.019   -2.074  1.00 40.38  ? 207 GLU A CB  1 
ATOM   285  C CG  . GLU A 1 34  ? -4.795  1.683   -2.318  1.00 38.31  ? 207 GLU A CG  1 
ATOM   286  C CD  . GLU A 1 34  ? -5.724  2.698   -1.706  1.00 46.51  ? 207 GLU A CD  1 
ATOM   287  O OE1 . GLU A 1 34  ? -5.228  3.690   -1.125  1.00 45.51  ? 207 GLU A OE1 1 
ATOM   288  O OE2 . GLU A 1 34  ? -6.952  2.507   -1.812  1.00 51.35  ? 207 GLU A OE2 1 
ATOM   289  N N   . SER A 1 35  ? -0.283  1.222   -1.436  1.00 39.33  ? 208 SER A N   1 
ATOM   290  C CA  . SER A 1 35  ? 0.963   1.877   -1.055  1.00 38.68  ? 208 SER A CA  1 
ATOM   291  C C   . SER A 1 35  ? 2.249   1.081   -1.318  1.00 41.54  ? 208 SER A C   1 
ATOM   292  O O   . SER A 1 35  ? 3.262   1.657   -1.712  1.00 38.03  ? 208 SER A O   1 
ATOM   293  C CB  . SER A 1 35  ? 0.890   2.299   0.417   1.00 37.22  ? 208 SER A CB  1 
ATOM   294  O OG  . SER A 1 35  ? 0.575   1.187   1.231   1.00 42.57  ? 208 SER A OG  1 
ATOM   295  N N   . GLY A 1 36  ? 2.209   -0.233  -1.088  1.00 43.91  ? 209 GLY A N   1 
ATOM   296  C CA  . GLY A 1 36  ? 3.390   -1.079  -1.210  1.00 38.84  ? 209 GLY A CA  1 
ATOM   297  C C   . GLY A 1 36  ? 4.301   -0.908  -0.009  1.00 37.05  ? 209 GLY A C   1 
ATOM   298  O O   . GLY A 1 36  ? 5.493   -1.179  -0.055  1.00 42.11  ? 209 GLY A O   1 
ATOM   299  N N   . VAL A 1 37  ? 3.713   -0.471  1.088   1.00 38.32  ? 210 VAL A N   1 
ATOM   300  C CA  . VAL A 1 37  ? 4.453   -0.092  2.282   1.00 41.14  ? 210 VAL A CA  1 
ATOM   301  C C   . VAL A 1 37  ? 4.253   -1.143  3.399   1.00 42.73  ? 210 VAL A C   1 
ATOM   302  O O   . VAL A 1 37  ? 3.237   -1.831  3.428   1.00 41.70  ? 210 VAL A O   1 
ATOM   303  C CB  . VAL A 1 37  ? 4.012   1.339   2.699   1.00 38.93  ? 210 VAL A CB  1 
ATOM   304  C CG1 . VAL A 1 37  ? 3.544   1.397   4.122   1.00 42.39  ? 210 VAL A CG1 1 
ATOM   305  C CG2 . VAL A 1 37  ? 5.107   2.334   2.423   1.00 40.61  ? 210 VAL A CG2 1 
ATOM   306  N N   . ARG A 1 38  ? 5.228   -1.290  4.289   1.00 43.82  ? 211 ARG A N   1 
ATOM   307  C CA  . ARG A 1 38  ? 5.140   -2.263  5.373   1.00 42.39  ? 211 ARG A CA  1 
ATOM   308  C C   . ARG A 1 38  ? 3.908   -2.092  6.253   1.00 42.47  ? 211 ARG A C   1 
ATOM   309  O O   . ARG A 1 38  ? 3.476   -0.967  6.514   1.00 43.08  ? 211 ARG A O   1 
ATOM   310  C CB  . ARG A 1 38  ? 6.384   -2.172  6.254   1.00 47.32  ? 211 ARG A CB  1 
ATOM   311  C CG  . ARG A 1 38  ? 7.626   -2.731  5.610   1.00 51.71  ? 211 ARG A CG  1 
ATOM   312  C CD  . ARG A 1 38  ? 8.882   -2.319  6.372   1.00 63.51  ? 211 ARG A CD  1 
ATOM   313  N NE  . ARG A 1 38  ? 10.090  -2.781  5.689   1.00 84.16  ? 211 ARG A NE  1 
ATOM   314  C CZ  . ARG A 1 38  ? 10.671  -3.966  5.893   1.00 91.02  ? 211 ARG A CZ  1 
ATOM   315  N NH1 . ARG A 1 38  ? 10.159  -4.822  6.779   1.00 81.36  ? 211 ARG A NH1 1 
ATOM   316  N NH2 . ARG A 1 38  ? 11.769  -4.294  5.213   1.00 85.43  ? 211 ARG A NH2 1 
ATOM   317  N N   . LEU A 1 39  ? 3.364   -3.214  6.722   1.00 41.65  ? 212 LEU A N   1 
ATOM   318  C CA  . LEU A 1 39  ? 2.305   -3.229  7.738   1.00 41.03  ? 212 LEU A CA  1 
ATOM   319  C C   . LEU A 1 39  ? 2.555   -2.295  8.925   1.00 42.44  ? 212 LEU A C   1 
ATOM   320  O O   . LEU A 1 39  ? 1.637   -1.641  9.416   1.00 42.05  ? 212 LEU A O   1 
ATOM   321  C CB  . LEU A 1 39  ? 2.101   -4.648  8.275   1.00 45.89  ? 212 LEU A CB  1 
ATOM   322  C CG  . LEU A 1 39  ? 1.056   -4.755  9.401   1.00 47.86  ? 212 LEU A CG  1 
ATOM   323  C CD1 . LEU A 1 39  ? -0.287  -4.214  8.918   1.00 41.78  ? 212 LEU A CD1 1 
ATOM   324  C CD2 . LEU A 1 39  ? 0.915   -6.184  9.945   1.00 39.52  ? 212 LEU A CD2 1 
ATOM   325  N N   . SER A 1 40  ? 3.788   -2.245  9.403   1.00 39.62  ? 213 SER A N   1 
ATOM   326  C CA  . SER A 1 40  ? 4.065   -1.425  10.571  1.00 48.61  ? 213 SER A CA  1 
ATOM   327  C C   . SER A 1 40  ? 3.901   0.060   10.251  1.00 48.39  ? 213 SER A C   1 
ATOM   328  O O   . SER A 1 40  ? 3.397   0.828   11.071  1.00 49.02  ? 213 SER A O   1 
ATOM   329  C CB  . SER A 1 40  ? 5.458   -1.728  11.140  1.00 47.71  ? 213 SER A CB  1 
ATOM   330  O OG  . SER A 1 40  ? 6.454   -1.684  10.130  1.00 55.85  ? 213 SER A OG  1 
ATOM   331  N N   . GLU A 1 41  ? 4.316   0.455   9.051   1.00 48.34  ? 214 GLU A N   1 
ATOM   332  C CA  . GLU A 1 41  ? 4.205   1.846   8.631   1.00 46.37  ? 214 GLU A CA  1 
ATOM   333  C C   . GLU A 1 41  ? 2.745   2.223   8.428   1.00 48.64  ? 214 GLU A C   1 
ATOM   334  O O   . GLU A 1 41  ? 2.347   3.349   8.723   1.00 42.41  ? 214 GLU A O   1 
ATOM   335  C CB  . GLU A 1 41  ? 5.013   2.091   7.361   1.00 48.06  ? 214 GLU A CB  1 
ATOM   336  C CG  . GLU A 1 41  ? 6.504   1.718   7.486   1.00 61.78  ? 214 GLU A CG  1 
ATOM   337  C CD  . GLU A 1 41  ? 7.349   2.778   8.214   1.00 74.43  ? 214 GLU A CD  1 
ATOM   338  O OE1 . GLU A 1 41  ? 6.962   3.233   9.318   1.00 75.34  ? 214 GLU A OE1 1 
ATOM   339  O OE2 . GLU A 1 41  ? 8.413   3.156   7.672   1.00 82.72  ? 214 GLU A OE2 1 
ATOM   340  N N   . ILE A 1 42  ? 1.950   1.269   7.945   1.00 44.44  ? 215 ILE A N   1 
ATOM   341  C CA  . ILE A 1 42  ? 0.516   1.471   7.797   1.00 40.50  ? 215 ILE A CA  1 
ATOM   342  C C   . ILE A 1 42  ? -0.152  1.736   9.144   1.00 48.31  ? 215 ILE A C   1 
ATOM   343  O O   . ILE A 1 42  ? -0.936  2.680   9.274   1.00 51.67  ? 215 ILE A O   1 
ATOM   344  C CB  . ILE A 1 42  ? -0.177  0.283   7.098   1.00 41.83  ? 215 ILE A CB  1 
ATOM   345  C CG1 . ILE A 1 42  ? 0.417   0.053   5.706   1.00 42.63  ? 215 ILE A CG1 1 
ATOM   346  C CG2 . ILE A 1 42  ? -1.674  0.511   6.987   1.00 33.55  ? 215 ILE A CG2 1 
ATOM   347  C CD1 . ILE A 1 42  ? -0.167  -1.149  5.019   1.00 35.51  ? 215 ILE A CD1 1 
ATOM   348  N N   . LEU A 1 43  ? 0.161   0.917   10.146  1.00 48.37  ? 216 LEU A N   1 
ATOM   349  C CA  . LEU A 1 43  ? -0.465  1.077   11.459  1.00 45.59  ? 216 LEU A CA  1 
ATOM   350  C C   . LEU A 1 43  ? -0.030  2.366   12.149  1.00 47.69  ? 216 LEU A C   1 
ATOM   351  O O   . LEU A 1 43  ? -0.825  3.012   12.835  1.00 49.98  ? 216 LEU A O   1 
ATOM   352  C CB  . LEU A 1 43  ? -0.212  -0.137  12.347  1.00 43.12  ? 216 LEU A CB  1 
ATOM   353  C CG  . LEU A 1 43  ? -0.734  -1.473  11.806  1.00 45.29  ? 216 LEU A CG  1 
ATOM   354  C CD1 . LEU A 1 43  ? -0.437  -2.603  12.758  1.00 46.68  ? 216 LEU A CD1 1 
ATOM   355  C CD2 . LEU A 1 43  ? -2.210  -1.410  11.523  1.00 45.71  ? 216 LEU A CD2 1 
ATOM   356  N N   . LYS A 1 44  ? 1.225   2.748   11.945  1.00 50.33  ? 217 LYS A N   1 
ATOM   357  C CA  . LYS A 1 44  ? 1.772   3.989   12.511  1.00 53.10  ? 217 LYS A CA  1 
ATOM   358  C C   . LYS A 1 44  ? 1.068   5.215   11.941  1.00 55.74  ? 217 LYS A C   1 
ATOM   359  O O   . LYS A 1 44  ? 0.977   6.269   12.566  1.00 66.25  ? 217 LYS A O   1 
ATOM   360  C CB  . LYS A 1 44  ? 3.263   4.068   12.194  1.00 54.74  ? 217 LYS A CB  1 
ATOM   361  C CG  . LYS A 1 44  ? 3.999   5.218   12.840  1.00 63.48  ? 217 LYS A CG  1 
ATOM   362  C CD  . LYS A 1 44  ? 5.518   5.049   12.691  1.00 76.63  ? 217 LYS A CD  1 
ATOM   363  C CE  . LYS A 1 44  ? 5.993   3.725   13.296  1.00 83.23  ? 217 LYS A CE  1 
ATOM   364  N NZ  . LYS A 1 44  ? 7.474   3.666   13.458  1.00 85.27  ? 217 LYS A NZ  1 
ATOM   365  N N   . VAL A 1 45  ? 0.555   5.053   10.737  1.00 54.89  ? 218 VAL A N   1 
ATOM   366  C CA  . VAL A 1 45  ? 0.008   6.149   9.966   1.00 51.21  ? 218 VAL A CA  1 
ATOM   367  C C   . VAL A 1 45  ? -1.491  6.308   10.244  1.00 54.00  ? 218 VAL A C   1 
ATOM   368  O O   . VAL A 1 45  ? -2.010  7.419   10.239  1.00 57.68  ? 218 VAL A O   1 
ATOM   369  C CB  . VAL A 1 45  ? 0.334   5.895   8.463   1.00 48.52  ? 218 VAL A CB  1 
ATOM   370  C CG1 . VAL A 1 45  ? -0.859  6.071   7.567   1.00 42.35  ? 218 VAL A CG1 1 
ATOM   371  C CG2 . VAL A 1 45  ? 1.530   6.721   8.022   1.00 42.17  ? 218 VAL A CG2 1 
ATOM   372  N N   . LEU A 1 46  ? -2.178  5.199   10.513  1.00 52.06  ? 219 LEU A N   1 
ATOM   373  C CA  . LEU A 1 46  ? -3.618  5.223   10.764  1.00 50.29  ? 219 LEU A CA  1 
ATOM   374  C C   . LEU A 1 46  ? -3.980  5.672   12.183  1.00 56.45  ? 219 LEU A C   1 
ATOM   375  O O   . LEU A 1 46  ? -5.156  5.719   12.550  1.00 62.20  ? 219 LEU A O   1 
ATOM   376  C CB  . LEU A 1 46  ? -4.226  3.851   10.500  1.00 47.82  ? 219 LEU A CB  1 
ATOM   377  C CG  . LEU A 1 46  ? -4.205  3.400   9.048   1.00 51.44  ? 219 LEU A CG  1 
ATOM   378  C CD1 . LEU A 1 46  ? -4.677  1.954   8.937   1.00 51.30  ? 219 LEU A CD1 1 
ATOM   379  C CD2 . LEU A 1 46  ? -5.052  4.335   8.191   1.00 48.62  ? 219 LEU A CD2 1 
ATOM   380  N N   . LYS A 1 47  ? -2.974  5.993   12.981  1.00 54.29  ? 220 LYS A N   1 
ATOM   381  C CA  . LYS A 1 47  ? -3.213  6.461   14.330  1.00 55.34  ? 220 LYS A CA  1 
ATOM   382  C C   . LYS A 1 47  ? -3.087  7.977   14.385  1.00 62.87  ? 220 LYS A C   1 
ATOM   383  O O   . LYS A 1 47  ? -3.346  8.605   15.410  1.00 70.11  ? 220 LYS A O   1 
ATOM   384  C CB  . LYS A 1 47  ? -2.248  5.780   15.307  1.00 64.61  ? 220 LYS A CB  1 
ATOM   385  C CG  . LYS A 1 47  ? -2.608  4.318   15.570  1.00 64.92  ? 220 LYS A CG  1 
ATOM   386  C CD  . LYS A 1 47  ? -1.809  3.718   16.718  1.00 70.33  ? 220 LYS A CD  1 
ATOM   387  C CE  . LYS A 1 47  ? -2.326  2.313   17.056  1.00 82.83  ? 220 LYS A CE  1 
ATOM   388  N NZ  . LYS A 1 47  ? -1.567  1.649   18.159  1.00 79.56  ? 220 LYS A NZ  1 
ATOM   389  N N   . GLU A 1 48  ? -2.686  8.559   13.263  1.00 62.07  ? 221 GLU A N   1 
ATOM   390  C CA  . GLU A 1 48  ? -2.604  10.003  13.109  1.00 54.72  ? 221 GLU A CA  1 
ATOM   391  C C   . GLU A 1 48  ? -3.055  10.408  11.714  1.00 58.16  ? 221 GLU A C   1 
ATOM   392  O O   . GLU A 1 48  ? -2.342  11.141  11.027  1.00 55.31  ? 221 GLU A O   1 
ATOM   393  C CB  . GLU A 1 48  ? -1.163  10.469  13.283  1.00 58.88  ? 221 GLU A CB  1 
ATOM   394  C CG  . GLU A 1 48  ? -0.720  10.761  14.705  1.00 70.22  ? 221 GLU A CG  1 
ATOM   395  C CD  . GLU A 1 48  ? 0.377   11.830  14.753  1.00 83.10  ? 221 GLU A CD  1 
ATOM   396  O OE1 . GLU A 1 48  ? 0.076   13.010  14.436  1.00 77.95  ? 221 GLU A OE1 1 
ATOM   397  O OE2 . GLU A 1 48  ? 1.535   11.488  15.095  1.00 82.95  ? 221 GLU A OE2 1 
ATOM   398  N N   . PRO A 1 49  ? -4.243  9.947   11.285  1.00 56.58  ? 222 PRO A N   1 
ATOM   399  C CA  . PRO A 1 49  ? -4.626  10.117  9.880   1.00 53.39  ? 222 PRO A CA  1 
ATOM   400  C C   . PRO A 1 49  ? -4.843  11.584  9.460   1.00 52.98  ? 222 PRO A C   1 
ATOM   401  O O   . PRO A 1 49  ? -5.041  11.878  8.277   1.00 50.16  ? 222 PRO A O   1 
ATOM   402  C CB  . PRO A 1 49  ? -5.942  9.348   9.799   1.00 57.96  ? 222 PRO A CB  1 
ATOM   403  C CG  . PRO A 1 49  ? -6.520  9.480   11.162  1.00 55.04  ? 222 PRO A CG  1 
ATOM   404  C CD  . PRO A 1 49  ? -5.355  9.413   12.093  1.00 52.65  ? 222 PRO A CD  1 
ATOM   405  N N   . GLU A 1 50  ? -4.806  12.497  10.421  1.00 54.22  ? 223 GLU A N   1 
ATOM   406  C CA  . GLU A 1 50  ? -5.074  13.900  10.134  1.00 53.08  ? 223 GLU A CA  1 
ATOM   407  C C   . GLU A 1 50  ? -3.909  14.590  9.406   1.00 52.15  ? 223 GLU A C   1 
ATOM   408  O O   . GLU A 1 50  ? -4.062  15.712  8.901   1.00 54.03  ? 223 GLU A O   1 
ATOM   409  C CB  . GLU A 1 50  ? -5.446  14.654  11.421  1.00 50.78  ? 223 GLU A CB  1 
ATOM   410  C CG  . GLU A 1 50  ? -4.295  14.810  12.417  1.00 62.80  ? 223 GLU A CG  1 
ATOM   411  C CD  . GLU A 1 50  ? -4.075  13.575  13.304  1.00 72.31  ? 223 GLU A CD  1 
ATOM   412  O OE1 . GLU A 1 50  ? -4.965  12.679  13.340  1.00 63.18  ? 223 GLU A OE1 1 
ATOM   413  O OE2 . GLU A 1 50  ? -3.006  13.512  13.972  1.00 68.68  ? 223 GLU A OE2 1 
ATOM   414  N N   . ARG A 1 51  ? -2.750  13.929  9.363   1.00 48.16  ? 224 ARG A N   1 
ATOM   415  C CA  . ARG A 1 51  ? -1.595  14.430  8.615   1.00 43.76  ? 224 ARG A CA  1 
ATOM   416  C C   . ARG A 1 51  ? -1.617  13.972  7.157   1.00 42.66  ? 224 ARG A C   1 
ATOM   417  O O   . ARG A 1 51  ? -0.697  14.246  6.397   1.00 45.95  ? 224 ARG A O   1 
ATOM   418  C CB  . ARG A 1 51  ? -0.286  13.979  9.265   1.00 49.14  ? 224 ARG A CB  1 
ATOM   419  C CG  . ARG A 1 51  ? 0.079   14.676  10.562  1.00 56.66  ? 224 ARG A CG  1 
ATOM   420  C CD  . ARG A 1 51  ? 0.865   13.725  11.450  1.00 64.61  ? 224 ARG A CD  1 
ATOM   421  N NE  . ARG A 1 51  ? 2.131   14.275  11.921  1.00 78.37  ? 224 ARG A NE  1 
ATOM   422  C CZ  . ARG A 1 51  ? 3.259   13.572  12.013  1.00 86.86  ? 224 ARG A CZ  1 
ATOM   423  N NH1 . ARG A 1 51  ? 3.276   12.290  11.651  1.00 71.95  ? 224 ARG A NH1 1 
ATOM   424  N NH2 . ARG A 1 51  ? 4.374   14.153  12.461  1.00 85.55  ? 224 ARG A NH2 1 
ATOM   425  N N   . ASP A 1 52  ? -2.656  13.253  6.770   1.00 45.46  ? 225 ASP A N   1 
ATOM   426  C CA  . ASP A 1 52  ? -2.788  12.808  5.391   1.00 41.31  ? 225 ASP A CA  1 
ATOM   427  C C   . ASP A 1 52  ? -3.099  14.007  4.491   1.00 43.58  ? 225 ASP A C   1 
ATOM   428  O O   . ASP A 1 52  ? -3.846  14.911  4.885   1.00 38.18  ? 225 ASP A O   1 
ATOM   429  C CB  . ASP A 1 52  ? -3.894  11.754  5.288   1.00 38.73  ? 225 ASP A CB  1 
ATOM   430  C CG  . ASP A 1 52  ? -3.794  10.915  4.032   1.00 41.28  ? 225 ASP A CG  1 
ATOM   431  O OD1 . ASP A 1 52  ? -2.660  10.686  3.569   1.00 42.78  ? 225 ASP A OD1 1 
ATOM   432  O OD2 . ASP A 1 52  ? -4.839  10.461  3.519   1.00 41.41  ? 225 ASP A OD2 1 
ATOM   433  N N   . ILE A 1 53  ? -2.511  14.011  3.293   1.00 43.15  ? 226 ILE A N   1 
ATOM   434  C CA  . ILE A 1 53  ? -2.794  15.022  2.271   1.00 36.63  ? 226 ILE A CA  1 
ATOM   435  C C   . ILE A 1 53  ? -3.402  14.375  1.037   1.00 35.22  ? 226 ILE A C   1 
ATOM   436  O O   . ILE A 1 53  ? -2.875  13.395  0.525   1.00 39.60  ? 226 ILE A O   1 
ATOM   437  C CB  . ILE A 1 53  ? -1.516  15.748  1.846   1.00 35.21  ? 226 ILE A CB  1 
ATOM   438  C CG1 . ILE A 1 53  ? -0.911  16.464  3.044   1.00 39.79  ? 226 ILE A CG1 1 
ATOM   439  C CG2 . ILE A 1 53  ? -1.796  16.733  0.740   1.00 29.43  ? 226 ILE A CG2 1 
ATOM   440  C CD1 . ILE A 1 53  ? 0.517   16.787  2.868   1.00 30.70  ? 226 ILE A CD1 1 
ATOM   441  N N   . CYS A 1 54  ? -4.514  14.915  0.557   1.00 38.02  ? 227 CYS A N   1 
ATOM   442  C CA  . CYS A 1 54  ? -5.153  14.374  -0.634  1.00 39.97  ? 227 CYS A CA  1 
ATOM   443  C C   . CYS A 1 54  ? -5.227  15.401  -1.763  1.00 41.01  ? 227 CYS A C   1 
ATOM   444  O O   . CYS A 1 54  ? -5.813  16.465  -1.612  1.00 49.14  ? 227 CYS A O   1 
ATOM   445  C CB  . CYS A 1 54  ? -6.536  13.819  -0.292  1.00 39.22  ? 227 CYS A CB  1 
ATOM   446  S SG  . CYS A 1 54  ? -6.469  12.218  0.565   1.00 63.55  ? 227 CYS A SG  1 
ATOM   447  N N   . GLY A 1 55  ? -4.606  15.082  -2.887  1.00 38.75  ? 228 GLY A N   1 
ATOM   448  C CA  . GLY A 1 55  ? -4.690  15.927  -4.054  1.00 42.16  ? 228 GLY A CA  1 
ATOM   449  C C   . GLY A 1 55  ? -5.883  15.489  -4.871  1.00 44.63  ? 228 GLY A C   1 
ATOM   450  O O   . GLY A 1 55  ? -6.746  14.757  -4.388  1.00 47.31  ? 228 GLY A O   1 
ATOM   451  N N   . ASN A 1 56  ? -5.935  15.922  -6.119  1.00 43.77  ? 229 ASN A N   1 
ATOM   452  C CA  . ASN A 1 56  ? -7.043  15.540  -6.974  1.00 51.20  ? 229 ASN A CA  1 
ATOM   453  C C   . ASN A 1 56  ? -7.050  14.048  -7.325  1.00 51.57  ? 229 ASN A C   1 
ATOM   454  O O   . ASN A 1 56  ? -8.107  13.418  -7.358  1.00 54.80  ? 229 ASN A O   1 
ATOM   455  C CB  . ASN A 1 56  ? -7.051  16.403  -8.234  1.00 52.75  ? 229 ASN A CB  1 
ATOM   456  C CG  . ASN A 1 56  ? -7.513  17.822  -7.959  1.00 46.91  ? 229 ASN A CG  1 
ATOM   457  O OD1 . ASN A 1 56  ? -8.268  18.072  -7.016  1.00 50.87  ? 229 ASN A OD1 1 
ATOM   458  N ND2 . ASN A 1 56  ? -7.074  18.755  -8.787  1.00 42.09  ? 229 ASN A ND2 1 
ATOM   459  N N   . ASP A 1 57  ? -5.866  13.489  -7.560  1.00 49.76  ? 230 ASP A N   1 
ATOM   460  C CA  . ASP A 1 57  ? -5.735  12.112  -8.040  1.00 48.20  ? 230 ASP A CA  1 
ATOM   461  C C   . ASP A 1 57  ? -5.289  11.119  -6.975  1.00 48.08  ? 230 ASP A C   1 
ATOM   462  O O   . ASP A 1 57  ? -5.888  10.047  -6.831  1.00 53.17  ? 230 ASP A O   1 
ATOM   463  C CB  . ASP A 1 57  ? -4.768  12.062  -9.227  1.00 53.15  ? 230 ASP A CB  1 
ATOM   464  C CG  . ASP A 1 57  ? -5.236  12.926  -10.399 1.00 67.53  ? 230 ASP A CG  1 
ATOM   465  O OD1 . ASP A 1 57  ? -6.391  12.712  -10.861 1.00 63.69  ? 230 ASP A OD1 1 
ATOM   466  O OD2 . ASP A 1 57  ? -4.459  13.818  -10.841 1.00 63.88  ? 230 ASP A OD2 1 
ATOM   467  N N   . VAL A 1 58  ? -4.236  11.480  -6.239  1.00 48.81  ? 231 VAL A N   1 
ATOM   468  C CA  . VAL A 1 58  ? -3.620  10.599  -5.238  1.00 44.76  ? 231 VAL A CA  1 
ATOM   469  C C   . VAL A 1 58  ? -3.497  11.279  -3.871  1.00 42.07  ? 231 VAL A C   1 
ATOM   470  O O   . VAL A 1 58  ? -3.483  12.513  -3.774  1.00 39.47  ? 231 VAL A O   1 
ATOM   471  C CB  . VAL A 1 58  ? -2.199  10.119  -5.688  1.00 39.73  ? 231 VAL A CB  1 
ATOM   472  C CG1 . VAL A 1 58  ? -2.262  9.472   -7.057  1.00 39.42  ? 231 VAL A CG1 1 
ATOM   473  C CG2 . VAL A 1 58  ? -1.213  11.268  -5.721  1.00 33.31  ? 231 VAL A CG2 1 
ATOM   474  N N   . CYS A 1 59  ? -3.398  10.465  -2.821  1.00 40.48  ? 232 CYS A N   1 
ATOM   475  C CA  . CYS A 1 59  ? -3.124  10.951  -1.465  1.00 36.90  ? 232 CYS A CA  1 
ATOM   476  C C   . CYS A 1 59  ? -1.727  10.559  -1.024  1.00 34.30  ? 232 CYS A C   1 
ATOM   477  O O   . CYS A 1 59  ? -1.139  9.629   -1.562  1.00 37.14  ? 232 CYS A O   1 
ATOM   478  C CB  . CYS A 1 59  ? -4.114  10.364  -0.467  1.00 39.40  ? 232 CYS A CB  1 
ATOM   479  S SG  . CYS A 1 59  ? -5.828  10.779  -0.773  1.00 45.19  ? 232 CYS A SG  1 
ATOM   480  N N   . TYR A 1 60  ? -1.190  11.256  -0.036  1.00 32.13  ? 233 TYR A N   1 
ATOM   481  C CA  . TYR A 1 60  ? 0.135   10.914  0.470   1.00 35.38  ? 233 TYR A CA  1 
ATOM   482  C C   . TYR A 1 60  ? 0.310   11.372  1.908   1.00 37.43  ? 233 TYR A C   1 
ATOM   483  O O   . TYR A 1 60  ? -0.186  12.437  2.300   1.00 37.53  ? 233 TYR A O   1 
ATOM   484  C CB  . TYR A 1 60  ? 1.250   11.471  -0.433  1.00 36.36  ? 233 TYR A CB  1 
ATOM   485  C CG  . TYR A 1 60  ? 0.937   12.824  -1.032  1.00 36.34  ? 233 TYR A CG  1 
ATOM   486  C CD1 . TYR A 1 60  ? 1.396   14.004  -0.433  1.00 35.31  ? 233 TYR A CD1 1 
ATOM   487  C CD2 . TYR A 1 60  ? 0.169   12.925  -2.189  1.00 31.50  ? 233 TYR A CD2 1 
ATOM   488  C CE1 . TYR A 1 60  ? 1.101   15.240  -0.987  1.00 33.11  ? 233 TYR A CE1 1 
ATOM   489  C CE2 . TYR A 1 60  ? -0.141  14.135  -2.728  1.00 35.92  ? 233 TYR A CE2 1 
ATOM   490  C CZ  . TYR A 1 60  ? 0.324   15.292  -2.137  1.00 39.01  ? 233 TYR A CZ  1 
ATOM   491  O OH  . TYR A 1 60  ? 0.001   16.495  -2.726  1.00 39.10  ? 233 TYR A OH  1 
ATOM   492  N N   . TYR A 1 61  ? 1.011   10.545  2.681   1.00 35.08  ? 234 TYR A N   1 
ATOM   493  C CA  . TYR A 1 61  ? 1.251   10.777  4.097   1.00 34.71  ? 234 TYR A CA  1 
ATOM   494  C C   . TYR A 1 61  ? 2.757   10.818  4.347   1.00 38.29  ? 234 TYR A C   1 
ATOM   495  O O   . TYR A 1 61  ? 3.447   9.813   4.180   1.00 38.02  ? 234 TYR A O   1 
ATOM   496  C CB  . TYR A 1 61  ? 0.612   9.650   4.923   1.00 33.32  ? 234 TYR A CB  1 
ATOM   497  C CG  . TYR A 1 61  ? 0.547   9.898   6.419   1.00 39.91  ? 234 TYR A CG  1 
ATOM   498  C CD1 . TYR A 1 61  ? -0.676  10.040  7.064   1.00 40.49  ? 234 TYR A CD1 1 
ATOM   499  C CD2 . TYR A 1 61  ? 1.711   9.994   7.192   1.00 41.11  ? 234 TYR A CD2 1 
ATOM   500  C CE1 . TYR A 1 61  ? -0.747  10.261  8.429   1.00 44.08  ? 234 TYR A CE1 1 
ATOM   501  C CE2 . TYR A 1 61  ? 1.653   10.221  8.555   1.00 40.20  ? 234 TYR A CE2 1 
ATOM   502  C CZ  . TYR A 1 61  ? 0.419   10.352  9.169   1.00 46.56  ? 234 TYR A CZ  1 
ATOM   503  O OH  . TYR A 1 61  ? 0.345   10.570  10.523  1.00 45.90  ? 234 TYR A OH  1 
ATOM   504  N N   . PRO A 1 62  ? 3.269   11.984  4.769   1.00 46.22  ? 235 PRO A N   1 
ATOM   505  C CA  . PRO A 1 62  ? 4.678   12.202  5.126   1.00 46.21  ? 235 PRO A CA  1 
ATOM   506  C C   . PRO A 1 62  ? 5.063   11.499  6.422   1.00 49.01  ? 235 PRO A C   1 
ATOM   507  O O   . PRO A 1 62  ? 4.485   11.780  7.473   1.00 53.44  ? 235 PRO A O   1 
ATOM   508  C CB  . PRO A 1 62  ? 4.753   13.713  5.358   1.00 40.49  ? 235 PRO A CB  1 
ATOM   509  C CG  . PRO A 1 62  ? 3.530   14.270  4.737   1.00 45.77  ? 235 PRO A CG  1 
ATOM   510  C CD  . PRO A 1 62  ? 2.485   13.217  4.923   1.00 47.93  ? 235 PRO A CD  1 
ATOM   511  N N   . LEU A 1 63  ? 6.045   10.612  6.343   1.00 50.98  ? 236 LEU A N   1 
ATOM   512  C CA  . LEU A 1 63  ? 6.598   9.941   7.513   1.00 56.00  ? 236 LEU A CA  1 
ATOM   513  C C   . LEU A 1 63  ? 7.588   10.819  8.290   1.00 67.17  ? 236 LEU A C   1 
ATOM   514  O O   . LEU A 1 63  ? 7.969   11.898  7.829   1.00 71.39  ? 236 LEU A O   1 
ATOM   515  C CB  . LEU A 1 63  ? 7.284   8.658   7.068   1.00 52.91  ? 236 LEU A CB  1 
ATOM   516  C CG  . LEU A 1 63  ? 6.279   7.668   6.480   1.00 48.75  ? 236 LEU A CG  1 
ATOM   517  C CD1 . LEU A 1 63  ? 6.976   6.497   5.744   1.00 49.23  ? 236 LEU A CD1 1 
ATOM   518  C CD2 . LEU A 1 63  ? 5.352   7.184   7.589   1.00 42.63  ? 236 LEU A CD2 1 
ATOM   519  N N   . SER A 1 64  ? 7.999   10.345  9.466   1.00 74.86  ? 237 SER A N   1 
ATOM   520  C CA  . SER A 1 64  ? 8.955   11.060  10.317  1.00 76.85  ? 237 SER A CA  1 
ATOM   521  C C   . SER A 1 64  ? 8.429   12.436  10.715  1.00 80.23  ? 237 SER A C   1 
ATOM   522  O O   . SER A 1 64  ? 7.452   12.542  11.457  1.00 85.71  ? 237 SER A O   1 
ATOM   523  C CB  . SER A 1 64  ? 10.323  11.189  9.632   1.00 74.36  ? 237 SER A CB  1 
ATOM   524  O OG  . SER A 1 64  ? 10.909  12.453  9.899   1.00 71.92  ? 237 SER A OG  1 
ATOM   525  N N   . GLY A 1 71  ? 16.446  11.976  4.571   1.00 87.48  ? 244 GLY A N   1 
ATOM   526  C CA  . GLY A 1 71  ? 15.330  12.706  3.987   1.00 83.54  ? 244 GLY A CA  1 
ATOM   527  C C   . GLY A 1 71  ? 13.977  12.313  4.566   1.00 77.18  ? 244 GLY A C   1 
ATOM   528  O O   . GLY A 1 71  ? 13.853  12.077  5.774   1.00 75.65  ? 244 GLY A O   1 
ATOM   529  N N   . VAL A 1 72  ? 12.961  12.251  3.705   1.00 64.03  ? 245 VAL A N   1 
ATOM   530  C CA  . VAL A 1 72  ? 11.595  11.930  4.126   1.00 60.62  ? 245 VAL A CA  1 
ATOM   531  C C   . VAL A 1 72  ? 10.978  10.931  3.157   1.00 52.60  ? 245 VAL A C   1 
ATOM   532  O O   . VAL A 1 72  ? 11.261  10.965  1.963   1.00 50.67  ? 245 VAL A O   1 
ATOM   533  C CB  . VAL A 1 72  ? 10.688  13.202  4.193   1.00 57.06  ? 245 VAL A CB  1 
ATOM   534  C CG1 . VAL A 1 72  ? 9.278   12.868  4.711   1.00 52.84  ? 245 VAL A CG1 1 
ATOM   535  C CG2 . VAL A 1 72  ? 11.315  14.256  5.073   1.00 67.58  ? 245 VAL A CG2 1 
ATOM   536  N N   . PHE A 1 73  ? 10.146  10.034  3.673   1.00 46.63  ? 246 PHE A N   1 
ATOM   537  C CA  . PHE A 1 73  ? 9.365   9.156   2.809   1.00 45.32  ? 246 PHE A CA  1 
ATOM   538  C C   . PHE A 1 73  ? 7.877   9.474   2.903   1.00 42.60  ? 246 PHE A C   1 
ATOM   539  O O   . PHE A 1 73  ? 7.419   10.104  3.854   1.00 42.48  ? 246 PHE A O   1 
ATOM   540  C CB  . PHE A 1 73  ? 9.629   7.673   3.121   1.00 42.88  ? 246 PHE A CB  1 
ATOM   541  C CG  . PHE A 1 73  ? 10.964  7.181   2.614   1.00 58.42  ? 246 PHE A CG  1 
ATOM   542  C CD1 . PHE A 1 73  ? 11.190  7.014   1.245   1.00 53.12  ? 246 PHE A CD1 1 
ATOM   543  C CD2 . PHE A 1 73  ? 12.003  6.902   3.495   1.00 59.45  ? 246 PHE A CD2 1 
ATOM   544  C CE1 . PHE A 1 73  ? 12.420  6.568   0.771   1.00 46.72  ? 246 PHE A CE1 1 
ATOM   545  C CE2 . PHE A 1 73  ? 13.239  6.458   3.019   1.00 58.65  ? 246 PHE A CE2 1 
ATOM   546  C CZ  . PHE A 1 73  ? 13.442  6.288   1.657   1.00 53.66  ? 246 PHE A CZ  1 
ATOM   547  N N   . TYR A 1 74  ? 7.131   9.046   1.898   1.00 39.01  ? 247 TYR A N   1 
ATOM   548  C CA  . TYR A 1 74  ? 5.703   9.242   1.888   1.00 36.22  ? 247 TYR A CA  1 
ATOM   549  C C   . TYR A 1 74  ? 5.021   7.916   1.666   1.00 40.42  ? 247 TYR A C   1 
ATOM   550  O O   . TYR A 1 74  ? 5.481   7.090   0.871   1.00 39.65  ? 247 TYR A O   1 
ATOM   551  C CB  . TYR A 1 74  ? 5.291   10.227  0.784   1.00 34.43  ? 247 TYR A CB  1 
ATOM   552  C CG  . TYR A 1 74  ? 6.020   11.548  0.848   1.00 37.49  ? 247 TYR A CG  1 
ATOM   553  C CD1 . TYR A 1 74  ? 5.460   12.643  1.485   1.00 39.81  ? 247 TYR A CD1 1 
ATOM   554  C CD2 . TYR A 1 74  ? 7.284   11.693  0.293   1.00 39.26  ? 247 TYR A CD2 1 
ATOM   555  C CE1 . TYR A 1 74  ? 6.134   13.851  1.561   1.00 38.47  ? 247 TYR A CE1 1 
ATOM   556  C CE2 . TYR A 1 74  ? 7.961   12.896  0.360   1.00 39.22  ? 247 TYR A CE2 1 
ATOM   557  C CZ  . TYR A 1 74  ? 7.381   13.974  0.999   1.00 40.82  ? 247 TYR A CZ  1 
ATOM   558  O OH  . TYR A 1 74  ? 8.052   15.186  1.058   1.00 48.05  ? 247 TYR A OH  1 
ATOM   559  N N   . VAL A 1 75  ? 3.919   7.714   2.383   1.00 39.81  ? 248 VAL A N   1 
ATOM   560  C CA  . VAL A 1 75  ? 3.025   6.611   2.103   1.00 34.87  ? 248 VAL A CA  1 
ATOM   561  C C   . VAL A 1 75  ? 2.034   7.069   1.033   1.00 35.99  ? 248 VAL A C   1 
ATOM   562  O O   . VAL A 1 75  ? 1.123   7.845   1.308   1.00 38.71  ? 248 VAL A O   1 
ATOM   563  C CB  . VAL A 1 75  ? 2.287   6.183   3.376   1.00 37.44  ? 248 VAL A CB  1 
ATOM   564  C CG1 . VAL A 1 75  ? 1.266   5.113   3.069   1.00 31.76  ? 248 VAL A CG1 1 
ATOM   565  C CG2 . VAL A 1 75  ? 3.291   5.709   4.442   1.00 37.13  ? 248 VAL A CG2 1 
ATOM   566  N N   . PHE A 1 76  ? 2.223   6.613   -0.197  1.00 33.86  ? 249 PHE A N   1 
ATOM   567  C CA  . PHE A 1 76  ? 1.327   6.994   -1.277  1.00 33.05  ? 249 PHE A CA  1 
ATOM   568  C C   . PHE A 1 76  ? 0.117   6.094   -1.291  1.00 33.84  ? 249 PHE A C   1 
ATOM   569  O O   . PHE A 1 76  ? 0.248   4.900   -1.119  1.00 39.25  ? 249 PHE A O   1 
ATOM   570  C CB  . PHE A 1 76  ? 2.031   6.911   -2.630  1.00 35.88  ? 249 PHE A CB  1 
ATOM   571  C CG  . PHE A 1 76  ? 2.993   8.049   -2.897  1.00 37.60  ? 249 PHE A CG  1 
ATOM   572  C CD1 . PHE A 1 76  ? 2.533   9.265   -3.398  1.00 32.94  ? 249 PHE A CD1 1 
ATOM   573  C CD2 . PHE A 1 76  ? 4.357   7.891   -2.674  1.00 33.51  ? 249 PHE A CD2 1 
ATOM   574  C CE1 . PHE A 1 76  ? 3.411   10.296  -3.660  1.00 30.71  ? 249 PHE A CE1 1 
ATOM   575  C CE2 . PHE A 1 76  ? 5.241   8.920   -2.929  1.00 33.56  ? 249 PHE A CE2 1 
ATOM   576  C CZ  . PHE A 1 76  ? 4.768   10.128  -3.416  1.00 33.07  ? 249 PHE A CZ  1 
ATOM   577  N N   . HIS A 1 77  ? -1.062  6.666   -1.506  1.00 35.29  ? 250 HIS A N   1 
ATOM   578  C CA  . HIS A 1 77  ? -2.286  5.882   -1.554  1.00 36.57  ? 250 HIS A CA  1 
ATOM   579  C C   . HIS A 1 77  ? -3.379  6.659   -2.286  1.00 41.00  ? 250 HIS A C   1 
ATOM   580  O O   . HIS A 1 77  ? -3.141  7.761   -2.783  1.00 38.62  ? 250 HIS A O   1 
ATOM   581  C CB  . HIS A 1 77  ? -2.734  5.481   -0.143  1.00 36.66  ? 250 HIS A CB  1 
ATOM   582  C CG  . HIS A 1 77  ? -3.034  6.648   0.752   1.00 40.22  ? 250 HIS A CG  1 
ATOM   583  N ND1 . HIS A 1 77  ? -4.312  6.963   1.162   1.00 37.30  ? 250 HIS A ND1 1 
ATOM   584  C CD2 . HIS A 1 77  ? -2.223  7.582   1.305   1.00 37.91  ? 250 HIS A CD2 1 
ATOM   585  C CE1 . HIS A 1 77  ? -4.275  8.034   1.933   1.00 38.11  ? 250 HIS A CE1 1 
ATOM   586  N NE2 . HIS A 1 77  ? -3.021  8.429   2.035   1.00 36.83  ? 250 HIS A NE2 1 
ATOM   587  N N   . ILE A 1 78  ? -4.575  6.075   -2.328  1.00 42.22  ? 251 ILE A N   1 
ATOM   588  C CA  . ILE A 1 78  ? -5.683  6.556   -3.144  1.00 41.46  ? 251 ILE A CA  1 
ATOM   589  C C   . ILE A 1 78  ? -6.879  6.932   -2.285  1.00 45.88  ? 251 ILE A C   1 
ATOM   590  O O   . ILE A 1 78  ? -7.526  7.947   -2.541  1.00 51.74  ? 251 ILE A O   1 
ATOM   591  C CB  . ILE A 1 78  ? -6.145  5.449   -4.115  1.00 48.62  ? 251 ILE A CB  1 
ATOM   592  C CG1 . ILE A 1 78  ? -5.158  5.280   -5.255  1.00 50.93  ? 251 ILE A CG1 1 
ATOM   593  C CG2 . ILE A 1 78  ? -7.515  5.720   -4.687  1.00 54.89  ? 251 ILE A CG2 1 
ATOM   594  C CD1 . ILE A 1 78  ? -5.394  3.977   -5.994  1.00 59.73  ? 251 ILE A CD1 1 
ATOM   595  N N   . THR A 1 79  ? -7.193  6.111   -1.280  1.00 43.03  ? 252 THR A N   1 
ATOM   596  C CA  . THR A 1 79  ? -8.359  6.398   -0.450  1.00 49.21  ? 252 THR A CA  1 
ATOM   597  C C   . THR A 1 79  ? -7.978  7.092   0.841   1.00 49.78  ? 252 THR A C   1 
ATOM   598  O O   . THR A 1 79  ? -7.034  6.684   1.513   1.00 44.30  ? 252 THR A O   1 
ATOM   599  C CB  . THR A 1 79  ? -9.247  5.157   -0.166  1.00 48.83  ? 252 THR A CB  1 
ATOM   600  O OG1 . THR A 1 79  ? -8.769  4.455   0.977   1.00 58.21  ? 252 THR A OG1 1 
ATOM   601  C CG2 . THR A 1 79  ? -9.252  4.237   -1.347  1.00 54.10  ? 252 THR A CG2 1 
ATOM   602  N N   . PRO A 1 80  ? -8.697  8.178   1.167   1.00 58.05  ? 253 PRO A N   1 
ATOM   603  C CA  . PRO A 1 80  ? -8.415  8.957   2.375   1.00 51.62  ? 253 PRO A CA  1 
ATOM   604  C C   . PRO A 1 80  ? -8.384  8.073   3.601   1.00 50.94  ? 253 PRO A C   1 
ATOM   605  O O   . PRO A 1 80  ? -9.103  7.083   3.681   1.00 52.89  ? 253 PRO A O   1 
ATOM   606  C CB  . PRO A 1 80  ? -9.576  9.947   2.420   1.00 45.47  ? 253 PRO A CB  1 
ATOM   607  C CG  . PRO A 1 80  ? -9.823  10.223  0.953   1.00 51.15  ? 253 PRO A CG  1 
ATOM   608  C CD  . PRO A 1 80  ? -9.633  8.884   0.269   1.00 55.69  ? 253 PRO A CD  1 
ATOM   609  N N   . LEU A 1 81  ? -7.507  8.410   4.533   1.00 50.36  ? 254 LEU A N   1 
ATOM   610  C CA  . LEU A 1 81  ? -7.361  7.602   5.715   1.00 49.73  ? 254 LEU A CA  1 
ATOM   611  C C   . LEU A 1 81  ? -8.512  7.919   6.636   1.00 56.39  ? 254 LEU A C   1 
ATOM   612  O O   . LEU A 1 81  ? -9.003  9.045   6.676   1.00 62.44  ? 254 LEU A O   1 
ATOM   613  C CB  . LEU A 1 81  ? -6.044  7.905   6.423   1.00 47.62  ? 254 LEU A CB  1 
ATOM   614  C CG  . LEU A 1 81  ? -4.742  7.777   5.639   1.00 48.28  ? 254 LEU A CG  1 
ATOM   615  C CD1 . LEU A 1 81  ? -3.562  8.066   6.558   1.00 42.10  ? 254 LEU A CD1 1 
ATOM   616  C CD2 . LEU A 1 81  ? -4.603  6.393   5.012   1.00 42.74  ? 254 LEU A CD2 1 
ATOM   617  N N   . LYS A 1 82  ? -8.950  6.912   7.371   1.00 58.46  ? 255 LYS A N   1 
ATOM   618  C CA  . LYS A 1 82  ? -9.848  7.133   8.475   1.00 55.64  ? 255 LYS A CA  1 
ATOM   619  C C   . LYS A 1 82  ? -9.159  6.518   9.674   1.00 61.61  ? 255 LYS A C   1 
ATOM   620  O O   . LYS A 1 82  ? -8.235  5.716   9.506   1.00 56.72  ? 255 LYS A O   1 
ATOM   621  C CB  . LYS A 1 82  ? -11.212 6.506   8.201   1.00 54.57  ? 255 LYS A CB  1 
ATOM   622  C CG  . LYS A 1 82  ? -11.182 5.058   7.784   1.00 54.16  ? 255 LYS A CG  1 
ATOM   623  C CD  . LYS A 1 82  ? -12.545 4.642   7.250   1.00 55.92  ? 255 LYS A CD  1 
ATOM   624  C CE  . LYS A 1 82  ? -12.602 3.147   6.972   1.00 58.00  ? 255 LYS A CE  1 
ATOM   625  N NZ  . LYS A 1 82  ? -12.114 2.360   8.162   1.00 66.08  ? 255 LYS A NZ  1 
ATOM   626  N N   . ARG A 1 83  ? -9.566  6.914   10.880  1.00 68.41  ? 256 ARG A N   1 
ATOM   627  C CA  . ARG A 1 83  ? -8.921  6.370   12.071  1.00 68.96  ? 256 ARG A CA  1 
ATOM   628  C C   . ARG A 1 83  ? -9.330  4.925   12.306  1.00 61.29  ? 256 ARG A C   1 
ATOM   629  O O   . ARG A 1 83  ? -10.495 4.608   12.522  1.00 61.84  ? 256 ARG A O   1 
ATOM   630  C CB  . ARG A 1 83  ? -9.171  7.212   13.321  1.00 67.65  ? 256 ARG A CB  1 
ATOM   631  C CG  . ARG A 1 83  ? -8.264  6.791   14.467  1.00 64.42  ? 256 ARG A CG  1 
ATOM   632  C CD  . ARG A 1 83  ? -8.424  7.693   15.669  1.00 75.03  ? 256 ARG A CD  1 
ATOM   633  N NE  . ARG A 1 83  ? -7.303  8.614   15.847  1.00 75.49  ? 256 ARG A NE  1 
ATOM   634  C CZ  . ARG A 1 83  ? -7.327  9.899   15.495  1.00 81.02  ? 256 ARG A CZ  1 
ATOM   635  N NH1 . ARG A 1 83  ? -8.420  10.411  14.937  1.00 75.38  ? 256 ARG A NH1 1 
ATOM   636  N NH2 . ARG A 1 83  ? -6.259  10.674  15.701  1.00 70.15  ? 256 ARG A NH2 1 
ATOM   637  N N   . VAL A 1 84  ? -8.345  4.050   12.241  1.00 61.69  ? 257 VAL A N   1 
ATOM   638  C CA  . VAL A 1 84  ? -8.572  2.636   12.416  1.00 59.90  ? 257 VAL A CA  1 
ATOM   639  C C   . VAL A 1 84  ? -7.694  2.183   13.571  1.00 63.02  ? 257 VAL A C   1 
ATOM   640  O O   . VAL A 1 84  ? -6.532  2.600   13.690  1.00 60.10  ? 257 VAL A O   1 
ATOM   641  C CB  . VAL A 1 84  ? -8.259  1.869   11.103  1.00 59.42  ? 257 VAL A CB  1 
ATOM   642  C CG1 . VAL A 1 84  ? -8.147  0.382   11.341  1.00 55.35  ? 257 VAL A CG1 1 
ATOM   643  C CG2 . VAL A 1 84  ? -9.333  2.164   10.057  1.00 61.33  ? 257 VAL A CG2 1 
ATOM   644  N N   . GLU A 1 85  ? -8.264  1.374   14.456  1.00 64.49  ? 258 GLU A N   1 
ATOM   645  C CA  . GLU A 1 85  ? -7.476  0.798   15.532  1.00 70.42  ? 258 GLU A CA  1 
ATOM   646  C C   . GLU A 1 85  ? -7.395  -0.720  15.417  1.00 72.46  ? 258 GLU A C   1 
ATOM   647  O O   . GLU A 1 85  ? -8.134  -1.460  16.077  1.00 74.10  ? 258 GLU A O   1 
ATOM   648  C CB  . GLU A 1 85  ? -8.010  1.222   16.894  1.00 79.99  ? 258 GLU A CB  1 
ATOM   649  C CG  . GLU A 1 85  ? -7.634  2.639   17.285  1.00 85.28  ? 258 GLU A CG  1 
ATOM   650  C CD  . GLU A 1 85  ? -7.956  2.935   18.744  1.00 105.38 ? 258 GLU A CD  1 
ATOM   651  O OE1 . GLU A 1 85  ? -8.336  1.990   19.481  1.00 102.59 ? 258 GLU A OE1 1 
ATOM   652  O OE2 . GLU A 1 85  ? -7.830  4.113   19.151  1.00 108.29 ? 258 GLU A OE2 1 
ATOM   653  N N   . VAL A 1 86  ? -6.495  -1.172  14.551  1.00 66.81  ? 259 VAL A N   1 
ATOM   654  C CA  . VAL A 1 86  ? -6.132  -2.574  14.489  1.00 63.07  ? 259 VAL A CA  1 
ATOM   655  C C   . VAL A 1 86  ? -4.702  -2.692  14.994  1.00 62.88  ? 259 VAL A C   1 
ATOM   656  O O   . VAL A 1 86  ? -3.917  -1.733  14.930  1.00 66.10  ? 259 VAL A O   1 
ATOM   657  C CB  . VAL A 1 86  ? -6.253  -3.124  13.052  1.00 64.63  ? 259 VAL A CB  1 
ATOM   658  C CG1 . VAL A 1 86  ? -5.961  -4.619  12.994  1.00 62.94  ? 259 VAL A CG1 1 
ATOM   659  C CG2 . VAL A 1 86  ? -7.639  -2.888  12.529  1.00 70.79  ? 259 VAL A CG2 1 
ATOM   660  N N   . THR A 1 87  ? -4.376  -3.856  15.535  1.00 58.74  ? 260 THR A N   1 
ATOM   661  C CA  . THR A 1 87  ? -3.018  -4.132  15.956  1.00 58.61  ? 260 THR A CA  1 
ATOM   662  C C   . THR A 1 87  ? -2.463  -5.195  15.032  1.00 56.90  ? 260 THR A C   1 
ATOM   663  O O   . THR A 1 87  ? -3.225  -5.846  14.304  1.00 55.10  ? 260 THR A O   1 
ATOM   664  C CB  . THR A 1 87  ? -2.987  -4.640  17.399  1.00 58.92  ? 260 THR A CB  1 
ATOM   665  O OG1 . THR A 1 87  ? -4.046  -5.595  17.587  1.00 56.50  ? 260 THR A OG1 1 
ATOM   666  C CG2 . THR A 1 87  ? -3.179  -3.472  18.357  1.00 52.57  ? 260 THR A CG2 1 
ATOM   667  N N   . LYS A 1 88  ? -1.141  -5.357  15.057  1.00 54.83  ? 261 LYS A N   1 
ATOM   668  C CA  . LYS A 1 88  ? -0.471  -6.415  14.318  1.00 48.09  ? 261 LYS A CA  1 
ATOM   669  C C   . LYS A 1 88  ? -1.138  -7.715  14.704  1.00 52.01  ? 261 LYS A C   1 
ATOM   670  O O   . LYS A 1 88  ? -1.408  -8.569  13.860  1.00 52.08  ? 261 LYS A O   1 
ATOM   671  C CB  . LYS A 1 88  ? 1.017   -6.446  14.677  1.00 51.84  ? 261 LYS A CB  1 
ATOM   672  C CG  . LYS A 1 88  ? 1.939   -6.091  13.516  1.00 65.09  ? 261 LYS A CG  1 
ATOM   673  C CD  . LYS A 1 88  ? 3.167   -5.278  13.942  1.00 68.09  ? 261 LYS A CD  1 
ATOM   674  C CE  . LYS A 1 88  ? 2.784   -3.912  14.539  1.00 72.66  ? 261 LYS A CE  1 
ATOM   675  N NZ  . LYS A 1 88  ? 3.720   -2.811  14.112  1.00 56.72  ? 261 LYS A NZ  1 
ATOM   676  N N   . TRP A 1 89  ? -1.442  -7.822  15.995  1.00 54.63  ? 262 TRP A N   1 
ATOM   677  C CA  . TRP A 1 89  ? -2.090  -8.995  16.559  1.00 53.52  ? 262 TRP A CA  1 
ATOM   678  C C   . TRP A 1 89  ? -3.404  -9.361  15.860  1.00 53.24  ? 262 TRP A C   1 
ATOM   679  O O   . TRP A 1 89  ? -3.642  -10.524 15.542  1.00 49.03  ? 262 TRP A O   1 
ATOM   680  C CB  . TRP A 1 89  ? -2.322  -8.791  18.059  1.00 52.82  ? 262 TRP A CB  1 
ATOM   681  C CG  . TRP A 1 89  ? -2.967  -9.983  18.712  1.00 59.02  ? 262 TRP A CG  1 
ATOM   682  C CD1 . TRP A 1 89  ? -4.291  -10.145 18.997  1.00 52.57  ? 262 TRP A CD1 1 
ATOM   683  C CD2 . TRP A 1 89  ? -2.315  -11.193 19.138  1.00 57.46  ? 262 TRP A CD2 1 
ATOM   684  N NE1 . TRP A 1 89  ? -4.505  -11.372 19.582  1.00 50.21  ? 262 TRP A NE1 1 
ATOM   685  C CE2 . TRP A 1 89  ? -3.309  -12.036 19.679  1.00 55.57  ? 262 TRP A CE2 1 
ATOM   686  C CE3 . TRP A 1 89  ? -0.985  -11.640 19.119  1.00 50.90  ? 262 TRP A CE3 1 
ATOM   687  C CZ2 . TRP A 1 89  ? -3.019  -13.303 20.200  1.00 53.45  ? 262 TRP A CZ2 1 
ATOM   688  C CZ3 . TRP A 1 89  ? -0.697  -12.897 19.636  1.00 51.92  ? 262 TRP A CZ3 1 
ATOM   689  C CH2 . TRP A 1 89  ? -1.711  -13.715 20.168  1.00 53.50  ? 262 TRP A CH2 1 
ATOM   690  N N   . ALA A 1 90  ? -4.254  -8.369  15.613  1.00 57.38  ? 263 ALA A N   1 
ATOM   691  C CA  . ALA A 1 90  ? -5.553  -8.642  15.007  1.00 53.21  ? 263 ALA A CA  1 
ATOM   692  C C   . ALA A 1 90  ? -5.446  -9.040  13.533  1.00 57.50  ? 263 ALA A C   1 
ATOM   693  O O   . ALA A 1 90  ? -6.292  -9.774  13.013  1.00 59.89  ? 263 ALA A O   1 
ATOM   694  C CB  . ALA A 1 90  ? -6.470  -7.465  15.177  1.00 53.28  ? 263 ALA A CB  1 
ATOM   695  N N   . ILE A 1 91  ? -4.409  -8.548  12.860  1.00 56.20  ? 264 ILE A N   1 
ATOM   696  C CA  . ILE A 1 91  ? -4.149  -8.936  11.476  1.00 57.17  ? 264 ILE A CA  1 
ATOM   697  C C   . ILE A 1 91  ? -3.658  -10.373 11.455  1.00 56.51  ? 264 ILE A C   1 
ATOM   698  O O   . ILE A 1 91  ? -4.172  -11.204 10.707  1.00 57.70  ? 264 ILE A O   1 
ATOM   699  C CB  . ILE A 1 91  ? -3.069  -8.032  10.808  1.00 57.06  ? 264 ILE A CB  1 
ATOM   700  C CG1 . ILE A 1 91  ? -3.613  -6.633  10.558  1.00 50.66  ? 264 ILE A CG1 1 
ATOM   701  C CG2 . ILE A 1 91  ? -2.589  -8.633  9.484   1.00 50.26  ? 264 ILE A CG2 1 
ATOM   702  C CD1 . ILE A 1 91  ? -4.711  -6.609  9.507   1.00 53.83  ? 264 ILE A CD1 1 
ATOM   703  N N   . ALA A 1 92  ? -2.645  -10.637 12.279  1.00 54.42  ? 265 ALA A N   1 
ATOM   704  C CA  . ALA A 1 92  ? -2.103  -11.976 12.487  1.00 54.31  ? 265 ALA A CA  1 
ATOM   705  C C   . ALA A 1 92  ? -3.215  -12.989 12.762  1.00 57.12  ? 265 ALA A C   1 
ATOM   706  O O   . ALA A 1 92  ? -3.236  -14.080 12.178  1.00 56.94  ? 265 ALA A O   1 
ATOM   707  C CB  . ALA A 1 92  ? -1.100  -11.955 13.637  1.00 55.82  ? 265 ALA A CB  1 
ATOM   708  N N   . ASP A 1 93  ? -4.148  -12.612 13.638  1.00 56.03  ? 266 ASP A N   1 
ATOM   709  C CA  . ASP A 1 93  ? -5.320  -13.436 13.902  1.00 58.07  ? 266 ASP A CA  1 
ATOM   710  C C   . ASP A 1 93  ? -6.084  -13.755 12.607  1.00 62.27  ? 266 ASP A C   1 
ATOM   711  O O   . ASP A 1 93  ? -6.374  -14.911 12.325  1.00 67.74  ? 266 ASP A O   1 
ATOM   712  C CB  . ASP A 1 93  ? -6.230  -12.757 14.928  1.00 61.82  ? 266 ASP A CB  1 
ATOM   713  C CG  . ASP A 1 93  ? -7.263  -13.714 15.521  1.00 73.07  ? 266 ASP A CG  1 
ATOM   714  O OD1 . ASP A 1 93  ? -6.935  -14.905 15.701  1.00 77.98  ? 266 ASP A OD1 1 
ATOM   715  O OD2 . ASP A 1 93  ? -8.404  -13.281 15.808  1.00 75.16  ? 266 ASP A OD2 1 
ATOM   716  N N   . PHE A 1 94  ? -6.380  -12.727 11.816  1.00 62.94  ? 267 PHE A N   1 
ATOM   717  C CA  . PHE A 1 94  ? -7.095  -12.885 10.557  1.00 58.18  ? 267 PHE A CA  1 
ATOM   718  C C   . PHE A 1 94  ? -6.407  -13.871 9.622   1.00 59.22  ? 267 PHE A C   1 
ATOM   719  O O   . PHE A 1 94  ? -7.037  -14.788 9.094   1.00 61.07  ? 267 PHE A O   1 
ATOM   720  C CB  . PHE A 1 94  ? -7.256  -11.526 9.860   1.00 61.73  ? 267 PHE A CB  1 
ATOM   721  C CG  . PHE A 1 94  ? -7.642  -11.630 8.408   1.00 59.04  ? 267 PHE A CG  1 
ATOM   722  C CD1 . PHE A 1 94  ? -8.954  -11.882 8.040   1.00 57.95  ? 267 PHE A CD1 1 
ATOM   723  C CD2 . PHE A 1 94  ? -6.688  -11.492 7.411   1.00 53.21  ? 267 PHE A CD2 1 
ATOM   724  C CE1 . PHE A 1 94  ? -9.304  -11.995 6.710   1.00 51.63  ? 267 PHE A CE1 1 
ATOM   725  C CE2 . PHE A 1 94  ? -7.035  -11.609 6.081   1.00 49.09  ? 267 PHE A CE2 1 
ATOM   726  C CZ  . PHE A 1 94  ? -8.341  -11.858 5.732   1.00 51.78  ? 267 PHE A CZ  1 
ATOM   727  N N   . GLU A 1 95  ? -5.110  -13.669 9.412   1.00 64.50  ? 268 GLU A N   1 
ATOM   728  C CA  . GLU A 1 95  ? -4.320  -14.537 8.532   1.00 71.40  ? 268 GLU A CA  1 
ATOM   729  C C   . GLU A 1 95  ? -4.377  -16.003 8.949   1.00 67.85  ? 268 GLU A C   1 
ATOM   730  O O   . GLU A 1 95  ? -4.543  -16.890 8.112   1.00 67.83  ? 268 GLU A O   1 
ATOM   731  C CB  . GLU A 1 95  ? -2.860  -14.097 8.515   1.00 63.48  ? 268 GLU A CB  1 
ATOM   732  C CG  . GLU A 1 95  ? -2.603  -12.796 7.815   1.00 55.32  ? 268 GLU A CG  1 
ATOM   733  C CD  . GLU A 1 95  ? -1.123  -12.468 7.797   1.00 67.68  ? 268 GLU A CD  1 
ATOM   734  O OE1 . GLU A 1 95  ? -0.369  -13.030 8.635   1.00 70.38  ? 268 GLU A OE1 1 
ATOM   735  O OE2 . GLU A 1 95  ? -0.711  -11.658 6.941   1.00 69.73  ? 268 GLU A OE2 1 
ATOM   736  N N   . ARG A 1 96  ? -4.225  -16.238 10.248  1.00 69.82  ? 269 ARG A N   1 
ATOM   737  C CA  . ARG A 1 96  ? -4.280  -17.580 10.818  1.00 67.37  ? 269 ARG A CA  1 
ATOM   738  C C   . ARG A 1 96  ? -5.591  -18.315 10.486  1.00 71.06  ? 269 ARG A C   1 
ATOM   739  O O   . ARG A 1 96  ? -5.585  -19.531 10.332  1.00 76.24  ? 269 ARG A O   1 
ATOM   740  C CB  . ARG A 1 96  ? -4.038  -17.500 12.331  1.00 70.40  ? 269 ARG A CB  1 
ATOM   741  C CG  . ARG A 1 96  ? -3.868  -18.829 13.043  1.00 73.39  ? 269 ARG A CG  1 
ATOM   742  C CD  . ARG A 1 96  ? -5.174  -19.268 13.699  1.00 86.61  ? 269 ARG A CD  1 
ATOM   743  N NE  . ARG A 1 96  ? -5.660  -18.296 14.681  1.00 87.44  ? 269 ARG A NE  1 
ATOM   744  C CZ  . ARG A 1 96  ? -6.776  -18.441 15.392  1.00 91.06  ? 269 ARG A CZ  1 
ATOM   745  N NH1 . ARG A 1 96  ? -7.540  -19.520 15.236  1.00 85.38  ? 269 ARG A NH1 1 
ATOM   746  N NH2 . ARG A 1 96  ? -7.128  -17.505 16.266  1.00 91.92  ? 269 ARG A NH2 1 
ATOM   747  N N   . ARG A 1 97  ? -6.701  -17.586 10.355  1.00 71.43  ? 270 ARG A N   1 
ATOM   748  C CA  . ARG A 1 97  ? -7.979  -18.204 9.974   1.00 68.05  ? 270 ARG A CA  1 
ATOM   749  C C   . ARG A 1 97  ? -8.106  -18.460 8.468   1.00 72.27  ? 270 ARG A C   1 
ATOM   750  O O   . ARG A 1 97  ? -9.077  -19.072 8.023   1.00 81.59  ? 270 ARG A O   1 
ATOM   751  C CB  . ARG A 1 97  ? -9.179  -17.345 10.398  1.00 68.06  ? 270 ARG A CB  1 
ATOM   752  C CG  . ARG A 1 97  ? -8.975  -16.441 11.589  1.00 69.67  ? 270 ARG A CG  1 
ATOM   753  C CD  . ARG A 1 97  ? -9.098  -17.197 12.881  1.00 80.37  ? 270 ARG A CD  1 
ATOM   754  N NE  . ARG A 1 97  ? -9.521  -16.327 13.975  1.00 86.37  ? 270 ARG A NE  1 
ATOM   755  C CZ  . ARG A 1 97  ? -10.789 -16.022 14.236  1.00 94.05  ? 270 ARG A CZ  1 
ATOM   756  N NH1 . ARG A 1 97  ? -11.760 -16.514 13.470  1.00 94.20  ? 270 ARG A NH1 1 
ATOM   757  N NH2 . ARG A 1 97  ? -11.088 -15.224 15.257  1.00 92.82  ? 270 ARG A NH2 1 
ATOM   758  N N   . HIS A 1 98  ? -7.159  -17.977 7.673   1.00 72.50  ? 271 HIS A N   1 
ATOM   759  C CA  . HIS A 1 98  ? -7.297  -18.087 6.218   1.00 70.87  ? 271 HIS A CA  1 
ATOM   760  C C   . HIS A 1 98  ? -6.024  -18.603 5.530   1.00 68.49  ? 271 HIS A C   1 
ATOM   761  O O   . HIS A 1 98  ? -5.016  -17.901 5.414   1.00 64.60  ? 271 HIS A O   1 
ATOM   762  C CB  . HIS A 1 98  ? -7.748  -16.743 5.627   1.00 70.57  ? 271 HIS A CB  1 
ATOM   763  C CG  . HIS A 1 98  ? -8.973  -16.174 6.282   1.00 70.13  ? 271 HIS A CG  1 
ATOM   764  N ND1 . HIS A 1 98  ? -8.941  -15.548 7.511   1.00 66.67  ? 271 HIS A ND1 1 
ATOM   765  C CD2 . HIS A 1 98  ? -10.267 -16.136 5.879   1.00 68.42  ? 271 HIS A CD2 1 
ATOM   766  C CE1 . HIS A 1 98  ? -10.159 -15.155 7.838   1.00 64.51  ? 271 HIS A CE1 1 
ATOM   767  N NE2 . HIS A 1 98  ? -10.984 -15.498 6.864   1.00 63.23  ? 271 HIS A NE2 1 
ATOM   768  N N   . ALA A 1 101 ? -5.318  -17.427 2.016   1.00 66.16  ? 274 ALA A N   1 
ATOM   769  C CA  . ALA A 1 101 ? -5.142  -16.015 1.683   1.00 70.02  ? 274 ALA A CA  1 
ATOM   770  C C   . ALA A 1 101 ? -3.668  -15.634 1.471   1.00 64.33  ? 274 ALA A C   1 
ATOM   771  O O   . ALA A 1 101 ? -2.760  -16.360 1.877   1.00 64.62  ? 274 ALA A O   1 
ATOM   772  C CB  . ALA A 1 101 ? -5.777  -15.126 2.760   1.00 64.03  ? 274 ALA A CB  1 
ATOM   773  N N   . ILE A 1 102 ? -3.446  -14.503 0.808   1.00 57.36  ? 275 ILE A N   1 
ATOM   774  C CA  . ILE A 1 102 ? -2.118  -13.915 0.722   1.00 55.35  ? 275 ILE A CA  1 
ATOM   775  C C   . ILE A 1 102 ? -1.770  -13.187 2.035   1.00 55.14  ? 275 ILE A C   1 
ATOM   776  O O   . ILE A 1 102 ? -2.586  -12.445 2.593   1.00 53.00  ? 275 ILE A O   1 
ATOM   777  C CB  . ILE A 1 102 ? -2.021  -12.935 -0.465  1.00 54.29  ? 275 ILE A CB  1 
ATOM   778  C CG1 . ILE A 1 102 ? -2.271  -13.667 -1.791  1.00 60.13  ? 275 ILE A CG1 1 
ATOM   779  C CG2 . ILE A 1 102 ? -0.673  -12.237 -0.488  1.00 50.13  ? 275 ILE A CG2 1 
ATOM   780  C CD1 . ILE A 1 102 ? -1.179  -14.653 -2.193  1.00 54.10  ? 275 ILE A CD1 1 
ATOM   781  N N   . ALA A 1 103 ? -0.572  -13.431 2.554   1.00 51.13  ? 276 ALA A N   1 
ATOM   782  C CA  . ALA A 1 103 ? -0.098  -12.663 3.689   1.00 47.72  ? 276 ALA A CA  1 
ATOM   783  C C   . ALA A 1 103 ? 0.142   -11.225 3.230   1.00 50.82  ? 276 ALA A C   1 
ATOM   784  O O   . ALA A 1 103 ? 0.677   -10.975 2.138   1.00 44.55  ? 276 ALA A O   1 
ATOM   785  C CB  . ALA A 1 103 ? 1.176   -13.259 4.252   1.00 45.36  ? 276 ALA A CB  1 
ATOM   786  N N   . ILE A 1 104 ? -0.251  -10.285 4.076   1.00 42.38  ? 277 ILE A N   1 
ATOM   787  C CA  . ILE A 1 104 ? -0.122  -8.883  3.761   1.00 43.96  ? 277 ILE A CA  1 
ATOM   788  C C   . ILE A 1 104 ? 1.320   -8.499  3.391   1.00 43.60  ? 277 ILE A C   1 
ATOM   789  O O   . ILE A 1 104 ? 1.536   -7.587  2.594   1.00 43.57  ? 277 ILE A O   1 
ATOM   790  C CB  . ILE A 1 104 ? -0.698  -8.010  4.911   1.00 49.10  ? 277 ILE A CB  1 
ATOM   791  C CG1 . ILE A 1 104 ? -1.047  -6.606  4.402   1.00 48.01  ? 277 ILE A CG1 1 
ATOM   792  C CG2 . ILE A 1 104 ? 0.238   -7.988  6.113   1.00 45.21  ? 277 ILE A CG2 1 
ATOM   793  C CD1 . ILE A 1 104 ? -2.079  -5.889  5.246   1.00 41.80  ? 277 ILE A CD1 1 
ATOM   794  N N   . LYS A 1 105 ? 2.301   -9.222  3.922   1.00 38.80  ? 278 LYS A N   1 
ATOM   795  C CA  . LYS A 1 105 ? 3.698   -8.913  3.651   1.00 39.40  ? 278 LYS A CA  1 
ATOM   796  C C   . LYS A 1 105 ? 4.080   -9.172  2.197   1.00 45.06  ? 278 LYS A C   1 
ATOM   797  O O   . LYS A 1 105 ? 5.120   -8.702  1.723   1.00 48.61  ? 278 LYS A O   1 
ATOM   798  C CB  . LYS A 1 105 ? 4.631   -9.685  4.591   1.00 44.52  ? 278 LYS A CB  1 
ATOM   799  C CG  . LYS A 1 105 ? 4.729   -11.185 4.302   1.00 50.90  ? 278 LYS A CG  1 
ATOM   800  C CD  . LYS A 1 105 ? 5.705   -11.878 5.250   1.00 55.81  ? 278 LYS A CD  1 
ATOM   801  C CE  . LYS A 1 105 ? 5.703   -13.402 5.064   1.00 68.07  ? 278 LYS A CE  1 
ATOM   802  N NZ  . LYS A 1 105 ? 6.778   -14.082 5.861   1.00 73.18  ? 278 LYS A NZ  1 
ATOM   803  N N   . TYR A 1 106 ? 3.248   -9.922  1.487   1.00 42.63  ? 279 TYR A N   1 
ATOM   804  C CA  . TYR A 1 106 ? 3.521   -10.204 0.083   1.00 46.73  ? 279 TYR A CA  1 
ATOM   805  C C   . TYR A 1 106 ? 2.865   -9.172  -0.836  1.00 44.38  ? 279 TYR A C   1 
ATOM   806  O O   . TYR A 1 106 ? 3.161   -9.105  -2.025  1.00 45.46  ? 279 TYR A O   1 
ATOM   807  C CB  . TYR A 1 106 ? 3.092   -11.633 -0.283  1.00 49.44  ? 279 TYR A CB  1 
ATOM   808  C CG  . TYR A 1 106 ? 3.943   -12.705 0.372   1.00 52.11  ? 279 TYR A CG  1 
ATOM   809  C CD1 . TYR A 1 106 ? 5.329   -12.697 0.251   1.00 55.93  ? 279 TYR A CD1 1 
ATOM   810  C CD2 . TYR A 1 106 ? 3.363   -13.705 1.129   1.00 48.96  ? 279 TYR A CD2 1 
ATOM   811  C CE1 . TYR A 1 106 ? 6.107   -13.670 0.850   1.00 56.16  ? 279 TYR A CE1 1 
ATOM   812  C CE2 . TYR A 1 106 ? 4.124   -14.672 1.735   1.00 56.91  ? 279 TYR A CE2 1 
ATOM   813  C CZ  . TYR A 1 106 ? 5.498   -14.658 1.598   1.00 62.58  ? 279 TYR A CZ  1 
ATOM   814  O OH  . TYR A 1 106 ? 6.252   -15.641 2.223   1.00 63.40  ? 279 TYR A OH  1 
ATOM   815  N N   . PHE A 1 107 ? 1.985   -8.355  -0.271  1.00 47.47  ? 280 PHE A N   1 
ATOM   816  C CA  . PHE A 1 107 ? 1.333   -7.293  -1.028  1.00 46.13  ? 280 PHE A CA  1 
ATOM   817  C C   . PHE A 1 107 ? 2.332   -6.310  -1.615  1.00 43.51  ? 280 PHE A C   1 
ATOM   818  O O   . PHE A 1 107 ? 2.130   -5.811  -2.716  1.00 43.94  ? 280 PHE A O   1 
ATOM   819  C CB  . PHE A 1 107 ? 0.319   -6.548  -0.167  1.00 41.69  ? 280 PHE A CB  1 
ATOM   820  C CG  . PHE A 1 107 ? -1.027  -7.185  -0.146  1.00 46.05  ? 280 PHE A CG  1 
ATOM   821  C CD1 . PHE A 1 107 ? -1.170  -8.525  0.197   1.00 51.18  ? 280 PHE A CD1 1 
ATOM   822  C CD2 . PHE A 1 107 ? -2.157  -6.458  -0.473  1.00 44.98  ? 280 PHE A CD2 1 
ATOM   823  C CE1 . PHE A 1 107 ? -2.420  -9.127  0.217   1.00 48.73  ? 280 PHE A CE1 1 
ATOM   824  C CE2 . PHE A 1 107 ? -3.415  -7.055  -0.449  1.00 46.63  ? 280 PHE A CE2 1 
ATOM   825  C CZ  . PHE A 1 107 ? -3.546  -8.390  -0.108  1.00 44.30  ? 280 PHE A CZ  1 
ATOM   826  N N   . ARG A 1 108 ? 3.411   -6.025  -0.895  1.00 40.07  ? 281 ARG A N   1 
ATOM   827  C CA  . ARG A 1 108 ? 4.382   -5.099  -1.445  1.00 40.02  ? 281 ARG A CA  1 
ATOM   828  C C   . ARG A 1 108 ? 5.187   -5.680  -2.590  1.00 44.98  ? 281 ARG A C   1 
ATOM   829  O O   . ARG A 1 108 ? 5.663   -4.955  -3.451  1.00 45.23  ? 281 ARG A O   1 
ATOM   830  C CB  . ARG A 1 108 ? 5.273   -4.488  -0.371  1.00 48.13  ? 281 ARG A CB  1 
ATOM   831  C CG  . ARG A 1 108 ? 6.010   -5.438  0.534   1.00 51.13  ? 281 ARG A CG  1 
ATOM   832  C CD  . ARG A 1 108 ? 6.552   -4.617  1.703   1.00 49.23  ? 281 ARG A CD  1 
ATOM   833  N NE  . ARG A 1 108 ? 7.261   -5.421  2.694   1.00 63.83  ? 281 ARG A NE  1 
ATOM   834  C CZ  . ARG A 1 108 ? 6.689   -5.982  3.762   1.00 64.52  ? 281 ARG A CZ  1 
ATOM   835  N NH1 . ARG A 1 108 ? 5.378   -5.842  3.978   1.00 55.95  ? 281 ARG A NH1 1 
ATOM   836  N NH2 . ARG A 1 108 ? 7.434   -6.685  4.614   1.00 56.79  ? 281 ARG A NH2 1 
ATOM   837  N N   . LYS A 1 109 ? 5.323   -6.999  -2.612  1.00 52.52  ? 282 LYS A N   1 
ATOM   838  C CA  . LYS A 1 109 ? 6.000   -7.661  -3.713  1.00 50.29  ? 282 LYS A CA  1 
ATOM   839  C C   . LYS A 1 109 ? 5.169   -7.514  -4.985  1.00 49.33  ? 282 LYS A C   1 
ATOM   840  O O   . LYS A 1 109 ? 5.694   -7.316  -6.081  1.00 48.86  ? 282 LYS A O   1 
ATOM   841  C CB  . LYS A 1 109 ? 6.216   -9.137  -3.380  1.00 46.18  ? 282 LYS A CB  1 
ATOM   842  C CG  . LYS A 1 109 ? 7.195   -9.353  -2.271  1.00 42.55  ? 282 LYS A CG  1 
ATOM   843  C CD  . LYS A 1 109 ? 7.504   -10.834 -2.116  1.00 61.69  ? 282 LYS A CD  1 
ATOM   844  C CE  . LYS A 1 109 ? 8.824   -11.059 -1.365  1.00 67.67  ? 282 LYS A CE  1 
ATOM   845  N NZ  . LYS A 1 109 ? 9.969   -10.319 -2.000  1.00 65.19  ? 282 LYS A NZ  1 
ATOM   846  N N   . PHE A 1 110 ? 3.859   -7.625  -4.833  1.00 42.85  ? 283 PHE A N   1 
ATOM   847  C CA  . PHE A 1 110 ? 2.973   -7.427  -5.955  1.00 46.72  ? 283 PHE A CA  1 
ATOM   848  C C   . PHE A 1 110 ? 3.065   -5.985  -6.454  1.00 47.97  ? 283 PHE A C   1 
ATOM   849  O O   . PHE A 1 110 ? 3.232   -5.720  -7.646  1.00 54.16  ? 283 PHE A O   1 
ATOM   850  C CB  . PHE A 1 110 ? 1.548   -7.732  -5.529  1.00 45.89  ? 283 PHE A CB  1 
ATOM   851  C CG  . PHE A 1 110 ? 0.532   -7.457  -6.596  1.00 53.88  ? 283 PHE A CG  1 
ATOM   852  C CD1 . PHE A 1 110 ? 0.194   -8.436  -7.511  1.00 57.23  ? 283 PHE A CD1 1 
ATOM   853  C CD2 . PHE A 1 110 ? -0.103  -6.227  -6.671  1.00 55.96  ? 283 PHE A CD2 1 
ATOM   854  C CE1 . PHE A 1 110 ? -0.745  -8.190  -8.488  1.00 62.84  ? 283 PHE A CE1 1 
ATOM   855  C CE2 . PHE A 1 110 ? -1.041  -5.975  -7.644  1.00 58.22  ? 283 PHE A CE2 1 
ATOM   856  C CZ  . PHE A 1 110 ? -1.365  -6.959  -8.555  1.00 64.30  ? 283 PHE A CZ  1 
ATOM   857  N N   . VAL A 1 111 ? 2.933   -5.053  -5.526  1.00 42.78  ? 284 VAL A N   1 
ATOM   858  C CA  . VAL A 1 111 ? 2.951   -3.645  -5.848  1.00 44.85  ? 284 VAL A CA  1 
ATOM   859  C C   . VAL A 1 111 ? 4.235   -3.245  -6.577  1.00 42.62  ? 284 VAL A C   1 
ATOM   860  O O   . VAL A 1 111 ? 4.178   -2.563  -7.589  1.00 45.15  ? 284 VAL A O   1 
ATOM   861  C CB  . VAL A 1 111 ? 2.719   -2.787  -4.573  1.00 45.33  ? 284 VAL A CB  1 
ATOM   862  C CG1 . VAL A 1 111 ? 2.929   -1.295  -4.866  1.00 38.75  ? 284 VAL A CG1 1 
ATOM   863  C CG2 . VAL A 1 111 ? 1.329   -3.069  -4.010  1.00 35.75  ? 284 VAL A CG2 1 
ATOM   864  N N   . ALA A 1 112 ? 5.385   -3.689  -6.075  1.00 45.74  ? 285 ALA A N   1 
ATOM   865  C CA  . ALA A 1 112 ? 6.670   -3.381  -6.707  1.00 43.12  ? 285 ALA A CA  1 
ATOM   866  C C   . ALA A 1 112 ? 6.726   -3.990  -8.094  1.00 47.00  ? 285 ALA A C   1 
ATOM   867  O O   . ALA A 1 112 ? 7.360   -3.457  -9.006  1.00 53.05  ? 285 ALA A O   1 
ATOM   868  C CB  . ALA A 1 112 ? 7.806   -3.898  -5.871  1.00 35.27  ? 285 ALA A CB  1 
ATOM   869  N N   . SER A 1 113 ? 6.052   -5.117  -8.247  1.00 45.56  ? 286 SER A N   1 
ATOM   870  C CA  . SER A 1 113 ? 6.070   -5.841  -9.496  1.00 46.30  ? 286 SER A CA  1 
ATOM   871  C C   . SER A 1 113 ? 5.202   -5.152  -10.558 1.00 52.39  ? 286 SER A C   1 
ATOM   872  O O   . SER A 1 113 ? 5.655   -4.984  -11.689 1.00 53.12  ? 286 SER A O   1 
ATOM   873  C CB  . SER A 1 113 ? 5.659   -7.299  -9.253  1.00 54.85  ? 286 SER A CB  1 
ATOM   874  O OG  . SER A 1 113 ? 5.490   -8.031  -10.456 1.00 49.89  ? 286 SER A OG  1 
ATOM   875  N N   . LYS A 1 114 ? 3.974   -4.744  -10.210 1.00 49.01  ? 287 LYS A N   1 
ATOM   876  C CA  . LYS A 1 114 ? 3.141   -3.993  -11.168 1.00 52.08  ? 287 LYS A CA  1 
ATOM   877  C C   . LYS A 1 114 ? 3.759   -2.644  -11.543 1.00 51.69  ? 287 LYS A C   1 
ATOM   878  O O   . LYS A 1 114 ? 3.745   -2.266  -12.716 1.00 50.47  ? 287 LYS A O   1 
ATOM   879  C CB  . LYS A 1 114 ? 1.702   -3.807  -10.674 1.00 47.11  ? 287 LYS A CB  1 
ATOM   880  C CG  . LYS A 1 114 ? 0.920   -5.123  -10.532 1.00 64.47  ? 287 LYS A CG  1 
ATOM   881  C CD  . LYS A 1 114 ? 0.703   -5.869  -11.875 1.00 65.31  ? 287 LYS A CD  1 
ATOM   882  C CE  . LYS A 1 114 ? 0.068   -7.272  -11.688 1.00 74.87  ? 287 LYS A CE  1 
ATOM   883  N NZ  . LYS A 1 114 ? -0.989  -7.693  -12.703 1.00 67.48  ? 287 LYS A NZ  1 
ATOM   884  N N   . MET A 1 115 ? 4.317   -1.937  -10.557 1.00 44.39  ? 288 MET A N   1 
ATOM   885  C CA  . MET A 1 115 ? 4.996   -0.673  -10.824 1.00 44.11  ? 288 MET A CA  1 
ATOM   886  C C   . MET A 1 115 ? 6.105   -0.833  -11.863 1.00 48.97  ? 288 MET A C   1 
ATOM   887  O O   . MET A 1 115 ? 6.290   0.035   -12.714 1.00 51.93  ? 288 MET A O   1 
ATOM   888  C CB  . MET A 1 115 ? 5.519   -0.012  -9.537  1.00 42.29  ? 288 MET A CB  1 
ATOM   889  C CG  . MET A 1 115 ? 4.431   0.722   -8.712  1.00 41.18  ? 288 MET A CG  1 
ATOM   890  S SD  . MET A 1 115 ? 4.914   1.230   -7.027  1.00 33.68  ? 288 MET A SD  1 
ATOM   891  C CE  . MET A 1 115 ? 6.461   1.981   -7.355  1.00 43.49  ? 288 MET A CE  1 
ATOM   892  N N   . ALA A 1 116 ? 6.823   -1.954  -11.814 1.00 57.21  ? 289 ALA A N   1 
ATOM   893  C CA  . ALA A 1 116 ? 7.871   -2.233  -12.806 1.00 51.18  ? 289 ALA A CA  1 
ATOM   894  C C   . ALA A 1 116 ? 7.274   -2.495  -14.189 1.00 49.97  ? 289 ALA A C   1 
ATOM   895  O O   . ALA A 1 116 ? 7.850   -2.096  -15.202 1.00 55.50  ? 289 ALA A O   1 
ATOM   896  C CB  . ALA A 1 116 ? 8.744   -3.380  -12.363 1.00 41.90  ? 289 ALA A CB  1 
ATOM   897  N N   . GLU A 1 117 ? 6.108   -3.134  -14.230 1.00 47.60  ? 290 GLU A N   1 
ATOM   898  C CA  . GLU A 1 117 ? 5.370   -3.297  -15.482 1.00 50.18  ? 290 GLU A CA  1 
ATOM   899  C C   . GLU A 1 117 ? 4.911   -1.961  -16.048 1.00 55.27  ? 290 GLU A C   1 
ATOM   900  O O   . GLU A 1 117 ? 4.785   -1.807  -17.263 1.00 57.10  ? 290 GLU A O   1 
ATOM   901  C CB  . GLU A 1 117 ? 4.137   -4.180  -15.297 1.00 52.43  ? 290 GLU A CB  1 
ATOM   902  C CG  . GLU A 1 117 ? 4.423   -5.629  -14.999 1.00 59.74  ? 290 GLU A CG  1 
ATOM   903  C CD  . GLU A 1 117 ? 3.146   -6.444  -14.915 1.00 72.19  ? 290 GLU A CD  1 
ATOM   904  O OE1 . GLU A 1 117 ? 2.113   -5.969  -15.449 1.00 71.95  ? 290 GLU A OE1 1 
ATOM   905  O OE2 . GLU A 1 117 ? 3.167   -7.542  -14.304 1.00 73.53  ? 290 GLU A OE2 1 
ATOM   906  N N   . LEU A 1 118 ? 4.628   -1.004  -15.169 1.00 58.03  ? 291 LEU A N   1 
ATOM   907  C CA  . LEU A 1 118 ? 4.205   0.327   -15.603 1.00 48.61  ? 291 LEU A CA  1 
ATOM   908  C C   . LEU A 1 118 ? 5.417   1.237   -15.783 1.00 50.81  ? 291 LEU A C   1 
ATOM   909  O O   . LEU A 1 118 ? 5.294   2.450   -15.799 1.00 62.53  ? 291 LEU A O   1 
ATOM   910  C CB  . LEU A 1 118 ? 3.234   0.924   -14.599 1.00 46.27  ? 291 LEU A CB  1 
ATOM   911  C CG  . LEU A 1 118 ? 2.051   0.012   -14.301 1.00 51.65  ? 291 LEU A CG  1 
ATOM   912  C CD1 . LEU A 1 118 ? 1.313   0.435   -13.037 1.00 43.80  ? 291 LEU A CD1 1 
ATOM   913  C CD2 . LEU A 1 118 ? 1.132   0.006   -15.493 1.00 50.70  ? 291 LEU A CD2 1 
ATOM   914  N N   . SER A 1 119 ? 6.591   0.638   -15.896 1.00 50.76  ? 292 SER A N   1 
ATOM   915  C CA  . SER A 1 119 ? 7.807   1.368   -16.243 1.00 58.79  ? 292 SER A CA  1 
ATOM   916  C C   . SER A 1 119 ? 8.236   2.405   -15.223 1.00 56.18  ? 292 SER A C   1 
ATOM   917  O O   . SER A 1 119 ? 8.834   3.423   -15.581 1.00 53.99  ? 292 SER A O   1 
ATOM   918  C CB  . SER A 1 119 ? 7.692   2.001   -17.635 1.00 62.98  ? 292 SER A CB  1 
ATOM   919  O OG  . SER A 1 119 ? 8.136   1.088   -18.631 1.00 69.18  ? 292 SER A OG  1 
ATOM   920  N N   . VAL A 1 120 ? 7.944   2.142   -13.952 1.00 53.18  ? 293 VAL A N   1 
ATOM   921  C CA  . VAL A 1 120 ? 8.509   2.951   -12.886 1.00 46.80  ? 293 VAL A CA  1 
ATOM   922  C C   . VAL A 1 120 ? 9.937   2.464   -12.611 1.00 50.00  ? 293 VAL A C   1 
ATOM   923  O O   . VAL A 1 120 ? 10.145  1.288   -12.314 1.00 49.96  ? 293 VAL A O   1 
ATOM   924  C CB  . VAL A 1 120 ? 7.660   2.875   -11.607 1.00 45.36  ? 293 VAL A CB  1 
ATOM   925  C CG1 . VAL A 1 120 ? 8.182   3.849   -10.559 1.00 34.52  ? 293 VAL A CG1 1 
ATOM   926  C CG2 . VAL A 1 120 ? 6.198   3.152   -11.929 1.00 47.41  ? 293 VAL A CG2 1 
ATOM   927  N N   . PRO A 1 121 ? 10.926  3.370   -12.728 1.00 47.62  ? 294 PRO A N   1 
ATOM   928  C CA  . PRO A 1 121 ? 12.327  3.065   -12.411 1.00 41.46  ? 294 PRO A CA  1 
ATOM   929  C C   . PRO A 1 121 ? 12.458  2.503   -11.006 1.00 49.10  ? 294 PRO A C   1 
ATOM   930  O O   . PRO A 1 121 ? 11.781  2.979   -10.094 1.00 54.32  ? 294 PRO A O   1 
ATOM   931  C CB  . PRO A 1 121 ? 13.013  4.436   -12.449 1.00 41.79  ? 294 PRO A CB  1 
ATOM   932  C CG  . PRO A 1 121 ? 12.124  5.301   -13.228 1.00 41.67  ? 294 PRO A CG  1 
ATOM   933  C CD  . PRO A 1 121 ? 10.725  4.786   -13.085 1.00 42.82  ? 294 PRO A CD  1 
ATOM   934  N N   . LEU A 1 122 ? 13.342  1.530   -10.833 1.00 54.88  ? 295 LEU A N   1 
ATOM   935  C CA  . LEU A 1 122 ? 13.512  0.832   -9.560  1.00 47.60  ? 295 LEU A CA  1 
ATOM   936  C C   . LEU A 1 122 ? 13.904  1.739   -8.405  1.00 50.78  ? 295 LEU A C   1 
ATOM   937  O O   . LEU A 1 122 ? 13.510  1.488   -7.262  1.00 51.98  ? 295 LEU A O   1 
ATOM   938  C CB  . LEU A 1 122 ? 14.518  -0.315  -9.702  1.00 48.48  ? 295 LEU A CB  1 
ATOM   939  C CG  . LEU A 1 122 ? 13.999  -1.654  -10.256 1.00 65.54  ? 295 LEU A CG  1 
ATOM   940  C CD1 . LEU A 1 122 ? 12.902  -1.528  -11.358 1.00 48.61  ? 295 LEU A CD1 1 
ATOM   941  C CD2 . LEU A 1 122 ? 15.178  -2.467  -10.769 1.00 64.69  ? 295 LEU A CD2 1 
ATOM   942  N N   . ASP A 1 123 ? 14.671  2.791   -8.687  1.00 49.83  ? 296 ASP A N   1 
ATOM   943  C CA  . ASP A 1 123 ? 15.051  3.734   -7.630  1.00 52.56  ? 296 ASP A CA  1 
ATOM   944  C C   . ASP A 1 123 ? 13.835  4.473   -7.109  1.00 50.54  ? 296 ASP A C   1 
ATOM   945  O O   . ASP A 1 123 ? 13.785  4.856   -5.939  1.00 47.44  ? 296 ASP A O   1 
ATOM   946  C CB  . ASP A 1 123 ? 16.090  4.750   -8.112  1.00 59.47  ? 296 ASP A CB  1 
ATOM   947  C CG  . ASP A 1 123 ? 17.498  4.181   -8.130  1.00 73.51  ? 296 ASP A CG  1 
ATOM   948  O OD1 . ASP A 1 123 ? 17.705  3.070   -7.569  1.00 76.88  ? 296 ASP A OD1 1 
ATOM   949  O OD2 . ASP A 1 123 ? 18.394  4.850   -8.695  1.00 63.53  ? 296 ASP A OD2 1 
ATOM   950  N N   . ILE A 1 124 ? 12.857  4.683   -7.987  1.00 47.53  ? 297 ILE A N   1 
ATOM   951  C CA  . ILE A 1 124 ? 11.641  5.383   -7.602  1.00 44.80  ? 297 ILE A CA  1 
ATOM   952  C C   . ILE A 1 124 ? 10.692  4.433   -6.869  1.00 46.41  ? 297 ILE A C   1 
ATOM   953  O O   . ILE A 1 124 ? 10.091  4.806   -5.853  1.00 44.19  ? 297 ILE A O   1 
ATOM   954  C CB  . ILE A 1 124 ? 10.982  6.074   -8.804  1.00 44.93  ? 297 ILE A CB  1 
ATOM   955  C CG1 . ILE A 1 124 ? 11.898  7.195   -9.315  1.00 49.49  ? 297 ILE A CG1 1 
ATOM   956  C CG2 . ILE A 1 124 ? 9.620   6.647   -8.427  1.00 39.15  ? 297 ILE A CG2 1 
ATOM   957  C CD1 . ILE A 1 124 ? 11.466  7.811   -10.640 1.00 43.88  ? 297 ILE A CD1 1 
ATOM   958  N N   . ILE A 1 125 ? 10.588  3.200   -7.362  1.00 44.79  ? 298 ILE A N   1 
ATOM   959  C CA  . ILE A 1 125 ? 9.856   2.169   -6.643  1.00 42.72  ? 298 ILE A CA  1 
ATOM   960  C C   . ILE A 1 125 ? 10.370  2.029   -5.209  1.00 46.08  ? 298 ILE A C   1 
ATOM   961  O O   . ILE A 1 125 ? 9.592   1.879   -4.281  1.00 45.93  ? 298 ILE A O   1 
ATOM   962  C CB  . ILE A 1 125 ? 9.956   0.816   -7.334  1.00 42.31  ? 298 ILE A CB  1 
ATOM   963  C CG1 . ILE A 1 125 ? 9.514   0.933   -8.793  1.00 43.61  ? 298 ILE A CG1 1 
ATOM   964  C CG2 . ILE A 1 125 ? 9.122   -0.212  -6.589  1.00 38.03  ? 298 ILE A CG2 1 
ATOM   965  C CD1 . ILE A 1 125 ? 9.214   -0.394  -9.454  1.00 45.01  ? 298 ILE A CD1 1 
ATOM   966  N N   . ASP A 1 126 ? 11.681  2.115   -5.031  1.00 44.70  ? 299 ASP A N   1 
ATOM   967  C CA  . ASP A 1 126 ? 12.272  1.986   -3.710  1.00 45.76  ? 299 ASP A CA  1 
ATOM   968  C C   . ASP A 1 126 ? 11.872  3.141   -2.824  1.00 48.75  ? 299 ASP A C   1 
ATOM   969  O O   . ASP A 1 126 ? 11.586  2.964   -1.641  1.00 50.08  ? 299 ASP A O   1 
ATOM   970  C CB  . ASP A 1 126 ? 13.793  1.925   -3.809  1.00 54.30  ? 299 ASP A CB  1 
ATOM   971  C CG  . ASP A 1 126 ? 14.289  0.584   -4.304  1.00 59.65  ? 299 ASP A CG  1 
ATOM   972  O OD1 . ASP A 1 126 ? 13.514  -0.402  -4.239  1.00 57.27  ? 299 ASP A OD1 1 
ATOM   973  O OD2 . ASP A 1 126 ? 15.456  0.519   -4.752  1.00 69.75  ? 299 ASP A OD2 1 
ATOM   974  N N   . PHE A 1 127 ? 11.857  4.330   -3.412  1.00 52.02  ? 300 PHE A N   1 
ATOM   975  C CA  . PHE A 1 127 ? 11.447  5.536   -2.717  1.00 44.22  ? 300 PHE A CA  1 
ATOM   976  C C   . PHE A 1 127 ? 9.952   5.483   -2.332  1.00 42.03  ? 300 PHE A C   1 
ATOM   977  O O   . PHE A 1 127 ? 9.581   5.803   -1.202  1.00 36.56  ? 300 PHE A O   1 
ATOM   978  C CB  . PHE A 1 127 ? 11.739  6.754   -3.596  1.00 42.77  ? 300 PHE A CB  1 
ATOM   979  C CG  . PHE A 1 127 ? 11.328  8.064   -2.975  1.00 42.54  ? 300 PHE A CG  1 
ATOM   980  C CD1 . PHE A 1 127 ? 12.186  8.744   -2.137  1.00 36.85  ? 300 PHE A CD1 1 
ATOM   981  C CD2 . PHE A 1 127 ? 10.076  8.606   -3.227  1.00 39.01  ? 300 PHE A CD2 1 
ATOM   982  C CE1 . PHE A 1 127 ? 11.808  9.928   -1.570  1.00 39.58  ? 300 PHE A CE1 1 
ATOM   983  C CE2 . PHE A 1 127 ? 9.692   9.786   -2.652  1.00 35.11  ? 300 PHE A CE2 1 
ATOM   984  C CZ  . PHE A 1 127 ? 10.556  10.450  -1.824  1.00 41.37  ? 300 PHE A CZ  1 
ATOM   985  N N   . ILE A 1 128 ? 9.098   5.094   -3.273  1.00 34.17  ? 301 ILE A N   1 
ATOM   986  C CA  . ILE A 1 128 ? 7.685   5.016   -2.976  1.00 35.76  ? 301 ILE A CA  1 
ATOM   987  C C   . ILE A 1 128 ? 7.430   4.053   -1.816  1.00 44.07  ? 301 ILE A C   1 
ATOM   988  O O   . ILE A 1 128 ? 6.651   4.347   -0.903  1.00 41.67  ? 301 ILE A O   1 
ATOM   989  C CB  . ILE A 1 128 ? 6.862   4.624   -4.214  1.00 39.35  ? 301 ILE A CB  1 
ATOM   990  C CG1 . ILE A 1 128 ? 6.738   5.821   -5.166  1.00 35.83  ? 301 ILE A CG1 1 
ATOM   991  C CG2 . ILE A 1 128 ? 5.468   4.149   -3.813  1.00 36.41  ? 301 ILE A CG2 1 
ATOM   992  C CD1 . ILE A 1 128 ? 6.411   5.448   -6.606  1.00 29.93  ? 301 ILE A CD1 1 
ATOM   993  N N   . GLN A 1 129 ? 8.139   2.929   -1.833  1.00 48.54  ? 302 GLN A N   1 
ATOM   994  C CA  . GLN A 1 129 ? 7.941   1.863   -0.862  1.00 41.04  ? 302 GLN A CA  1 
ATOM   995  C C   . GLN A 1 129 ? 8.728   1.999   0.434   1.00 44.94  ? 302 GLN A C   1 
ATOM   996  O O   . GLN A 1 129 ? 8.646   1.125   1.290   1.00 48.64  ? 302 GLN A O   1 
ATOM   997  C CB  . GLN A 1 129 ? 8.285   0.530   -1.491  1.00 42.04  ? 302 GLN A CB  1 
ATOM   998  C CG  . GLN A 1 129 ? 7.262   0.047   -2.457  1.00 40.82  ? 302 GLN A CG  1 
ATOM   999  C CD  . GLN A 1 129 ? 7.454   -1.414  -2.761  1.00 46.66  ? 302 GLN A CD  1 
ATOM   1000 O OE1 . GLN A 1 129 ? 8.584   -1.887  -2.879  1.00 50.62  ? 302 GLN A OE1 1 
ATOM   1001 N NE2 . GLN A 1 129 ? 6.355   -2.148  -2.873  1.00 47.74  ? 302 GLN A NE2 1 
ATOM   1002 N N   . GLY A 1 130 ? 9.502   3.065   0.575   1.00 45.06  ? 303 GLY A N   1 
ATOM   1003 C CA  . GLY A 1 130 ? 10.111  3.377   1.857   1.00 49.19  ? 303 GLY A CA  1 
ATOM   1004 C C   . GLY A 1 130 ? 11.560  2.956   2.056   1.00 56.53  ? 303 GLY A C   1 
ATOM   1005 O O   . GLY A 1 130 ? 12.106  3.147   3.140   1.00 63.49  ? 303 GLY A O   1 
ATOM   1006 N N   . ARG A 1 131 ? 12.187  2.407   1.016   1.00 59.77  ? 304 ARG A N   1 
ATOM   1007 C CA  . ARG A 1 131 ? 13.567  1.914   1.090   1.00 60.91  ? 304 ARG A CA  1 
ATOM   1008 C C   . ARG A 1 131 ? 14.617  2.931   0.649   1.00 66.74  ? 304 ARG A C   1 
ATOM   1009 O O   . ARG A 1 131 ? 14.499  3.538   -0.415  1.00 66.63  ? 304 ARG A O   1 
ATOM   1010 C CB  . ARG A 1 131 ? 13.721  0.658   0.239   1.00 58.91  ? 304 ARG A CB  1 
ATOM   1011 C CG  . ARG A 1 131 ? 12.909  -0.521  0.728   1.00 57.51  ? 304 ARG A CG  1 
ATOM   1012 C CD  . ARG A 1 131 ? 13.206  -1.740  -0.110  1.00 55.18  ? 304 ARG A CD  1 
ATOM   1013 N NE  . ARG A 1 131 ? 12.672  -1.597  -1.455  1.00 67.96  ? 304 ARG A NE  1 
ATOM   1014 C CZ  . ARG A 1 131 ? 11.437  -1.956  -1.798  1.00 66.83  ? 304 ARG A CZ  1 
ATOM   1015 N NH1 . ARG A 1 131 ? 10.637  -2.488  -0.872  1.00 61.04  ? 304 ARG A NH1 1 
ATOM   1016 N NH2 . ARG A 1 131 ? 11.006  -1.790  -3.056  1.00 50.03  ? 304 ARG A NH2 1 
ATOM   1017 N N   . LYS A 1 132 ? 15.661  3.084   1.461   1.00 78.16  ? 305 LYS A N   1 
ATOM   1018 C CA  . LYS A 1 132 ? 16.768  4.022   1.189   1.00 80.89  ? 305 LYS A CA  1 
ATOM   1019 C C   . LYS A 1 132 ? 17.644  3.790   -0.070  1.00 81.78  ? 305 LYS A C   1 
ATOM   1020 O O   . LYS A 1 132 ? 18.180  4.758   -0.620  1.00 83.79  ? 305 LYS A O   1 
ATOM   1021 C CB  . LYS A 1 132 ? 17.652  4.225   2.437   1.00 75.40  ? 305 LYS A CB  1 
ATOM   1022 C CG  . LYS A 1 132 ? 17.999  2.942   3.229   1.00 85.23  ? 305 LYS A CG  1 
ATOM   1023 C CD  . LYS A 1 132 ? 16.916  2.579   4.276   1.00 89.43  ? 305 LYS A CD  1 
ATOM   1024 C CE  . LYS A 1 132 ? 16.295  1.188   4.007   1.00 86.97  ? 305 LYS A CE  1 
ATOM   1025 N NZ  . LYS A 1 132 ? 14.900  1.067   4.583   1.00 71.57  ? 305 LYS A NZ  1 
ATOM   1026 N N   . PRO A 1 133 ? 17.807  2.522   -0.522  1.00 81.30  ? 306 PRO A N   1 
ATOM   1027 C CA  . PRO A 1 133 ? 18.502  2.283   -1.802  1.00 90.22  ? 306 PRO A CA  1 
ATOM   1028 C C   . PRO A 1 133 ? 18.044  3.182   -2.964  1.00 79.14  ? 306 PRO A C   1 
ATOM   1029 O O   . PRO A 1 133 ? 17.838  2.681   -4.077  1.00 72.22  ? 306 PRO A O   1 
ATOM   1030 C CB  . PRO A 1 133 ? 18.172  0.801   -2.118  1.00 83.33  ? 306 PRO A CB  1 
ATOM   1031 C CG  . PRO A 1 133 ? 17.345  0.273   -0.899  1.00 79.81  ? 306 PRO A CG  1 
ATOM   1032 C CD  . PRO A 1 133 ? 17.628  1.258   0.214   1.00 80.85  ? 306 PRO A CD  1 
ATOM   1033 N N   . VAL A 1 142 ? 10.895  20.579  -11.277 1.00 60.95  ? 315 VAL A N   1 
ATOM   1034 C CA  . VAL A 1 142 ? 10.839  19.179  -10.833 1.00 64.76  ? 315 VAL A CA  1 
ATOM   1035 C C   . VAL A 1 142 ? 11.555  18.900  -9.493  1.00 64.77  ? 315 VAL A C   1 
ATOM   1036 O O   . VAL A 1 142 ? 12.595  19.500  -9.170  1.00 62.68  ? 315 VAL A O   1 
ATOM   1037 C CB  . VAL A 1 142 ? 11.363  18.205  -11.928 1.00 66.01  ? 315 VAL A CB  1 
ATOM   1038 C CG1 . VAL A 1 142 ? 10.212  17.668  -12.785 1.00 61.54  ? 315 VAL A CG1 1 
ATOM   1039 C CG2 . VAL A 1 142 ? 12.418  18.888  -12.805 1.00 72.72  ? 315 VAL A CG2 1 
ATOM   1040 N N   . SER A 1 143 ? 10.986  17.982  -8.715  1.00 54.88  ? 316 SER A N   1 
ATOM   1041 C CA  . SER A 1 143 ? 11.598  17.571  -7.458  1.00 50.51  ? 316 SER A CA  1 
ATOM   1042 C C   . SER A 1 143 ? 11.466  16.062  -7.261  1.00 47.53  ? 316 SER A C   1 
ATOM   1043 O O   . SER A 1 143 ? 10.722  15.394  -7.978  1.00 47.65  ? 316 SER A O   1 
ATOM   1044 C CB  . SER A 1 143 ? 10.954  18.317  -6.283  1.00 51.34  ? 316 SER A CB  1 
ATOM   1045 O OG  . SER A 1 143 ? 9.578   17.996  -6.176  1.00 48.01  ? 316 SER A OG  1 
ATOM   1046 N N   . LEU A 1 144 ? 12.205  15.539  -6.287  1.00 49.34  ? 317 LEU A N   1 
ATOM   1047 C CA  . LEU A 1 144 ? 12.131  14.134  -5.896  1.00 46.87  ? 317 LEU A CA  1 
ATOM   1048 C C   . LEU A 1 144 ? 10.686  13.688  -5.697  1.00 44.66  ? 317 LEU A C   1 
ATOM   1049 O O   . LEU A 1 144 ? 10.207  12.788  -6.388  1.00 46.37  ? 317 LEU A O   1 
ATOM   1050 C CB  . LEU A 1 144 ? 12.915  13.927  -4.599  1.00 52.24  ? 317 LEU A CB  1 
ATOM   1051 C CG  . LEU A 1 144 ? 13.901  12.763  -4.477  1.00 56.17  ? 317 LEU A CG  1 
ATOM   1052 C CD1 . LEU A 1 144 ? 14.612  12.510  -5.788  1.00 52.01  ? 317 LEU A CD1 1 
ATOM   1053 C CD2 . LEU A 1 144 ? 14.919  13.049  -3.371  1.00 58.98  ? 317 LEU A CD2 1 
ATOM   1054 N N   . PHE A 1 145 ? 9.986   14.337  -4.768  1.00 46.00  ? 318 PHE A N   1 
ATOM   1055 C CA  . PHE A 1 145 ? 8.591   13.997  -4.476  1.00 41.52  ? 318 PHE A CA  1 
ATOM   1056 C C   . PHE A 1 145 ? 7.649   14.184  -5.677  1.00 37.94  ? 318 PHE A C   1 
ATOM   1057 O O   . PHE A 1 145 ? 6.737   13.382  -5.887  1.00 33.42  ? 318 PHE A O   1 
ATOM   1058 C CB  . PHE A 1 145 ? 8.077   14.763  -3.250  1.00 37.46  ? 318 PHE A CB  1 
ATOM   1059 C CG  . PHE A 1 145 ? 6.598   14.638  -3.052  1.00 38.15  ? 318 PHE A CG  1 
ATOM   1060 C CD1 . PHE A 1 145 ? 6.053   13.475  -2.538  1.00 37.12  ? 318 PHE A CD1 1 
ATOM   1061 C CD2 . PHE A 1 145 ? 5.743   15.672  -3.411  1.00 39.07  ? 318 PHE A CD2 1 
ATOM   1062 C CE1 . PHE A 1 145 ? 4.685   13.354  -2.373  1.00 35.04  ? 318 PHE A CE1 1 
ATOM   1063 C CE2 . PHE A 1 145 ? 4.374   15.545  -3.263  1.00 36.32  ? 318 PHE A CE2 1 
ATOM   1064 C CZ  . PHE A 1 145 ? 3.849   14.392  -2.743  1.00 35.91  ? 318 PHE A CZ  1 
ATOM   1065 N N   . GLY A 1 146 ? 7.872   15.243  -6.451  1.00 38.51  ? 319 GLY A N   1 
ATOM   1066 C CA  . GLY A 1 146 ? 7.129   15.470  -7.672  1.00 34.61  ? 319 GLY A CA  1 
ATOM   1067 C C   . GLY A 1 146 ? 7.231   14.328  -8.668  1.00 39.16  ? 319 GLY A C   1 
ATOM   1068 O O   . GLY A 1 146 ? 6.219   13.833  -9.152  1.00 40.97  ? 319 GLY A O   1 
ATOM   1069 N N   . ILE A 1 147 ? 8.449   13.904  -8.987  1.00 39.60  ? 320 ILE A N   1 
ATOM   1070 C CA  . ILE A 1 147 ? 8.640   12.770  -9.887  1.00 42.92  ? 320 ILE A CA  1 
ATOM   1071 C C   . ILE A 1 147 ? 8.006   11.470  -9.356  1.00 40.44  ? 320 ILE A C   1 
ATOM   1072 O O   . ILE A 1 147 ? 7.318   10.742  -10.083 1.00 38.76  ? 320 ILE A O   1 
ATOM   1073 C CB  . ILE A 1 147 ? 10.134  12.544  -10.185 1.00 47.36  ? 320 ILE A CB  1 
ATOM   1074 C CG1 . ILE A 1 147 ? 10.728  13.801  -10.850 1.00 49.35  ? 320 ILE A CG1 1 
ATOM   1075 C CG2 . ILE A 1 147 ? 10.291  11.316  -11.067 1.00 43.96  ? 320 ILE A CG2 1 
ATOM   1076 C CD1 . ILE A 1 147 ? 12.227  13.982  -10.697 1.00 45.82  ? 320 ILE A CD1 1 
ATOM   1077 N N   . ALA A 1 148 ? 8.242   11.192  -8.079  1.00 38.15  ? 321 ALA A N   1 
ATOM   1078 C CA  . ALA A 1 148 ? 7.638   10.051  -7.414  1.00 33.89  ? 321 ALA A CA  1 
ATOM   1079 C C   . ALA A 1 148 ? 6.110   10.077  -7.469  1.00 35.90  ? 321 ALA A C   1 
ATOM   1080 O O   . ALA A 1 148 ? 5.477   9.050   -7.711  1.00 37.86  ? 321 ALA A O   1 
ATOM   1081 C CB  . ALA A 1 148 ? 8.112   9.978   -5.985  1.00 38.59  ? 321 ALA A CB  1 
ATOM   1082 N N   . LYS A 1 149 ? 5.508   11.237  -7.241  1.00 33.83  ? 322 LYS A N   1 
ATOM   1083 C CA  . LYS A 1 149 ? 4.055   11.337  -7.352  1.00 35.68  ? 322 LYS A CA  1 
ATOM   1084 C C   . LYS A 1 149 ? 3.550   11.077  -8.770  1.00 34.61  ? 322 LYS A C   1 
ATOM   1085 O O   . LYS A 1 149 ? 2.568   10.360  -8.943  1.00 36.92  ? 322 LYS A O   1 
ATOM   1086 C CB  . LYS A 1 149 ? 3.539   12.680  -6.818  1.00 37.47  ? 322 LYS A CB  1 
ATOM   1087 C CG  . LYS A 1 149 ? 2.024   12.829  -6.835  1.00 32.18  ? 322 LYS A CG  1 
ATOM   1088 C CD  . LYS A 1 149 ? 1.594   13.959  -5.936  1.00 38.17  ? 322 LYS A CD  1 
ATOM   1089 C CE  . LYS A 1 149 ? 2.122   15.313  -6.414  1.00 42.84  ? 322 LYS A CE  1 
ATOM   1090 N NZ  . LYS A 1 149 ? 1.330   15.852  -7.555  1.00 48.83  ? 322 LYS A NZ  1 
ATOM   1091 N N   . GLU A 1 150 ? 4.233   11.627  -9.779  1.00 35.84  ? 323 GLU A N   1 
ATOM   1092 C CA  . GLU A 1 150 ? 3.852   11.397  -11.176 1.00 39.56  ? 323 GLU A CA  1 
ATOM   1093 C C   . GLU A 1 150 ? 4.000   9.927   -11.561 1.00 43.43  ? 323 GLU A C   1 
ATOM   1094 O O   . GLU A 1 150 ? 3.131   9.361   -12.229 1.00 40.56  ? 323 GLU A O   1 
ATOM   1095 C CB  . GLU A 1 150 ? 4.667   12.256  -12.148 1.00 40.11  ? 323 GLU A CB  1 
ATOM   1096 C CG  . GLU A 1 150 ? 4.690   13.766  -11.856 1.00 50.96  ? 323 GLU A CG  1 
ATOM   1097 C CD  . GLU A 1 150 ? 3.352   14.343  -11.342 1.00 62.12  ? 323 GLU A CD  1 
ATOM   1098 O OE1 . GLU A 1 150 ? 3.371   14.957  -10.221 1.00 50.71  ? 323 GLU A OE1 1 
ATOM   1099 O OE2 . GLU A 1 150 ? 2.312   14.192  -12.055 1.00 49.99  ? 323 GLU A OE2 1 
ATOM   1100 N N   . GLN A 1 151 ? 5.109   9.313   -11.146 1.00 40.59  ? 324 GLN A N   1 
ATOM   1101 C CA  . GLN A 1 151 ? 5.255   7.858   -11.269 1.00 41.90  ? 324 GLN A CA  1 
ATOM   1102 C C   . GLN A 1 151 ? 4.167   7.088   -10.514 1.00 39.17  ? 324 GLN A C   1 
ATOM   1103 O O   . GLN A 1 151 ? 3.567   6.154   -11.055 1.00 40.46  ? 324 GLN A O   1 
ATOM   1104 C CB  . GLN A 1 151 ? 6.632   7.410   -10.787 1.00 40.98  ? 324 GLN A CB  1 
ATOM   1105 C CG  . GLN A 1 151 ? 7.746   7.760   -11.738 1.00 47.64  ? 324 GLN A CG  1 
ATOM   1106 C CD  . GLN A 1 151 ? 7.420   7.321   -13.146 1.00 51.44  ? 324 GLN A CD  1 
ATOM   1107 O OE1 . GLN A 1 151 ? 7.396   6.125   -13.446 1.00 51.20  ? 324 GLN A OE1 1 
ATOM   1108 N NE2 . GLN A 1 151 ? 7.140   8.285   -14.015 1.00 49.58  ? 324 GLN A NE2 1 
ATOM   1109 N N   . TYR A 1 152 ? 3.921   7.468   -9.262  1.00 37.88  ? 325 TYR A N   1 
ATOM   1110 C CA  . TYR A 1 152 ? 2.895   6.793   -8.468  1.00 40.79  ? 325 TYR A CA  1 
ATOM   1111 C C   . TYR A 1 152 ? 1.529   6.870   -9.142  1.00 44.17  ? 325 TYR A C   1 
ATOM   1112 O O   . TYR A 1 152 ? 0.745   5.912   -9.072  1.00 42.91  ? 325 TYR A O   1 
ATOM   1113 C CB  . TYR A 1 152 ? 2.797   7.322   -7.025  1.00 35.68  ? 325 TYR A CB  1 
ATOM   1114 C CG  . TYR A 1 152 ? 1.715   6.588   -6.283  1.00 34.59  ? 325 TYR A CG  1 
ATOM   1115 C CD1 . TYR A 1 152 ? 1.924   5.293   -5.820  1.00 37.77  ? 325 TYR A CD1 1 
ATOM   1116 C CD2 . TYR A 1 152 ? 0.463   7.152   -6.104  1.00 35.90  ? 325 TYR A CD2 1 
ATOM   1117 C CE1 . TYR A 1 152 ? 0.916   4.587   -5.173  1.00 39.93  ? 325 TYR A CE1 1 
ATOM   1118 C CE2 . TYR A 1 152 ? -0.555  6.453   -5.465  1.00 38.17  ? 325 TYR A CE2 1 
ATOM   1119 C CZ  . TYR A 1 152 ? -0.326  5.172   -5.004  1.00 37.49  ? 325 TYR A CZ  1 
ATOM   1120 O OH  . TYR A 1 152 ? -1.337  4.485   -4.370  1.00 33.30  ? 325 TYR A OH  1 
ATOM   1121 N N   . LYS A 1 153 ? 1.250   8.008   -9.785  1.00 43.58  ? 326 LYS A N   1 
ATOM   1122 C CA  . LYS A 1 153 ? -0.018  8.200   -10.501 1.00 45.32  ? 326 LYS A CA  1 
ATOM   1123 C C   . LYS A 1 153 ? -0.303  7.114   -11.549 1.00 43.28  ? 326 LYS A C   1 
ATOM   1124 O O   . LYS A 1 153 ? -1.457  6.732   -11.758 1.00 44.53  ? 326 LYS A O   1 
ATOM   1125 C CB  . LYS A 1 153 ? -0.093  9.603   -11.112 1.00 46.64  ? 326 LYS A CB  1 
ATOM   1126 C CG  . LYS A 1 153 ? -0.592  10.668  -10.132 1.00 47.59  ? 326 LYS A CG  1 
ATOM   1127 C CD  . LYS A 1 153 ? -0.105  12.067  -10.502 1.00 50.65  ? 326 LYS A CD  1 
ATOM   1128 C CE  . LYS A 1 153 ? -1.078  12.797  -11.403 1.00 62.07  ? 326 LYS A CE  1 
ATOM   1129 N NZ  . LYS A 1 153 ? -0.561  14.160  -11.729 1.00 67.04  ? 326 LYS A NZ  1 
ATOM   1130 N N   . LYS A 1 154 ? 0.748   6.596   -12.180 1.00 42.25  ? 327 LYS A N   1 
ATOM   1131 C CA  . LYS A 1 154 ? 0.593   5.496   -13.135 1.00 46.03  ? 327 LYS A CA  1 
ATOM   1132 C C   . LYS A 1 154 ? 0.011   4.259   -12.471 1.00 47.58  ? 327 LYS A C   1 
ATOM   1133 O O   . LYS A 1 154 ? -0.923  3.651   -12.990 1.00 48.50  ? 327 LYS A O   1 
ATOM   1134 C CB  . LYS A 1 154 ? 1.918   5.163   -13.809 1.00 43.71  ? 327 LYS A CB  1 
ATOM   1135 C CG  . LYS A 1 154 ? 2.454   6.304   -14.638 1.00 44.75  ? 327 LYS A CG  1 
ATOM   1136 C CD  . LYS A 1 154 ? 3.497   5.822   -15.627 1.00 51.26  ? 327 LYS A CD  1 
ATOM   1137 C CE  . LYS A 1 154 ? 4.773   5.403   -14.934 1.00 54.11  ? 327 LYS A CE  1 
ATOM   1138 N NZ  . LYS A 1 154 ? 5.983   5.785   -15.743 1.00 57.40  ? 327 LYS A NZ  1 
ATOM   1139 N N   . TYR A 1 155 ? 0.555   3.907   -11.309 1.00 46.76  ? 328 TYR A N   1 
ATOM   1140 C CA  . TYR A 1 155 ? 0.046   2.779   -10.530 1.00 44.41  ? 328 TYR A CA  1 
ATOM   1141 C C   . TYR A 1 155 ? -1.368  3.034   -10.001 1.00 46.08  ? 328 TYR A C   1 
ATOM   1142 O O   . TYR A 1 155 ? -2.195  2.125   -9.949  1.00 44.18  ? 328 TYR A O   1 
ATOM   1143 C CB  . TYR A 1 155 ? 0.996   2.433   -9.377  1.00 44.81  ? 328 TYR A CB  1 
ATOM   1144 C CG  . TYR A 1 155 ? 0.492   1.283   -8.532  1.00 45.31  ? 328 TYR A CG  1 
ATOM   1145 C CD1 . TYR A 1 155 ? 0.517   -0.015  -9.020  1.00 39.85  ? 328 TYR A CD1 1 
ATOM   1146 C CD2 . TYR A 1 155 ? -0.019  1.493   -7.256  1.00 37.95  ? 328 TYR A CD2 1 
ATOM   1147 C CE1 . TYR A 1 155 ? 0.062   -1.067  -8.266  1.00 40.88  ? 328 TYR A CE1 1 
ATOM   1148 C CE2 . TYR A 1 155 ? -0.478  0.444   -6.503  1.00 39.13  ? 328 TYR A CE2 1 
ATOM   1149 C CZ  . TYR A 1 155 ? -0.439  -0.837  -7.017  1.00 41.32  ? 328 TYR A CZ  1 
ATOM   1150 O OH  . TYR A 1 155 ? -0.909  -1.901  -6.284  1.00 40.39  ? 328 TYR A OH  1 
ATOM   1151 N N   . ALA A 1 156 ? -1.641  4.276   -9.610  1.00 49.67  ? 329 ALA A N   1 
ATOM   1152 C CA  . ALA A 1 156 ? -2.978  4.665   -9.157  1.00 47.26  ? 329 ALA A CA  1 
ATOM   1153 C C   . ALA A 1 156 ? -4.038  4.515   -10.262 1.00 50.69  ? 329 ALA A C   1 
ATOM   1154 O O   . ALA A 1 156 ? -5.121  3.990   -10.016 1.00 50.31  ? 329 ALA A O   1 
ATOM   1155 C CB  . ALA A 1 156 ? -2.951  6.076   -8.623  1.00 44.80  ? 329 ALA A CB  1 
ATOM   1156 N N   . GLU A 1 157 ? -3.720  4.975   -11.473 1.00 49.57  ? 330 GLU A N   1 
ATOM   1157 C CA  . GLU A 1 157 ? -4.606  4.795   -12.617 1.00 50.61  ? 330 GLU A CA  1 
ATOM   1158 C C   . GLU A 1 157 ? -4.913  3.327   -12.848 1.00 54.71  ? 330 GLU A C   1 
ATOM   1159 O O   . GLU A 1 157 ? -6.079  2.929   -12.862 1.00 58.21  ? 330 GLU A O   1 
ATOM   1160 C CB  . GLU A 1 157 ? -3.991  5.383   -13.884 1.00 58.79  ? 330 GLU A CB  1 
ATOM   1161 C CG  . GLU A 1 157 ? -4.143  6.890   -14.031 1.00 70.97  ? 330 GLU A CG  1 
ATOM   1162 C CD  . GLU A 1 157 ? -5.592  7.326   -14.247 1.00 88.89  ? 330 GLU A CD  1 
ATOM   1163 O OE1 . GLU A 1 157 ? -6.438  6.475   -14.610 1.00 89.27  ? 330 GLU A OE1 1 
ATOM   1164 O OE2 . GLU A 1 157 ? -5.885  8.529   -14.051 1.00 93.72  ? 330 GLU A OE2 1 
ATOM   1165 N N   . TRP A 1 158 ? -3.858  2.531   -13.025 1.00 53.51  ? 331 TRP A N   1 
ATOM   1166 C CA  . TRP A 1 158 ? -4.000  1.097   -13.243 1.00 51.24  ? 331 TRP A CA  1 
ATOM   1167 C C   . TRP A 1 158 ? -4.878  0.452   -12.181 1.00 57.80  ? 331 TRP A C   1 
ATOM   1168 O O   . TRP A 1 158 ? -5.664  -0.456  -12.466 1.00 66.68  ? 331 TRP A O   1 
ATOM   1169 C CB  . TRP A 1 158 ? -2.633  0.412   -13.253 1.00 53.75  ? 331 TRP A CB  1 
ATOM   1170 C CG  . TRP A 1 158 ? -2.753  -1.080  -13.324 1.00 61.79  ? 331 TRP A CG  1 
ATOM   1171 C CD1 . TRP A 1 158 ? -2.817  -1.840  -14.451 1.00 61.21  ? 331 TRP A CD1 1 
ATOM   1172 C CD2 . TRP A 1 158 ? -2.854  -1.994  -12.218 1.00 62.20  ? 331 TRP A CD2 1 
ATOM   1173 N NE1 . TRP A 1 158 ? -2.946  -3.168  -14.122 1.00 63.31  ? 331 TRP A NE1 1 
ATOM   1174 C CE2 . TRP A 1 158 ? -2.977  -3.292  -12.759 1.00 61.45  ? 331 TRP A CE2 1 
ATOM   1175 C CE3 . TRP A 1 158 ? -2.849  -1.841  -10.826 1.00 55.75  ? 331 TRP A CE3 1 
ATOM   1176 C CZ2 . TRP A 1 158 ? -3.098  -4.432  -11.960 1.00 60.96  ? 331 TRP A CZ2 1 
ATOM   1177 C CZ3 . TRP A 1 158 ? -2.976  -2.971  -10.030 1.00 60.94  ? 331 TRP A CZ3 1 
ATOM   1178 C CH2 . TRP A 1 158 ? -3.099  -4.255  -10.604 1.00 63.32  ? 331 TRP A CH2 1 
ATOM   1179 N N   . LEU A 1 159 ? -4.755  0.932   -10.952 1.00 55.24  ? 332 LEU A N   1 
ATOM   1180 C CA  . LEU A 1 159 ? -5.391  0.274   -9.818  1.00 55.35  ? 332 LEU A CA  1 
ATOM   1181 C C   . LEU A 1 159 ? -6.897  0.494   -9.778  1.00 56.56  ? 332 LEU A C   1 
ATOM   1182 O O   . LEU A 1 159 ? -7.656  -0.426  -9.457  1.00 59.24  ? 332 LEU A O   1 
ATOM   1183 C CB  . LEU A 1 159 ? -4.735  0.744   -8.523  1.00 54.86  ? 332 LEU A CB  1 
ATOM   1184 C CG  . LEU A 1 159 ? -5.061  0.024   -7.221  1.00 55.88  ? 332 LEU A CG  1 
ATOM   1185 C CD1 . LEU A 1 159 ? -4.859  -1.477  -7.354  1.00 56.24  ? 332 LEU A CD1 1 
ATOM   1186 C CD2 . LEU A 1 159 ? -4.184  0.594   -6.126  1.00 53.09  ? 332 LEU A CD2 1 
ATOM   1187 N N   . LYS A 1 160 ? -7.324  1.712   -10.110 1.00 58.48  ? 333 LYS A N   1 
ATOM   1188 C CA  . LYS A 1 160 ? -8.745  2.054   -10.150 1.00 58.31  ? 333 LYS A CA  1 
ATOM   1189 C C   . LYS A 1 160 ? -9.507  1.259   -11.233 1.00 62.96  ? 333 LYS A C   1 
ATOM   1190 O O   . LYS A 1 160 ? -10.666 0.870   -11.039 1.00 58.88  ? 333 LYS A O   1 
ATOM   1191 C CB  . LYS A 1 160 ? -8.925  3.559   -10.364 1.00 64.17  ? 333 LYS A CB  1 
ATOM   1192 C CG  . LYS A 1 160 ? -8.326  4.461   -9.274  1.00 63.97  ? 333 LYS A CG  1 
ATOM   1193 C CD  . LYS A 1 160 ? -8.928  5.869   -9.352  1.00 67.21  ? 333 LYS A CD  1 
ATOM   1194 C CE  . LYS A 1 160 ? -8.150  6.905   -8.539  1.00 69.37  ? 333 LYS A CE  1 
ATOM   1195 N NZ  . LYS A 1 160 ? -6.884  7.354   -9.212  1.00 62.54  ? 333 LYS A NZ  1 
ATOM   1196 N N   . GLY A 1 161 ? -8.854  1.015   -12.367 1.00 60.13  ? 334 GLY A N   1 
ATOM   1197 C CA  . GLY A 1 161 ? -9.426  0.182   -13.410 1.00 58.92  ? 334 GLY A CA  1 
ATOM   1198 C C   . GLY A 1 161 ? -9.305  -1.307  -13.130 1.00 63.76  ? 334 GLY A C   1 
ATOM   1199 O O   . GLY A 1 161 ? -9.917  -1.836  -12.194 1.00 67.38  ? 334 GLY A O   1 
HETATM 1200 O O   . HOH B 2 .   ? -1.216  15.237  -8.343  1.00 57.36  ? 401 HOH A O   1 
HETATM 1201 O O   . HOH B 2 .   ? 3.897   4.269   -0.743  1.00 37.10  ? 402 HOH A O   1 
HETATM 1202 O O   . HOH B 2 .   ? -1.103  16.638  -5.236  1.00 34.13  ? 403 HOH A O   1 
HETATM 1203 O O   . HOH B 2 .   ? 4.440   -6.222  6.286   1.00 32.65  ? 404 HOH A O   1 
HETATM 1204 O O   . HOH B 2 .   ? -4.264  -19.983 2.893   1.00 51.19  ? 405 HOH A O   1 
HETATM 1205 O O   . HOH B 2 .   ? 5.726   -4.553  8.968   1.00 44.73  ? 406 HOH A O   1 
HETATM 1206 O O   . HOH B 2 .   ? 7.648   7.595   -0.519  1.00 38.93  ? 407 HOH A O   1 
HETATM 1207 O O   . HOH B 2 .   ? -3.628  2.110   13.485  1.00 53.67  ? 408 HOH A O   1 
HETATM 1208 O O   . HOH B 2 .   ? 8.216   -1.602  1.985   1.00 49.32  ? 409 HOH A O   1 
HETATM 1209 O O   . HOH B 2 .   ? -7.065  12.208  6.768   1.00 44.37  ? 410 HOH A O   1 
HETATM 1210 O O   . HOH B 2 .   ? 2.173   -3.169  1.052   1.00 31.69  ? 411 HOH A O   1 
HETATM 1211 O O   . HOH B 2 .   ? 2.350   -10.806 6.814   1.00 45.33  ? 412 HOH A O   1 
HETATM 1212 O O   . HOH B 2 .   ? 4.892   -6.337  11.489  1.00 60.07  ? 413 HOH A O   1 
HETATM 1213 O O   . HOH B 2 .   ? -7.232  -19.359 2.933   1.00 67.95  ? 414 HOH A O   1 
HETATM 1214 O O   . HOH B 2 .   ? 3.315   -5.525  1.885   1.00 47.75  ? 415 HOH A O   1 
HETATM 1215 O O   . HOH B 2 .   ? 7.715   0.566   4.158   1.00 47.34  ? 416 HOH A O   1 
HETATM 1216 O O   . HOH B 2 .   ? -0.157  -6.385  18.464  1.00 57.35  ? 417 HOH A O   1 
HETATM 1217 O O   . HOH B 2 .   ? -3.661  17.739  -7.058  1.00 46.72  ? 418 HOH A O   1 
HETATM 1218 O O   . HOH B 2 .   ? 7.142   5.008   2.106   1.00 44.70  ? 419 HOH A O   1 
HETATM 1219 O O   . HOH B 2 .   ? -6.079  -0.650  -15.462 1.00 61.78  ? 420 HOH A O   1 
HETATM 1220 O O   . HOH B 2 .   ? 14.935  5.843   -1.567  1.00 55.25  ? 421 HOH A O   1 
HETATM 1221 O O   . HOH B 2 .   ? 0.090   -3.673  16.889  1.00 63.20  ? 422 HOH A O   1 
HETATM 1222 O O   . HOH B 2 .   ? 10.947  16.738  -2.994  1.00 41.61  ? 423 HOH A O   1 
HETATM 1223 O O   . HOH B 2 .   ? -7.247  11.458  4.309   1.00 50.22  ? 424 HOH A O   1 
HETATM 1224 O O   . HOH B 2 .   ? -0.834  -15.472 11.317  1.00 58.44  ? 425 HOH A O   1 
HETATM 1225 O O   . HOH B 2 .   ? 8.709   -7.495  -6.900  1.00 51.64  ? 426 HOH A O   1 
HETATM 1226 O O   . HOH B 2 .   ? -6.306  16.174  2.544   1.00 44.60  ? 427 HOH A O   1 
HETATM 1227 O O   . HOH B 2 .   ? -9.181  21.347  -9.659  1.00 44.08  ? 428 HOH A O   1 
HETATM 1228 O O   . HOH B 2 .   ? -6.152  5.739   16.927  1.00 73.21  ? 429 HOH A O   1 
HETATM 1229 O O   . HOH B 2 .   ? 7.418   3.525   4.243   1.00 58.55  ? 430 HOH A O   1 
HETATM 1230 O O   . HOH B 2 .   ? -2.849  14.357  -6.801  1.00 37.10  ? 431 HOH A O   1 
HETATM 1231 O O   . HOH B 2 .   ? -10.029 4.664   16.132  1.00 79.29  ? 432 HOH A O   1 
HETATM 1232 O O   . HOH B 2 .   ? -4.461  -19.031 0.839   1.00 61.02  ? 433 HOH A O   1 
HETATM 1233 O O   . HOH B 2 .   ? 0.601   16.507  6.693   1.00 45.69  ? 434 HOH A O   1 
HETATM 1234 O O   . HOH B 2 .   ? 14.629  18.147  -10.820 1.00 64.00  ? 435 HOH A O   1 
HETATM 1235 O O   . HOH B 2 .   ? -5.403  -16.216 -2.364  1.00 71.00  ? 436 HOH A O   1 
HETATM 1236 O O   . HOH B 2 .   ? 0.774   -15.747 1.372   1.00 53.65  ? 437 HOH A O   1 
HETATM 1237 O O   . HOH B 2 .   ? -10.787 -0.218  17.035  1.00 72.52  ? 438 HOH A O   1 
HETATM 1238 O O   . HOH B 2 .   ? 1.436   10.092  -14.417 1.00 39.68  ? 439 HOH A O   1 
HETATM 1239 O O   . HOH B 2 .   ? -1.176  -10.598 -11.703 1.00 58.50  ? 440 HOH A O   1 
HETATM 1240 O O   . HOH B 2 .   ? 3.516   0.177   13.641  1.00 52.26  ? 441 HOH A O   1 
HETATM 1241 O O   . HOH B 2 .   ? 10.829  -3.828  -8.003  1.00 49.18  ? 442 HOH A O   1 
HETATM 1242 O O   . HOH B 2 .   ? 2.889   17.027  7.739   0.50 45.91  ? 443 HOH A O   1 
HETATM 1243 O O   . HOH B 2 .   ? -3.242  17.374  5.952   1.00 46.48  ? 444 HOH A O   1 
HETATM 1244 O O   . HOH B 2 .   ? -1.506  3.372   -15.697 1.00 50.81  ? 445 HOH A O   1 
HETATM 1245 O O   . HOH B 2 .   ? 4.176   -6.506  16.521  1.00 63.05  ? 446 HOH A O   1 
HETATM 1246 O O   . HOH B 2 .   ? -7.099  -21.233 5.553   1.00 73.54  ? 447 HOH A O   1 
HETATM 1247 O O   . HOH B 2 .   ? 3.784   -16.257 5.221   1.00 69.04  ? 448 HOH A O   1 
HETATM 1248 O O   . HOH B 2 .   ? -0.225  -17.863 12.254  1.00 53.26  ? 449 HOH A O   1 
HETATM 1249 O O   . HOH B 2 .   ? -6.960  -17.126 -5.503  1.00 67.11  ? 450 HOH A O   1 
HETATM 1250 O O   . HOH B 2 .   ? 0.120   -3.477  -13.455 1.00 70.34  ? 451 HOH A O   1 
HETATM 1251 O O   . HOH B 2 .   ? 10.915  22.442  -9.179  1.00 58.63  ? 452 HOH A O   1 
HETATM 1252 O O   . HOH B 2 .   ? -7.916  -3.622  -11.612 1.00 66.17  ? 453 HOH A O   1 
HETATM 1253 O O   . HOH B 2 .   ? 1.538   -10.381 -10.404 1.00 54.82  ? 454 HOH A O   1 
HETATM 1254 O O   . HOH B 2 .   ? -12.533 0.892   2.355   1.00 58.93  ? 455 HOH A O   1 
HETATM 1255 O O   . HOH B 2 .   ? -6.345  -1.507  19.303  1.00 65.68  ? 456 HOH A O   1 
HETATM 1256 O O   . HOH B 2 .   ? -15.505 -8.278  -1.193  1.00 71.80  ? 457 HOH A O   1 
HETATM 1257 O O   . HOH B 2 .   ? 1.059   -15.977 -6.449  1.00 65.20  ? 458 HOH A O   1 
HETATM 1258 O O   . HOH B 2 .   ? -14.593 -14.260 -0.112  1.00 64.16  ? 459 HOH A O   1 
HETATM 1259 O O   . HOH B 2 .   ? 13.350  15.501  7.242   1.00 68.87  ? 460 HOH A O   1 
HETATM 1260 O O   . HOH B 2 .   ? -3.953  9.111   -11.193 1.00 58.39  ? 461 HOH A O   1 
HETATM 1261 O O   . HOH B 2 .   ? -3.366  -20.218 5.660   1.00 59.73  ? 462 HOH A O   1 
HETATM 1262 O O   . HOH B 2 .   ? 3.132   -8.207  -10.834 1.00 59.64  ? 463 HOH A O   1 
HETATM 1263 O O   . HOH B 2 .   ? 16.335  3.324   -10.969 1.00 54.46  ? 464 HOH A O   1 
HETATM 1264 O O   . HOH B 2 .   ? 15.524  5.491   -4.145  1.00 48.83  ? 465 HOH A O   1 
HETATM 1265 O O   . HOH B 2 .   ? -3.586  -15.598 5.209   1.00 65.69  ? 466 HOH A O   1 
HETATM 1266 O O   . HOH B 2 .   ? 9.754   -6.372  -4.879  1.00 46.83  ? 467 HOH A O   1 
# 
